data_6TG6
# 
_entry.id   6TG6 
# 
_audit_conform.dict_name       mmcif_pdbx.dic 
_audit_conform.dict_version    5.391 
_audit_conform.dict_location   http://mmcif.pdb.org/dictionaries/ascii/mmcif_pdbx.dic 
# 
loop_
_database_2.database_id 
_database_2.database_code 
_database_2.pdbx_database_accession 
_database_2.pdbx_DOI 
PDB   6TG6         pdb_00006tg6 10.2210/pdb6tg6/pdb 
WWPDB D_1292105404 ?            ?                   
# 
loop_
_pdbx_audit_revision_history.ordinal 
_pdbx_audit_revision_history.data_content_type 
_pdbx_audit_revision_history.major_revision 
_pdbx_audit_revision_history.minor_revision 
_pdbx_audit_revision_history.revision_date 
1 'Structure model' 1 0 2020-09-23 
2 'Structure model' 1 1 2020-10-14 
3 'Structure model' 1 2 2020-10-28 
4 'Structure model' 1 3 2024-05-01 
# 
_pdbx_audit_revision_details.ordinal             1 
_pdbx_audit_revision_details.revision_ordinal    1 
_pdbx_audit_revision_details.data_content_type   'Structure model' 
_pdbx_audit_revision_details.provider            repository 
_pdbx_audit_revision_details.type                'Initial release' 
_pdbx_audit_revision_details.description         ? 
_pdbx_audit_revision_details.details             ? 
# 
loop_
_pdbx_audit_revision_group.ordinal 
_pdbx_audit_revision_group.revision_ordinal 
_pdbx_audit_revision_group.data_content_type 
_pdbx_audit_revision_group.group 
1 2 'Structure model' 'Database references'    
2 3 'Structure model' 'Database references'    
3 4 'Structure model' 'Data collection'        
4 4 'Structure model' 'Database references'    
5 4 'Structure model' 'Refinement description' 
# 
loop_
_pdbx_audit_revision_category.ordinal 
_pdbx_audit_revision_category.revision_ordinal 
_pdbx_audit_revision_category.data_content_type 
_pdbx_audit_revision_category.category 
1 2 'Structure model' citation                      
2 2 'Structure model' citation_author               
3 3 'Structure model' citation                      
4 4 'Structure model' chem_comp_atom                
5 4 'Structure model' chem_comp_bond                
6 4 'Structure model' database_2                    
7 4 'Structure model' pdbx_initial_refinement_model 
# 
loop_
_pdbx_audit_revision_item.ordinal 
_pdbx_audit_revision_item.revision_ordinal 
_pdbx_audit_revision_item.data_content_type 
_pdbx_audit_revision_item.item 
1  2 'Structure model' '_citation.country'                   
2  2 'Structure model' '_citation.journal_abbrev'            
3  2 'Structure model' '_citation.journal_id_ASTM'           
4  2 'Structure model' '_citation.journal_id_CSD'            
5  2 'Structure model' '_citation.journal_id_ISSN'           
6  2 'Structure model' '_citation.pdbx_database_id_DOI'      
7  2 'Structure model' '_citation.pdbx_database_id_PubMed'   
8  2 'Structure model' '_citation.title'                     
9  2 'Structure model' '_citation.year'                      
10 3 'Structure model' '_citation.journal_volume'            
11 3 'Structure model' '_citation.page_first'                
12 4 'Structure model' '_database_2.pdbx_DOI'                
13 4 'Structure model' '_database_2.pdbx_database_accession' 
# 
_pdbx_database_status.status_code                     REL 
_pdbx_database_status.status_code_sf                  REL 
_pdbx_database_status.status_code_mr                  ? 
_pdbx_database_status.entry_id                        6TG6 
_pdbx_database_status.recvd_initial_deposition_date   2019-11-15 
_pdbx_database_status.SG_entry                        N 
_pdbx_database_status.deposit_site                    PDBE 
_pdbx_database_status.process_site                    PDBE 
_pdbx_database_status.status_code_cs                  ? 
_pdbx_database_status.methods_development_category    ? 
_pdbx_database_status.pdb_format_compatible           Y 
_pdbx_database_status.status_code_nmr_data            ? 
# 
loop_
_audit_author.name 
_audit_author.pdbx_ordinal 
_audit_author.identifier_ORCID 
'Oerum, S.'  1 0000-0001-9525-7295 
'Catala, M.' 2 ?                   
'Tisne, C.'  3 ?                   
# 
_citation.abstract                  ? 
_citation.abstract_id_CAS           ? 
_citation.book_id_ISBN              ? 
_citation.book_publisher            ? 
_citation.book_publisher_city       ? 
_citation.book_title                ? 
_citation.coordinate_linkage        ? 
_citation.country                   US 
_citation.database_id_Medline       ? 
_citation.details                   ? 
_citation.id                        primary 
_citation.journal_abbrev            Mol.Cell 
_citation.journal_id_ASTM           MOCEFL 
_citation.journal_id_CSD            2168 
_citation.journal_id_ISSN           1097-2765 
_citation.journal_full              ? 
_citation.journal_issue             ? 
_citation.journal_volume            80 
_citation.language                  ? 
_citation.page_first                227 
_citation.page_last                 ? 
_citation.title                     'Structures of B. subtilis Maturation RNases Captured on 50S Ribosome with Pre-rRNAs.' 
_citation.year                      2020 
_citation.database_id_CSD           ? 
_citation.pdbx_database_id_DOI      10.1016/j.molcel.2020.09.008 
_citation.pdbx_database_id_PubMed   32991829 
_citation.unpublished_flag          ? 
# 
loop_
_citation_author.citation_id 
_citation_author.name 
_citation_author.ordinal 
_citation_author.identifier_ORCID 
primary 'Oerum, S.'      1  ? 
primary 'Dendooven, T.'  2  ? 
primary 'Catala, M.'     3  ? 
primary 'Gilet, L.'      4  ? 
primary 'Degut, C.'      5  ? 
primary 'Trinquier, A.'  6  ? 
primary 'Bourguet, M.'   7  ? 
primary 'Barraud, P.'    8  ? 
primary 'Cianferani, S.' 9  ? 
primary 'Luisi, B.F.'    10 ? 
primary 'Condon, C.'     11 ? 
primary 'Tisne, C.'      12 ? 
# 
loop_
_entity.id 
_entity.type 
_entity.src_method 
_entity.pdbx_description 
_entity.formula_weight 
_entity.pdbx_number_of_molecules 
_entity.pdbx_ec 
_entity.pdbx_mutation 
_entity.pdbx_fragment 
_entity.details 
1 polymer man 'Ribonuclease M5' 12528.242 1  3.1.26.8 ? ? ? 
2 water   nat water             18.015    98 ?        ? ? ? 
# 
_entity_name_com.entity_id   1 
_entity_name_com.name        'RNase M5,Ribosomal RNA terminal maturase M5' 
# 
_entity_poly.entity_id                      1 
_entity_poly.type                           'polypeptide(L)' 
_entity_poly.nstd_linkage                   no 
_entity_poly.nstd_monomer                   no 
_entity_poly.pdbx_seq_one_letter_code       
;GGSMKIKEVIVVEGKDDTAAIRRAVDADTIETNGAAVGAEVIERIKLAKERRGVIIFTDPDFPGEKIRRTIAEQVPGCKH
AFLPREAAKARSGKGIGVEHASPDDIRQALANVYEE
;
_entity_poly.pdbx_seq_one_letter_code_can   
;GGSMKIKEVIVVEGKDDTAAIRRAVDADTIETNGAAVGAEVIERIKLAKERRGVIIFTDPDFPGEKIRRTIAEQVPGCKH
AFLPREAAKARSGKGIGVEHASPDDIRQALANVYEE
;
_entity_poly.pdbx_strand_id                 A 
_entity_poly.pdbx_target_identifier         ? 
# 
_pdbx_entity_nonpoly.entity_id   2 
_pdbx_entity_nonpoly.name        water 
_pdbx_entity_nonpoly.comp_id     HOH 
# 
loop_
_entity_poly_seq.entity_id 
_entity_poly_seq.num 
_entity_poly_seq.mon_id 
_entity_poly_seq.hetero 
1 1   GLY n 
1 2   GLY n 
1 3   SER n 
1 4   MET n 
1 5   LYS n 
1 6   ILE n 
1 7   LYS n 
1 8   GLU n 
1 9   VAL n 
1 10  ILE n 
1 11  VAL n 
1 12  VAL n 
1 13  GLU n 
1 14  GLY n 
1 15  LYS n 
1 16  ASP n 
1 17  ASP n 
1 18  THR n 
1 19  ALA n 
1 20  ALA n 
1 21  ILE n 
1 22  ARG n 
1 23  ARG n 
1 24  ALA n 
1 25  VAL n 
1 26  ASP n 
1 27  ALA n 
1 28  ASP n 
1 29  THR n 
1 30  ILE n 
1 31  GLU n 
1 32  THR n 
1 33  ASN n 
1 34  GLY n 
1 35  ALA n 
1 36  ALA n 
1 37  VAL n 
1 38  GLY n 
1 39  ALA n 
1 40  GLU n 
1 41  VAL n 
1 42  ILE n 
1 43  GLU n 
1 44  ARG n 
1 45  ILE n 
1 46  LYS n 
1 47  LEU n 
1 48  ALA n 
1 49  LYS n 
1 50  GLU n 
1 51  ARG n 
1 52  ARG n 
1 53  GLY n 
1 54  VAL n 
1 55  ILE n 
1 56  ILE n 
1 57  PHE n 
1 58  THR n 
1 59  ASP n 
1 60  PRO n 
1 61  ASP n 
1 62  PHE n 
1 63  PRO n 
1 64  GLY n 
1 65  GLU n 
1 66  LYS n 
1 67  ILE n 
1 68  ARG n 
1 69  ARG n 
1 70  THR n 
1 71  ILE n 
1 72  ALA n 
1 73  GLU n 
1 74  GLN n 
1 75  VAL n 
1 76  PRO n 
1 77  GLY n 
1 78  CYS n 
1 79  LYS n 
1 80  HIS n 
1 81  ALA n 
1 82  PHE n 
1 83  LEU n 
1 84  PRO n 
1 85  ARG n 
1 86  GLU n 
1 87  ALA n 
1 88  ALA n 
1 89  LYS n 
1 90  ALA n 
1 91  ARG n 
1 92  SER n 
1 93  GLY n 
1 94  LYS n 
1 95  GLY n 
1 96  ILE n 
1 97  GLY n 
1 98  VAL n 
1 99  GLU n 
1 100 HIS n 
1 101 ALA n 
1 102 SER n 
1 103 PRO n 
1 104 ASP n 
1 105 ASP n 
1 106 ILE n 
1 107 ARG n 
1 108 GLN n 
1 109 ALA n 
1 110 LEU n 
1 111 ALA n 
1 112 ASN n 
1 113 VAL n 
1 114 TYR n 
1 115 GLU n 
1 116 GLU n 
# 
_entity_src_gen.entity_id                          1 
_entity_src_gen.pdbx_src_id                        1 
_entity_src_gen.pdbx_alt_source_flag               sample 
_entity_src_gen.pdbx_seq_type                      'Biological sequence' 
_entity_src_gen.pdbx_beg_seq_num                   1 
_entity_src_gen.pdbx_end_seq_num                   116 
_entity_src_gen.gene_src_common_name               ? 
_entity_src_gen.gene_src_genus                     ? 
_entity_src_gen.pdbx_gene_src_gene                 'rnmV_1, rnmV, AVP43_02013' 
_entity_src_gen.gene_src_species                   ? 
_entity_src_gen.gene_src_strain                    ? 
_entity_src_gen.gene_src_tissue                    ? 
_entity_src_gen.gene_src_tissue_fraction           ? 
_entity_src_gen.gene_src_details                   ? 
_entity_src_gen.pdbx_gene_src_fragment             ? 
_entity_src_gen.pdbx_gene_src_scientific_name      'Geobacillus stearothermophilus' 
_entity_src_gen.pdbx_gene_src_ncbi_taxonomy_id     1422 
_entity_src_gen.pdbx_gene_src_variant              ? 
_entity_src_gen.pdbx_gene_src_cell_line            ? 
_entity_src_gen.pdbx_gene_src_atcc                 ? 
_entity_src_gen.pdbx_gene_src_organ                ? 
_entity_src_gen.pdbx_gene_src_organelle            ? 
_entity_src_gen.pdbx_gene_src_cell                 ? 
_entity_src_gen.pdbx_gene_src_cellular_location    ? 
_entity_src_gen.host_org_common_name               ? 
_entity_src_gen.pdbx_host_org_scientific_name      'Escherichia coli' 
_entity_src_gen.pdbx_host_org_ncbi_taxonomy_id     562 
_entity_src_gen.host_org_genus                     ? 
_entity_src_gen.pdbx_host_org_gene                 ? 
_entity_src_gen.pdbx_host_org_organ                ? 
_entity_src_gen.host_org_species                   ? 
_entity_src_gen.pdbx_host_org_tissue               ? 
_entity_src_gen.pdbx_host_org_tissue_fraction      ? 
_entity_src_gen.pdbx_host_org_strain               ? 
_entity_src_gen.pdbx_host_org_variant              ? 
_entity_src_gen.pdbx_host_org_cell_line            ? 
_entity_src_gen.pdbx_host_org_atcc                 ? 
_entity_src_gen.pdbx_host_org_culture_collection   ? 
_entity_src_gen.pdbx_host_org_cell                 ? 
_entity_src_gen.pdbx_host_org_organelle            ? 
_entity_src_gen.pdbx_host_org_cellular_location    ? 
_entity_src_gen.pdbx_host_org_vector_type          ? 
_entity_src_gen.pdbx_host_org_vector               ? 
_entity_src_gen.host_org_details                   ? 
_entity_src_gen.expression_system_id               ? 
_entity_src_gen.plasmid_name                       ? 
_entity_src_gen.plasmid_details                    ? 
_entity_src_gen.pdbx_description                   ? 
# 
loop_
_chem_comp.id 
_chem_comp.type 
_chem_comp.mon_nstd_flag 
_chem_comp.name 
_chem_comp.pdbx_synonyms 
_chem_comp.formula 
_chem_comp.formula_weight 
ALA 'L-peptide linking' y ALANINE         ? 'C3 H7 N O2'     89.093  
ARG 'L-peptide linking' y ARGININE        ? 'C6 H15 N4 O2 1' 175.209 
ASN 'L-peptide linking' y ASPARAGINE      ? 'C4 H8 N2 O3'    132.118 
ASP 'L-peptide linking' y 'ASPARTIC ACID' ? 'C4 H7 N O4'     133.103 
CYS 'L-peptide linking' y CYSTEINE        ? 'C3 H7 N O2 S'   121.158 
GLN 'L-peptide linking' y GLUTAMINE       ? 'C5 H10 N2 O3'   146.144 
GLU 'L-peptide linking' y 'GLUTAMIC ACID' ? 'C5 H9 N O4'     147.129 
GLY 'peptide linking'   y GLYCINE         ? 'C2 H5 N O2'     75.067  
HIS 'L-peptide linking' y HISTIDINE       ? 'C6 H10 N3 O2 1' 156.162 
HOH non-polymer         . WATER           ? 'H2 O'           18.015  
ILE 'L-peptide linking' y ISOLEUCINE      ? 'C6 H13 N O2'    131.173 
LEU 'L-peptide linking' y LEUCINE         ? 'C6 H13 N O2'    131.173 
LYS 'L-peptide linking' y LYSINE          ? 'C6 H15 N2 O2 1' 147.195 
MET 'L-peptide linking' y METHIONINE      ? 'C5 H11 N O2 S'  149.211 
PHE 'L-peptide linking' y PHENYLALANINE   ? 'C9 H11 N O2'    165.189 
PRO 'L-peptide linking' y PROLINE         ? 'C5 H9 N O2'     115.130 
SER 'L-peptide linking' y SERINE          ? 'C3 H7 N O3'     105.093 
THR 'L-peptide linking' y THREONINE       ? 'C4 H9 N O3'     119.119 
TYR 'L-peptide linking' y TYROSINE        ? 'C9 H11 N O3'    181.189 
VAL 'L-peptide linking' y VALINE          ? 'C5 H11 N O2'    117.146 
# 
loop_
_pdbx_poly_seq_scheme.asym_id 
_pdbx_poly_seq_scheme.entity_id 
_pdbx_poly_seq_scheme.seq_id 
_pdbx_poly_seq_scheme.mon_id 
_pdbx_poly_seq_scheme.ndb_seq_num 
_pdbx_poly_seq_scheme.pdb_seq_num 
_pdbx_poly_seq_scheme.auth_seq_num 
_pdbx_poly_seq_scheme.pdb_mon_id 
_pdbx_poly_seq_scheme.auth_mon_id 
_pdbx_poly_seq_scheme.pdb_strand_id 
_pdbx_poly_seq_scheme.pdb_ins_code 
_pdbx_poly_seq_scheme.hetero 
A 1 1   GLY 1   -2  -2  GLY GLY A . n 
A 1 2   GLY 2   -1  -1  GLY GLY A . n 
A 1 3   SER 3   0   0   SER SER A . n 
A 1 4   MET 4   1   1   MET MET A . n 
A 1 5   LYS 5   2   2   LYS LYS A . n 
A 1 6   ILE 6   3   3   ILE ILE A . n 
A 1 7   LYS 7   4   4   LYS LYS A . n 
A 1 8   GLU 8   5   5   GLU GLU A . n 
A 1 9   VAL 9   6   6   VAL VAL A . n 
A 1 10  ILE 10  7   7   ILE ILE A . n 
A 1 11  VAL 11  8   8   VAL VAL A . n 
A 1 12  VAL 12  9   9   VAL VAL A . n 
A 1 13  GLU 13  10  10  GLU GLU A . n 
A 1 14  GLY 14  11  11  GLY GLY A . n 
A 1 15  LYS 15  12  12  LYS LYS A . n 
A 1 16  ASP 16  13  13  ASP ASP A . n 
A 1 17  ASP 17  14  14  ASP ASP A . n 
A 1 18  THR 18  15  15  THR THR A . n 
A 1 19  ALA 19  16  16  ALA ALA A . n 
A 1 20  ALA 20  17  17  ALA ALA A . n 
A 1 21  ILE 21  18  18  ILE ILE A . n 
A 1 22  ARG 22  19  19  ARG ARG A . n 
A 1 23  ARG 23  20  20  ARG ARG A . n 
A 1 24  ALA 24  21  21  ALA ALA A . n 
A 1 25  VAL 25  22  22  VAL VAL A . n 
A 1 26  ASP 26  23  23  ASP ASP A . n 
A 1 27  ALA 27  24  24  ALA ALA A . n 
A 1 28  ASP 28  25  25  ASP ASP A . n 
A 1 29  THR 29  26  26  THR THR A . n 
A 1 30  ILE 30  27  27  ILE ILE A . n 
A 1 31  GLU 31  28  28  GLU GLU A . n 
A 1 32  THR 32  29  29  THR THR A . n 
A 1 33  ASN 33  30  30  ASN ASN A . n 
A 1 34  GLY 34  31  31  GLY GLY A . n 
A 1 35  ALA 35  32  32  ALA ALA A . n 
A 1 36  ALA 36  33  33  ALA ALA A . n 
A 1 37  VAL 37  34  34  VAL VAL A . n 
A 1 38  GLY 38  35  35  GLY GLY A . n 
A 1 39  ALA 39  36  36  ALA ALA A . n 
A 1 40  GLU 40  37  37  GLU GLU A . n 
A 1 41  VAL 41  38  38  VAL VAL A . n 
A 1 42  ILE 42  39  39  ILE ILE A . n 
A 1 43  GLU 43  40  40  GLU GLU A . n 
A 1 44  ARG 44  41  41  ARG ARG A . n 
A 1 45  ILE 45  42  42  ILE ILE A . n 
A 1 46  LYS 46  43  43  LYS LYS A . n 
A 1 47  LEU 47  44  44  LEU LEU A . n 
A 1 48  ALA 48  45  45  ALA ALA A . n 
A 1 49  LYS 49  46  46  LYS LYS A . n 
A 1 50  GLU 50  47  47  GLU GLU A . n 
A 1 51  ARG 51  48  48  ARG ARG A . n 
A 1 52  ARG 52  49  49  ARG ARG A . n 
A 1 53  GLY 53  50  50  GLY GLY A . n 
A 1 54  VAL 54  51  51  VAL VAL A . n 
A 1 55  ILE 55  52  52  ILE ILE A . n 
A 1 56  ILE 56  53  53  ILE ILE A . n 
A 1 57  PHE 57  54  54  PHE PHE A . n 
A 1 58  THR 58  55  55  THR THR A . n 
A 1 59  ASP 59  56  56  ASP ASP A . n 
A 1 60  PRO 60  57  57  PRO PRO A . n 
A 1 61  ASP 61  58  58  ASP ASP A . n 
A 1 62  PHE 62  59  59  PHE PHE A . n 
A 1 63  PRO 63  60  60  PRO PRO A . n 
A 1 64  GLY 64  61  61  GLY GLY A . n 
A 1 65  GLU 65  62  62  GLU GLU A . n 
A 1 66  LYS 66  63  63  LYS LYS A . n 
A 1 67  ILE 67  64  64  ILE ILE A . n 
A 1 68  ARG 68  65  65  ARG ARG A . n 
A 1 69  ARG 69  66  66  ARG ARG A . n 
A 1 70  THR 70  67  67  THR THR A . n 
A 1 71  ILE 71  68  68  ILE ILE A . n 
A 1 72  ALA 72  69  69  ALA ALA A . n 
A 1 73  GLU 73  70  70  GLU GLU A . n 
A 1 74  GLN 74  71  71  GLN GLN A . n 
A 1 75  VAL 75  72  72  VAL VAL A . n 
A 1 76  PRO 76  73  73  PRO PRO A . n 
A 1 77  GLY 77  74  74  GLY GLY A . n 
A 1 78  CYS 78  75  75  CYS CYS A . n 
A 1 79  LYS 79  76  76  LYS LYS A . n 
A 1 80  HIS 80  77  77  HIS HIS A . n 
A 1 81  ALA 81  78  78  ALA ALA A . n 
A 1 82  PHE 82  79  79  PHE PHE A . n 
A 1 83  LEU 83  80  80  LEU LEU A . n 
A 1 84  PRO 84  81  81  PRO PRO A . n 
A 1 85  ARG 85  82  82  ARG ARG A . n 
A 1 86  GLU 86  83  83  GLU GLU A . n 
A 1 87  ALA 87  84  84  ALA ALA A . n 
A 1 88  ALA 88  85  85  ALA ALA A . n 
A 1 89  LYS 89  86  86  LYS LYS A . n 
A 1 90  ALA 90  87  87  ALA ALA A . n 
A 1 91  ARG 91  88  88  ARG ARG A . n 
A 1 92  SER 92  89  89  SER SER A . n 
A 1 93  GLY 93  90  90  GLY GLY A . n 
A 1 94  LYS 94  91  91  LYS LYS A . n 
A 1 95  GLY 95  92  92  GLY GLY A . n 
A 1 96  ILE 96  93  93  ILE ILE A . n 
A 1 97  GLY 97  94  94  GLY GLY A . n 
A 1 98  VAL 98  95  95  VAL VAL A . n 
A 1 99  GLU 99  96  96  GLU GLU A . n 
A 1 100 HIS 100 97  97  HIS HIS A . n 
A 1 101 ALA 101 98  98  ALA ALA A . n 
A 1 102 SER 102 99  99  SER SER A . n 
A 1 103 PRO 103 100 100 PRO PRO A . n 
A 1 104 ASP 104 101 101 ASP ASP A . n 
A 1 105 ASP 105 102 102 ASP ASP A . n 
A 1 106 ILE 106 103 103 ILE ILE A . n 
A 1 107 ARG 107 104 104 ARG ARG A . n 
A 1 108 GLN 108 105 105 GLN GLN A . n 
A 1 109 ALA 109 106 106 ALA ALA A . n 
A 1 110 LEU 110 107 107 LEU LEU A . n 
A 1 111 ALA 111 108 108 ALA ALA A . n 
A 1 112 ASN 112 109 109 ASN ASN A . n 
A 1 113 VAL 113 110 110 VAL VAL A . n 
A 1 114 TYR 114 111 111 TYR TYR A . n 
A 1 115 GLU 115 112 112 GLU GLU A . n 
A 1 116 GLU 116 113 113 GLU GLU A . n 
# 
loop_
_pdbx_nonpoly_scheme.asym_id 
_pdbx_nonpoly_scheme.entity_id 
_pdbx_nonpoly_scheme.mon_id 
_pdbx_nonpoly_scheme.ndb_seq_num 
_pdbx_nonpoly_scheme.pdb_seq_num 
_pdbx_nonpoly_scheme.auth_seq_num 
_pdbx_nonpoly_scheme.pdb_mon_id 
_pdbx_nonpoly_scheme.auth_mon_id 
_pdbx_nonpoly_scheme.pdb_strand_id 
_pdbx_nonpoly_scheme.pdb_ins_code 
B 2 HOH 1  201 120 HOH HOH A . 
B 2 HOH 2  202 91  HOH HOH A . 
B 2 HOH 3  203 125 HOH HOH A . 
B 2 HOH 4  204 141 HOH HOH A . 
B 2 HOH 5  205 122 HOH HOH A . 
B 2 HOH 6  206 50  HOH HOH A . 
B 2 HOH 7  207 133 HOH HOH A . 
B 2 HOH 8  208 46  HOH HOH A . 
B 2 HOH 9  209 61  HOH HOH A . 
B 2 HOH 10 210 79  HOH HOH A . 
B 2 HOH 11 211 113 HOH HOH A . 
B 2 HOH 12 212 57  HOH HOH A . 
B 2 HOH 13 213 117 HOH HOH A . 
B 2 HOH 14 214 24  HOH HOH A . 
B 2 HOH 15 215 145 HOH HOH A . 
B 2 HOH 16 216 84  HOH HOH A . 
B 2 HOH 17 217 92  HOH HOH A . 
B 2 HOH 18 218 40  HOH HOH A . 
B 2 HOH 19 219 70  HOH HOH A . 
B 2 HOH 20 220 75  HOH HOH A . 
B 2 HOH 21 221 59  HOH HOH A . 
B 2 HOH 22 222 144 HOH HOH A . 
B 2 HOH 23 223 9   HOH HOH A . 
B 2 HOH 24 224 127 HOH HOH A . 
B 2 HOH 25 225 142 HOH HOH A . 
B 2 HOH 26 226 17  HOH HOH A . 
B 2 HOH 27 227 44  HOH HOH A . 
B 2 HOH 28 228 28  HOH HOH A . 
B 2 HOH 29 229 140 HOH HOH A . 
B 2 HOH 30 230 139 HOH HOH A . 
B 2 HOH 31 231 20  HOH HOH A . 
B 2 HOH 32 232 94  HOH HOH A . 
B 2 HOH 33 233 64  HOH HOH A . 
B 2 HOH 34 234 29  HOH HOH A . 
B 2 HOH 35 235 138 HOH HOH A . 
B 2 HOH 36 236 15  HOH HOH A . 
B 2 HOH 37 237 58  HOH HOH A . 
B 2 HOH 38 238 116 HOH HOH A . 
B 2 HOH 39 239 11  HOH HOH A . 
B 2 HOH 40 240 97  HOH HOH A . 
B 2 HOH 41 241 124 HOH HOH A . 
B 2 HOH 42 242 19  HOH HOH A . 
B 2 HOH 43 243 118 HOH HOH A . 
B 2 HOH 44 244 146 HOH HOH A . 
B 2 HOH 45 245 23  HOH HOH A . 
B 2 HOH 46 246 8   HOH HOH A . 
B 2 HOH 47 247 2   HOH HOH A . 
B 2 HOH 48 248 123 HOH HOH A . 
B 2 HOH 49 249 1   HOH HOH A . 
B 2 HOH 50 250 71  HOH HOH A . 
B 2 HOH 51 251 32  HOH HOH A . 
B 2 HOH 52 252 53  HOH HOH A . 
B 2 HOH 53 253 36  HOH HOH A . 
B 2 HOH 54 254 31  HOH HOH A . 
B 2 HOH 55 255 16  HOH HOH A . 
B 2 HOH 56 256 115 HOH HOH A . 
B 2 HOH 57 257 21  HOH HOH A . 
B 2 HOH 58 258 7   HOH HOH A . 
B 2 HOH 59 259 4   HOH HOH A . 
B 2 HOH 60 260 67  HOH HOH A . 
B 2 HOH 61 261 5   HOH HOH A . 
B 2 HOH 62 262 62  HOH HOH A . 
B 2 HOH 63 263 45  HOH HOH A . 
B 2 HOH 64 264 48  HOH HOH A . 
B 2 HOH 65 265 105 HOH HOH A . 
B 2 HOH 66 266 3   HOH HOH A . 
B 2 HOH 67 267 10  HOH HOH A . 
B 2 HOH 68 268 12  HOH HOH A . 
B 2 HOH 69 269 13  HOH HOH A . 
B 2 HOH 70 270 147 HOH HOH A . 
B 2 HOH 71 271 42  HOH HOH A . 
B 2 HOH 72 272 82  HOH HOH A . 
B 2 HOH 73 273 106 HOH HOH A . 
B 2 HOH 74 274 129 HOH HOH A . 
B 2 HOH 75 275 131 HOH HOH A . 
B 2 HOH 76 276 33  HOH HOH A . 
B 2 HOH 77 277 102 HOH HOH A . 
B 2 HOH 78 278 114 HOH HOH A . 
B 2 HOH 79 279 96  HOH HOH A . 
B 2 HOH 80 280 90  HOH HOH A . 
B 2 HOH 81 281 143 HOH HOH A . 
B 2 HOH 82 282 104 HOH HOH A . 
B 2 HOH 83 283 25  HOH HOH A . 
B 2 HOH 84 284 126 HOH HOH A . 
B 2 HOH 85 285 136 HOH HOH A . 
B 2 HOH 86 286 18  HOH HOH A . 
B 2 HOH 87 287 60  HOH HOH A . 
B 2 HOH 88 288 121 HOH HOH A . 
B 2 HOH 89 289 137 HOH HOH A . 
B 2 HOH 90 290 134 HOH HOH A . 
B 2 HOH 91 291 108 HOH HOH A . 
B 2 HOH 92 292 107 HOH HOH A . 
B 2 HOH 93 293 38  HOH HOH A . 
B 2 HOH 94 294 109 HOH HOH A . 
B 2 HOH 95 295 128 HOH HOH A . 
B 2 HOH 96 296 135 HOH HOH A . 
B 2 HOH 97 297 132 HOH HOH A . 
B 2 HOH 98 298 110 HOH HOH A . 
# 
loop_
_software.citation_id 
_software.classification 
_software.compiler_name 
_software.compiler_version 
_software.contact_author 
_software.contact_author_email 
_software.date 
_software.description 
_software.dependencies 
_software.hardware 
_software.language 
_software.location 
_software.mods 
_software.name 
_software.os 
_software.os_version 
_software.type 
_software.version 
_software.pdbx_ordinal 
? refinement        ? ? ? ? ? ? ? ? ? ? ? PHENIX      ? ? ? 1.16_3549 1 
? 'data reduction'  ? ? ? ? ? ? ? ? ? ? ? XDS         ? ? ? .         2 
? 'data scaling'    ? ? ? ? ? ? ? ? ? ? ? Aimless     ? ? ? .         3 
? 'data extraction' ? ? ? ? ? ? ? ? ? ? ? PDB_EXTRACT ? ? ? 3.25      4 
? phasing           ? ? ? ? ? ? ? ? ? ? ? PHASER      ? ? ? .         5 
# 
_cell.angle_alpha                  90.000 
_cell.angle_alpha_esd              ? 
_cell.angle_beta                   90.000 
_cell.angle_beta_esd               ? 
_cell.angle_gamma                  90.000 
_cell.angle_gamma_esd              ? 
_cell.entry_id                     6TG6 
_cell.details                      ? 
_cell.formula_units_Z              ? 
_cell.length_a                     37.970 
_cell.length_a_esd                 ? 
_cell.length_b                     81.100 
_cell.length_b_esd                 ? 
_cell.length_c                     29.910 
_cell.length_c_esd                 ? 
_cell.volume                       ? 
_cell.volume_esd                   ? 
_cell.Z_PDB                        4 
_cell.reciprocal_angle_alpha       ? 
_cell.reciprocal_angle_beta        ? 
_cell.reciprocal_angle_gamma       ? 
_cell.reciprocal_angle_alpha_esd   ? 
_cell.reciprocal_angle_beta_esd    ? 
_cell.reciprocal_angle_gamma_esd   ? 
_cell.reciprocal_length_a          ? 
_cell.reciprocal_length_b          ? 
_cell.reciprocal_length_c          ? 
_cell.reciprocal_length_a_esd      ? 
_cell.reciprocal_length_b_esd      ? 
_cell.reciprocal_length_c_esd      ? 
_cell.pdbx_unique_axis             ? 
# 
_symmetry.entry_id                         6TG6 
_symmetry.cell_setting                     ? 
_symmetry.Int_Tables_number                18 
_symmetry.space_group_name_Hall            ? 
_symmetry.space_group_name_H-M             'P 21 21 2' 
_symmetry.pdbx_full_space_group_name_H-M   ? 
# 
_exptl.absorpt_coefficient_mu     ? 
_exptl.absorpt_correction_T_max   ? 
_exptl.absorpt_correction_T_min   ? 
_exptl.absorpt_correction_type    ? 
_exptl.absorpt_process_details    ? 
_exptl.entry_id                   6TG6 
_exptl.crystals_number            1 
_exptl.details                    ? 
_exptl.method                     'X-RAY DIFFRACTION' 
_exptl.method_details             ? 
# 
_exptl_crystal.colour                      ? 
_exptl_crystal.density_diffrn              ? 
_exptl_crystal.density_Matthews            1.84 
_exptl_crystal.density_method              ? 
_exptl_crystal.density_percent_sol         33.08 
_exptl_crystal.description                 ? 
_exptl_crystal.F_000                       ? 
_exptl_crystal.id                          1 
_exptl_crystal.preparation                 ? 
_exptl_crystal.size_max                    ? 
_exptl_crystal.size_mid                    ? 
_exptl_crystal.size_min                    ? 
_exptl_crystal.size_rad                    ? 
_exptl_crystal.colour_lustre               ? 
_exptl_crystal.colour_modifier             ? 
_exptl_crystal.colour_primary              ? 
_exptl_crystal.density_meas                ? 
_exptl_crystal.density_meas_esd            ? 
_exptl_crystal.density_meas_gt             ? 
_exptl_crystal.density_meas_lt             ? 
_exptl_crystal.density_meas_temp           ? 
_exptl_crystal.density_meas_temp_esd       ? 
_exptl_crystal.density_meas_temp_gt        ? 
_exptl_crystal.density_meas_temp_lt        ? 
_exptl_crystal.pdbx_crystal_image_url      ? 
_exptl_crystal.pdbx_crystal_image_format   ? 
_exptl_crystal.pdbx_mosaicity              ? 
_exptl_crystal.pdbx_mosaicity_esd          ? 
# 
_exptl_crystal_grow.apparatus       ? 
_exptl_crystal_grow.atmosphere      ? 
_exptl_crystal_grow.crystal_id      1 
_exptl_crystal_grow.details         ? 
_exptl_crystal_grow.method          'VAPOR DIFFUSION, SITTING DROP' 
_exptl_crystal_grow.method_ref      ? 
_exptl_crystal_grow.pH              ? 
_exptl_crystal_grow.pressure        ? 
_exptl_crystal_grow.pressure_esd    ? 
_exptl_crystal_grow.seeding         ? 
_exptl_crystal_grow.seeding_ref     ? 
_exptl_crystal_grow.temp            293 
_exptl_crystal_grow.temp_details    ? 
_exptl_crystal_grow.temp_esd        ? 
_exptl_crystal_grow.time            ? 
_exptl_crystal_grow.pdbx_details    '0.1 M HEPES pH 7.5, 1.4 M sodium citrate tribasic dihydrate' 
_exptl_crystal_grow.pdbx_pH_range   ? 
# 
_diffrn.ambient_environment              ? 
_diffrn.ambient_temp                     100 
_diffrn.ambient_temp_details             ? 
_diffrn.ambient_temp_esd                 ? 
_diffrn.crystal_id                       1 
_diffrn.crystal_support                  ? 
_diffrn.crystal_treatment                ? 
_diffrn.details                          ? 
_diffrn.id                               1 
_diffrn.ambient_pressure                 ? 
_diffrn.ambient_pressure_esd             ? 
_diffrn.ambient_pressure_gt              ? 
_diffrn.ambient_pressure_lt              ? 
_diffrn.ambient_temp_gt                  ? 
_diffrn.ambient_temp_lt                  ? 
_diffrn.pdbx_serial_crystal_experiment   N 
# 
_diffrn_detector.details                      ? 
_diffrn_detector.detector                     CCD 
_diffrn_detector.diffrn_id                    1 
_diffrn_detector.type                         'ADSC QUANTUM 315r' 
_diffrn_detector.area_resol_mean              ? 
_diffrn_detector.dtime                        ? 
_diffrn_detector.pdbx_frames_total            ? 
_diffrn_detector.pdbx_collection_time_total   ? 
_diffrn_detector.pdbx_collection_date         2018-01-25 
_diffrn_detector.pdbx_frequency               ? 
# 
_diffrn_radiation.collimation                      ? 
_diffrn_radiation.diffrn_id                        1 
_diffrn_radiation.filter_edge                      ? 
_diffrn_radiation.inhomogeneity                    ? 
_diffrn_radiation.monochromator                    ? 
_diffrn_radiation.polarisn_norm                    ? 
_diffrn_radiation.polarisn_ratio                   ? 
_diffrn_radiation.probe                            ? 
_diffrn_radiation.type                             ? 
_diffrn_radiation.xray_symbol                      ? 
_diffrn_radiation.wavelength_id                    1 
_diffrn_radiation.pdbx_monochromatic_or_laue_m_l   M 
_diffrn_radiation.pdbx_wavelength_list             ? 
_diffrn_radiation.pdbx_wavelength                  ? 
_diffrn_radiation.pdbx_diffrn_protocol             'SINGLE WAVELENGTH' 
_diffrn_radiation.pdbx_analyzer                    ? 
_diffrn_radiation.pdbx_scattering_type             x-ray 
# 
_diffrn_radiation_wavelength.id           1 
_diffrn_radiation_wavelength.wavelength   0.9786 
_diffrn_radiation_wavelength.wt           1.0 
# 
_diffrn_source.current                     ? 
_diffrn_source.details                     ? 
_diffrn_source.diffrn_id                   1 
_diffrn_source.power                       ? 
_diffrn_source.size                        ? 
_diffrn_source.source                      SYNCHROTRON 
_diffrn_source.target                      ? 
_diffrn_source.type                        'SOLEIL BEAMLINE PROXIMA 2' 
_diffrn_source.voltage                     ? 
_diffrn_source.take-off_angle              ? 
_diffrn_source.pdbx_wavelength_list        0.9786 
_diffrn_source.pdbx_wavelength             ? 
_diffrn_source.pdbx_synchrotron_beamline   'PROXIMA 2' 
_diffrn_source.pdbx_synchrotron_site       SOLEIL 
# 
_reflns.B_iso_Wilson_estimate            ? 
_reflns.entry_id                         6TG6 
_reflns.data_reduction_details           ? 
_reflns.data_reduction_method            ? 
_reflns.d_resolution_high                1.2970 
_reflns.d_resolution_low                 40.55 
_reflns.details                          ? 
_reflns.limit_h_max                      ? 
_reflns.limit_h_min                      ? 
_reflns.limit_k_max                      ? 
_reflns.limit_k_min                      ? 
_reflns.limit_l_max                      ? 
_reflns.limit_l_min                      ? 
_reflns.number_all                       ? 
_reflns.number_obs                       23385 
_reflns.observed_criterion               ? 
_reflns.observed_criterion_F_max         ? 
_reflns.observed_criterion_F_min         ? 
_reflns.observed_criterion_I_max         ? 
_reflns.observed_criterion_I_min         ? 
_reflns.observed_criterion_sigma_F       ? 
_reflns.observed_criterion_sigma_I       ? 
_reflns.percent_possible_obs             98.72 
_reflns.R_free_details                   ? 
_reflns.Rmerge_F_all                     ? 
_reflns.Rmerge_F_obs                     ? 
_reflns.Friedel_coverage                 ? 
_reflns.number_gt                        ? 
_reflns.threshold_expression             ? 
_reflns.pdbx_redundancy                  8.0 
_reflns.pdbx_Rmerge_I_obs                0.0492 
_reflns.pdbx_Rmerge_I_all                ? 
_reflns.pdbx_Rsym_value                  ? 
_reflns.pdbx_netI_over_av_sigmaI         ? 
_reflns.pdbx_netI_over_sigmaI            20.28 
_reflns.pdbx_res_netI_over_av_sigmaI_2   ? 
_reflns.pdbx_res_netI_over_sigmaI_2      ? 
_reflns.pdbx_chi_squared                 ? 
_reflns.pdbx_scaling_rejects             ? 
_reflns.pdbx_d_res_high_opt              ? 
_reflns.pdbx_d_res_low_opt               ? 
_reflns.pdbx_d_res_opt_method            ? 
_reflns.phase_calculation_details        ? 
_reflns.pdbx_Rrim_I_all                  ? 
_reflns.pdbx_Rpim_I_all                  ? 
_reflns.pdbx_d_opt                       ? 
_reflns.pdbx_number_measured_all         ? 
_reflns.pdbx_diffrn_id                   1 
_reflns.pdbx_ordinal                     1 
_reflns.pdbx_CC_half                     0.999 
_reflns.pdbx_CC_star                     ? 
_reflns.pdbx_R_split                     ? 
# 
_reflns_shell.d_res_high                  1.297 
_reflns_shell.d_res_low                   1.344 
_reflns_shell.meanI_over_sigI_all         ? 
_reflns_shell.meanI_over_sigI_obs         2.76 
_reflns_shell.number_measured_all         ? 
_reflns_shell.number_measured_obs         ? 
_reflns_shell.number_possible             ? 
_reflns_shell.number_unique_all           ? 
_reflns_shell.number_unique_obs           2158 
_reflns_shell.percent_possible_all        93.34 
_reflns_shell.percent_possible_obs        ? 
_reflns_shell.Rmerge_F_all                ? 
_reflns_shell.Rmerge_F_obs                ? 
_reflns_shell.Rmerge_I_all                ? 
_reflns_shell.Rmerge_I_obs                0.46 
_reflns_shell.meanI_over_sigI_gt          ? 
_reflns_shell.meanI_over_uI_all           ? 
_reflns_shell.meanI_over_uI_gt            ? 
_reflns_shell.number_measured_gt          ? 
_reflns_shell.number_unique_gt            ? 
_reflns_shell.percent_possible_gt         ? 
_reflns_shell.Rmerge_F_gt                 ? 
_reflns_shell.Rmerge_I_gt                 ? 
_reflns_shell.pdbx_redundancy             4.9 
_reflns_shell.pdbx_Rsym_value             ? 
_reflns_shell.pdbx_chi_squared            ? 
_reflns_shell.pdbx_netI_over_sigmaI_all   ? 
_reflns_shell.pdbx_netI_over_sigmaI_obs   ? 
_reflns_shell.pdbx_Rrim_I_all             ? 
_reflns_shell.pdbx_Rpim_I_all             ? 
_reflns_shell.pdbx_rejects                ? 
_reflns_shell.pdbx_ordinal                1 
_reflns_shell.pdbx_diffrn_id              1 
_reflns_shell.pdbx_CC_half                0.967 
_reflns_shell.pdbx_CC_star                ? 
_reflns_shell.pdbx_R_split                ? 
# 
_refine.aniso_B[1][1]                            ? 
_refine.aniso_B[1][2]                            ? 
_refine.aniso_B[1][3]                            ? 
_refine.aniso_B[2][2]                            ? 
_refine.aniso_B[2][3]                            ? 
_refine.aniso_B[3][3]                            ? 
_refine.B_iso_max                                52.490 
_refine.B_iso_mean                               18.6157 
_refine.B_iso_min                                8.320 
_refine.correlation_coeff_Fo_to_Fc               ? 
_refine.correlation_coeff_Fo_to_Fc_free          ? 
_refine.details                                  ? 
_refine.diff_density_max                         ? 
_refine.diff_density_max_esd                     ? 
_refine.diff_density_min                         ? 
_refine.diff_density_min_esd                     ? 
_refine.diff_density_rms                         ? 
_refine.diff_density_rms_esd                     ? 
_refine.entry_id                                 6TG6 
_refine.pdbx_refine_id                           'X-RAY DIFFRACTION' 
_refine.ls_abs_structure_details                 ? 
_refine.ls_abs_structure_Flack                   ? 
_refine.ls_abs_structure_Flack_esd               ? 
_refine.ls_abs_structure_Rogers                  ? 
_refine.ls_abs_structure_Rogers_esd              ? 
_refine.ls_d_res_high                            1.3 
_refine.ls_d_res_low                             40.5500 
_refine.ls_extinction_coef                       ? 
_refine.ls_extinction_coef_esd                   ? 
_refine.ls_extinction_expression                 ? 
_refine.ls_extinction_method                     ? 
_refine.ls_goodness_of_fit_all                   ? 
_refine.ls_goodness_of_fit_all_esd               ? 
_refine.ls_goodness_of_fit_obs                   ? 
_refine.ls_goodness_of_fit_obs_esd               ? 
_refine.ls_hydrogen_treatment                    ? 
_refine.ls_matrix_type                           ? 
_refine.ls_number_constraints                    ? 
_refine.ls_number_parameters                     ? 
_refine.ls_number_reflns_all                     ? 
_refine.ls_number_reflns_obs                     23306 
_refine.ls_number_reflns_R_free                  1163 
_refine.ls_number_reflns_R_work                  ? 
_refine.ls_number_restraints                     ? 
_refine.ls_percent_reflns_obs                    98.7100 
_refine.ls_percent_reflns_R_free                 4.9900 
_refine.ls_R_factor_all                          ? 
_refine.ls_R_factor_obs                          0.1926 
_refine.ls_R_factor_R_free                       0.2013 
_refine.ls_R_factor_R_free_error                 ? 
_refine.ls_R_factor_R_free_error_details         ? 
_refine.ls_R_factor_R_work                       0.1921 
_refine.ls_R_Fsqd_factor_obs                     ? 
_refine.ls_R_I_factor_obs                        ? 
_refine.ls_redundancy_reflns_all                 ? 
_refine.ls_redundancy_reflns_obs                 ? 
_refine.ls_restrained_S_all                      ? 
_refine.ls_restrained_S_obs                      ? 
_refine.ls_shift_over_esd_max                    ? 
_refine.ls_shift_over_esd_mean                   ? 
_refine.ls_structure_factor_coef                 ? 
_refine.ls_weighting_details                     ? 
_refine.ls_weighting_scheme                      ? 
_refine.ls_wR_factor_all                         ? 
_refine.ls_wR_factor_obs                         ? 
_refine.ls_wR_factor_R_free                      ? 
_refine.ls_wR_factor_R_work                      ? 
_refine.occupancy_max                            ? 
_refine.occupancy_min                            ? 
_refine.solvent_model_details                    ? 
_refine.solvent_model_param_bsol                 ? 
_refine.solvent_model_param_ksol                 ? 
_refine.pdbx_R_complete                          ? 
_refine.ls_R_factor_gt                           ? 
_refine.ls_goodness_of_fit_gt                    ? 
_refine.ls_goodness_of_fit_ref                   ? 
_refine.ls_shift_over_su_max                     ? 
_refine.ls_shift_over_su_max_lt                  ? 
_refine.ls_shift_over_su_mean                    ? 
_refine.ls_shift_over_su_mean_lt                 ? 
_refine.pdbx_ls_sigma_I                          ? 
_refine.pdbx_ls_sigma_F                          1.350 
_refine.pdbx_ls_sigma_Fsqd                       ? 
_refine.pdbx_data_cutoff_high_absF               ? 
_refine.pdbx_data_cutoff_high_rms_absF           ? 
_refine.pdbx_data_cutoff_low_absF                ? 
_refine.pdbx_isotropic_thermal_model             ? 
_refine.pdbx_ls_cross_valid_method               THROUGHOUT 
_refine.pdbx_method_to_determine_struct          'MOLECULAR REPLACEMENT' 
_refine.pdbx_starting_model                      'Homology model' 
_refine.pdbx_stereochemistry_target_values       ? 
_refine.pdbx_R_Free_selection_details            RANDOM 
_refine.pdbx_stereochem_target_val_spec_case     ? 
_refine.pdbx_overall_ESU_R                       ? 
_refine.pdbx_overall_ESU_R_Free                  ? 
_refine.pdbx_solvent_vdw_probe_radii             1.1100 
_refine.pdbx_solvent_ion_probe_radii             ? 
_refine.pdbx_solvent_shrinkage_radii             0.9000 
_refine.pdbx_real_space_R                        ? 
_refine.pdbx_density_correlation                 ? 
_refine.pdbx_pd_number_of_powder_patterns        ? 
_refine.pdbx_pd_number_of_points                 ? 
_refine.pdbx_pd_meas_number_of_points            ? 
_refine.pdbx_pd_proc_ls_prof_R_factor            ? 
_refine.pdbx_pd_proc_ls_prof_wR_factor           ? 
_refine.pdbx_pd_Marquardt_correlation_coeff      ? 
_refine.pdbx_pd_Fsqrd_R_factor                   ? 
_refine.pdbx_pd_ls_matrix_band_width             ? 
_refine.pdbx_overall_phase_error                 20.0400 
_refine.pdbx_overall_SU_R_free_Cruickshank_DPI   ? 
_refine.pdbx_overall_SU_R_free_Blow_DPI          ? 
_refine.pdbx_overall_SU_R_Blow_DPI               ? 
_refine.pdbx_TLS_residual_ADP_flag               ? 
_refine.pdbx_diffrn_id                           1 
_refine.overall_SU_B                             ? 
_refine.overall_SU_ML                            0.1100 
_refine.overall_SU_R_Cruickshank_DPI             ? 
_refine.overall_SU_R_free                        ? 
_refine.overall_FOM_free_R_set                   ? 
_refine.overall_FOM_work_R_set                   ? 
_refine.pdbx_average_fsc_overall                 ? 
_refine.pdbx_average_fsc_work                    ? 
_refine.pdbx_average_fsc_free                    ? 
# 
_refine_hist.pdbx_refine_id                   'X-RAY DIFFRACTION' 
_refine_hist.cycle_id                         final 
_refine_hist.details                          ? 
_refine_hist.d_res_high                       1.3 
_refine_hist.d_res_low                        40.5500 
_refine_hist.number_atoms_solvent             98 
_refine_hist.number_atoms_total               976 
_refine_hist.number_reflns_all                ? 
_refine_hist.number_reflns_obs                ? 
_refine_hist.number_reflns_R_free             ? 
_refine_hist.number_reflns_R_work             ? 
_refine_hist.R_factor_all                     ? 
_refine_hist.R_factor_obs                     ? 
_refine_hist.R_factor_R_free                  ? 
_refine_hist.R_factor_R_work                  ? 
_refine_hist.pdbx_number_residues_total       116 
_refine_hist.pdbx_B_iso_mean_ligand           ? 
_refine_hist.pdbx_B_iso_mean_solvent          27.16 
_refine_hist.pdbx_number_atoms_protein        878 
_refine_hist.pdbx_number_atoms_nucleic_acid   0 
_refine_hist.pdbx_number_atoms_ligand         0 
_refine_hist.pdbx_number_atoms_lipid          ? 
_refine_hist.pdbx_number_atoms_carb           ? 
_refine_hist.pdbx_pseudo_atom_details         ? 
# 
loop_
_refine_ls_shell.pdbx_refine_id 
_refine_ls_shell.d_res_high 
_refine_ls_shell.d_res_low 
_refine_ls_shell.number_reflns_all 
_refine_ls_shell.number_reflns_obs 
_refine_ls_shell.number_reflns_R_free 
_refine_ls_shell.number_reflns_R_work 
_refine_ls_shell.percent_reflns_obs 
_refine_ls_shell.percent_reflns_R_free 
_refine_ls_shell.R_factor_all 
_refine_ls_shell.R_factor_obs 
_refine_ls_shell.R_factor_R_free 
_refine_ls_shell.R_factor_R_free_error 
_refine_ls_shell.R_factor_R_work 
_refine_ls_shell.redundancy_reflns_all 
_refine_ls_shell.redundancy_reflns_obs 
_refine_ls_shell.wR_factor_all 
_refine_ls_shell.wR_factor_obs 
_refine_ls_shell.wR_factor_R_free 
_refine_ls_shell.wR_factor_R_work 
_refine_ls_shell.pdbx_R_complete 
_refine_ls_shell.pdbx_total_number_of_bins_used 
_refine_ls_shell.pdbx_phase_error 
_refine_ls_shell.pdbx_fsc_work 
_refine_ls_shell.pdbx_fsc_free 
'X-RAY DIFFRACTION' 1.3    1.3564 . . 137 2598 95.0000  . . . 0.2622 0.0000 0.2381 . . . . . . . . . . . 
'X-RAY DIFFRACTION' 1.3564 1.4279 . . 144 2742 100.0000 . . . 0.2257 0.0000 0.2020 . . . . . . . . . . . 
'X-RAY DIFFRACTION' 1.4279 1.5174 . . 146 2763 100.0000 . . . 0.1921 0.0000 0.1784 . . . . . . . . . . . 
'X-RAY DIFFRACTION' 1.5174 1.6346 . . 145 2753 100.0000 . . . 0.2042 0.0000 0.1692 . . . . . . . . . . . 
'X-RAY DIFFRACTION' 1.6346 1.7991 . . 145 2782 100.0000 . . . 0.1823 0.0000 0.1742 . . . . . . . . . . . 
'X-RAY DIFFRACTION' 1.7991 2.0594 . . 146 2772 100.0000 . . . 0.1852 0.0000 0.1634 . . . . . . . . . . . 
'X-RAY DIFFRACTION' 2.0594 2.5946 . . 149 2817 99.0000  . . . 0.1990 0.0000 0.1921 . . . . . . . . . . . 
'X-RAY DIFFRACTION' 2.5946 40.55  . . 151 2916 97.0000  . . . 0.2053 0.0000 0.2063 . . . . . . . . . . . 
# 
_struct.entry_id                     6TG6 
_struct.title                        'Toprim domain of RNase M5' 
_struct.pdbx_model_details           ? 
_struct.pdbx_formula_weight          ? 
_struct.pdbx_formula_weight_method   ? 
_struct.pdbx_model_type_details      ? 
_struct.pdbx_CASP_flag               N 
# 
_struct_keywords.entry_id        6TG6 
_struct_keywords.text            
;RNase M5, RNase, rRNA, 5S rRNA, precursor rRNA, pre-5S rRNA, ribosomal RNA, ribonuclease, catalytic domain, toprim domain, HYDROLASE
;
_struct_keywords.pdbx_keywords   HYDROLASE 
# 
loop_
_struct_asym.id 
_struct_asym.pdbx_blank_PDB_chainid_flag 
_struct_asym.pdbx_modified 
_struct_asym.entity_id 
_struct_asym.details 
A N N 1 ? 
B N N 2 ? 
# 
_struct_ref.id                         1 
_struct_ref.db_name                    UNP 
_struct_ref.db_code                    A0A161UFV3_GEOSE 
_struct_ref.pdbx_db_accession          A0A161UFV3 
_struct_ref.pdbx_db_isoform            ? 
_struct_ref.entity_id                  1 
_struct_ref.pdbx_seq_one_letter_code   
;MKIKEVIVVEGKDDTAAIRRAVDADTIETNGAAVGAEVIERIKLAKERRGVIIFTDPDFPGEKIRRTIAEQVPGCKHAFL
PREAAKARSGKGIGVEHASPDDIRQALANVYEE
;
_struct_ref.pdbx_align_begin           34 
# 
_struct_ref_seq.align_id                      1 
_struct_ref_seq.ref_id                        1 
_struct_ref_seq.pdbx_PDB_id_code              6TG6 
_struct_ref_seq.pdbx_strand_id                A 
_struct_ref_seq.seq_align_beg                 4 
_struct_ref_seq.pdbx_seq_align_beg_ins_code   ? 
_struct_ref_seq.seq_align_end                 116 
_struct_ref_seq.pdbx_seq_align_end_ins_code   ? 
_struct_ref_seq.pdbx_db_accession             A0A161UFV3 
_struct_ref_seq.db_align_beg                  34 
_struct_ref_seq.pdbx_db_align_beg_ins_code    ? 
_struct_ref_seq.db_align_end                  146 
_struct_ref_seq.pdbx_db_align_end_ins_code    ? 
_struct_ref_seq.pdbx_auth_seq_align_beg       1 
_struct_ref_seq.pdbx_auth_seq_align_end       113 
# 
loop_
_struct_ref_seq_dif.align_id 
_struct_ref_seq_dif.pdbx_pdb_id_code 
_struct_ref_seq_dif.mon_id 
_struct_ref_seq_dif.pdbx_pdb_strand_id 
_struct_ref_seq_dif.seq_num 
_struct_ref_seq_dif.pdbx_pdb_ins_code 
_struct_ref_seq_dif.pdbx_seq_db_name 
_struct_ref_seq_dif.pdbx_seq_db_accession_code 
_struct_ref_seq_dif.db_mon_id 
_struct_ref_seq_dif.pdbx_seq_db_seq_num 
_struct_ref_seq_dif.details 
_struct_ref_seq_dif.pdbx_auth_seq_num 
_struct_ref_seq_dif.pdbx_ordinal 
1 6TG6 GLY A 1 ? UNP A0A161UFV3 ? ? 'expression tag' -2 1 
1 6TG6 GLY A 2 ? UNP A0A161UFV3 ? ? 'expression tag' -1 2 
1 6TG6 SER A 3 ? UNP A0A161UFV3 ? ? 'expression tag' 0  3 
# 
_pdbx_struct_assembly.id                   1 
_pdbx_struct_assembly.details              author_and_software_defined_assembly 
_pdbx_struct_assembly.method_details       PISA 
_pdbx_struct_assembly.oligomeric_details   monomeric 
_pdbx_struct_assembly.oligomeric_count     1 
# 
loop_
_pdbx_struct_assembly_prop.biol_id 
_pdbx_struct_assembly_prop.type 
_pdbx_struct_assembly_prop.value 
_pdbx_struct_assembly_prop.details 
1 'ABSA (A^2)' 0    ? 
1 MORE         0    ? 
1 'SSA (A^2)'  6660 ? 
# 
_pdbx_struct_assembly_gen.assembly_id       1 
_pdbx_struct_assembly_gen.oper_expression   1 
_pdbx_struct_assembly_gen.asym_id_list      A,B 
# 
_pdbx_struct_assembly_auth_evidence.id                     1 
_pdbx_struct_assembly_auth_evidence.assembly_id            1 
_pdbx_struct_assembly_auth_evidence.experimental_support   'gel filtration' 
_pdbx_struct_assembly_auth_evidence.details                ? 
# 
_pdbx_struct_oper_list.id                   1 
_pdbx_struct_oper_list.type                 'identity operation' 
_pdbx_struct_oper_list.name                 1_555 
_pdbx_struct_oper_list.symmetry_operation   x,y,z 
_pdbx_struct_oper_list.matrix[1][1]         1.0000000000 
_pdbx_struct_oper_list.matrix[1][2]         0.0000000000 
_pdbx_struct_oper_list.matrix[1][3]         0.0000000000 
_pdbx_struct_oper_list.vector[1]            0.0000000000 
_pdbx_struct_oper_list.matrix[2][1]         0.0000000000 
_pdbx_struct_oper_list.matrix[2][2]         1.0000000000 
_pdbx_struct_oper_list.matrix[2][3]         0.0000000000 
_pdbx_struct_oper_list.vector[2]            0.0000000000 
_pdbx_struct_oper_list.matrix[3][1]         0.0000000000 
_pdbx_struct_oper_list.matrix[3][2]         0.0000000000 
_pdbx_struct_oper_list.matrix[3][3]         1.0000000000 
_pdbx_struct_oper_list.vector[3]            0.0000000000 
# 
loop_
_struct_conf.conf_type_id 
_struct_conf.id 
_struct_conf.pdbx_PDB_helix_id 
_struct_conf.beg_label_comp_id 
_struct_conf.beg_label_asym_id 
_struct_conf.beg_label_seq_id 
_struct_conf.pdbx_beg_PDB_ins_code 
_struct_conf.end_label_comp_id 
_struct_conf.end_label_asym_id 
_struct_conf.end_label_seq_id 
_struct_conf.pdbx_end_PDB_ins_code 
_struct_conf.beg_auth_comp_id 
_struct_conf.beg_auth_asym_id 
_struct_conf.beg_auth_seq_id 
_struct_conf.end_auth_comp_id 
_struct_conf.end_auth_asym_id 
_struct_conf.end_auth_seq_id 
_struct_conf.pdbx_PDB_helix_class 
_struct_conf.details 
_struct_conf.pdbx_PDB_helix_length 
HELX_P HELX_P1 AA1 GLY A 14  ? ARG A 23  ? GLY A 11 ARG A 20  1 ? 10 
HELX_P HELX_P2 AA2 GLY A 38  ? GLY A 53  ? GLY A 35 GLY A 50  1 ? 16 
HELX_P HELX_P3 AA3 ASP A 61  ? VAL A 75  ? ASP A 58 VAL A 72  1 ? 15 
HELX_P HELX_P4 AA4 PRO A 84  ? LYS A 89  ? PRO A 81 LYS A 86  1 ? 6  
HELX_P HELX_P5 AA5 GLY A 97  ? ALA A 101 ? GLY A 94 ALA A 98  5 ? 5  
HELX_P HELX_P6 AA6 SER A 102 ? ASN A 112 ? SER A 99 ASN A 109 1 ? 11 
# 
_struct_conf_type.id          HELX_P 
_struct_conf_type.criteria    ? 
_struct_conf_type.reference   ? 
# 
_struct_sheet.id               AA1 
_struct_sheet.type             ? 
_struct_sheet.number_strands   4 
_struct_sheet.details          ? 
# 
loop_
_struct_sheet_order.sheet_id 
_struct_sheet_order.range_id_1 
_struct_sheet_order.range_id_2 
_struct_sheet_order.offset 
_struct_sheet_order.sense 
AA1 1 2 ? parallel 
AA1 2 3 ? parallel 
AA1 3 4 ? parallel 
# 
loop_
_struct_sheet_range.sheet_id 
_struct_sheet_range.id 
_struct_sheet_range.beg_label_comp_id 
_struct_sheet_range.beg_label_asym_id 
_struct_sheet_range.beg_label_seq_id 
_struct_sheet_range.pdbx_beg_PDB_ins_code 
_struct_sheet_range.end_label_comp_id 
_struct_sheet_range.end_label_asym_id 
_struct_sheet_range.end_label_seq_id 
_struct_sheet_range.pdbx_end_PDB_ins_code 
_struct_sheet_range.beg_auth_comp_id 
_struct_sheet_range.beg_auth_asym_id 
_struct_sheet_range.beg_auth_seq_id 
_struct_sheet_range.end_auth_comp_id 
_struct_sheet_range.end_auth_asym_id 
_struct_sheet_range.end_auth_seq_id 
AA1 1 THR A 29 ? GLU A 31 ? THR A 26 GLU A 28 
AA1 2 VAL A 9  ? VAL A 12 ? VAL A 6  VAL A 9  
AA1 3 VAL A 54 ? ILE A 56 ? VAL A 51 ILE A 53 
AA1 4 LYS A 79 ? HIS A 80 ? LYS A 76 HIS A 77 
# 
loop_
_pdbx_struct_sheet_hbond.sheet_id 
_pdbx_struct_sheet_hbond.range_id_1 
_pdbx_struct_sheet_hbond.range_id_2 
_pdbx_struct_sheet_hbond.range_1_label_atom_id 
_pdbx_struct_sheet_hbond.range_1_label_comp_id 
_pdbx_struct_sheet_hbond.range_1_label_asym_id 
_pdbx_struct_sheet_hbond.range_1_label_seq_id 
_pdbx_struct_sheet_hbond.range_1_PDB_ins_code 
_pdbx_struct_sheet_hbond.range_1_auth_atom_id 
_pdbx_struct_sheet_hbond.range_1_auth_comp_id 
_pdbx_struct_sheet_hbond.range_1_auth_asym_id 
_pdbx_struct_sheet_hbond.range_1_auth_seq_id 
_pdbx_struct_sheet_hbond.range_2_label_atom_id 
_pdbx_struct_sheet_hbond.range_2_label_comp_id 
_pdbx_struct_sheet_hbond.range_2_label_asym_id 
_pdbx_struct_sheet_hbond.range_2_label_seq_id 
_pdbx_struct_sheet_hbond.range_2_PDB_ins_code 
_pdbx_struct_sheet_hbond.range_2_auth_atom_id 
_pdbx_struct_sheet_hbond.range_2_auth_comp_id 
_pdbx_struct_sheet_hbond.range_2_auth_asym_id 
_pdbx_struct_sheet_hbond.range_2_auth_seq_id 
AA1 1 2 O ILE A 30 ? O ILE A 27 N VAL A 12 ? N VAL A 9  
AA1 2 3 N VAL A 11 ? N VAL A 8  O ILE A 55 ? O ILE A 52 
AA1 3 4 N ILE A 56 ? N ILE A 53 O LYS A 79 ? O LYS A 76 
# 
loop_
_chem_comp_atom.comp_id 
_chem_comp_atom.atom_id 
_chem_comp_atom.type_symbol 
_chem_comp_atom.pdbx_aromatic_flag 
_chem_comp_atom.pdbx_stereo_config 
_chem_comp_atom.pdbx_ordinal 
ALA N    N N N 1   
ALA CA   C N S 2   
ALA C    C N N 3   
ALA O    O N N 4   
ALA CB   C N N 5   
ALA OXT  O N N 6   
ALA H    H N N 7   
ALA H2   H N N 8   
ALA HA   H N N 9   
ALA HB1  H N N 10  
ALA HB2  H N N 11  
ALA HB3  H N N 12  
ALA HXT  H N N 13  
ARG N    N N N 14  
ARG CA   C N S 15  
ARG C    C N N 16  
ARG O    O N N 17  
ARG CB   C N N 18  
ARG CG   C N N 19  
ARG CD   C N N 20  
ARG NE   N N N 21  
ARG CZ   C N N 22  
ARG NH1  N N N 23  
ARG NH2  N N N 24  
ARG OXT  O N N 25  
ARG H    H N N 26  
ARG H2   H N N 27  
ARG HA   H N N 28  
ARG HB2  H N N 29  
ARG HB3  H N N 30  
ARG HG2  H N N 31  
ARG HG3  H N N 32  
ARG HD2  H N N 33  
ARG HD3  H N N 34  
ARG HE   H N N 35  
ARG HH11 H N N 36  
ARG HH12 H N N 37  
ARG HH21 H N N 38  
ARG HH22 H N N 39  
ARG HXT  H N N 40  
ASN N    N N N 41  
ASN CA   C N S 42  
ASN C    C N N 43  
ASN O    O N N 44  
ASN CB   C N N 45  
ASN CG   C N N 46  
ASN OD1  O N N 47  
ASN ND2  N N N 48  
ASN OXT  O N N 49  
ASN H    H N N 50  
ASN H2   H N N 51  
ASN HA   H N N 52  
ASN HB2  H N N 53  
ASN HB3  H N N 54  
ASN HD21 H N N 55  
ASN HD22 H N N 56  
ASN HXT  H N N 57  
ASP N    N N N 58  
ASP CA   C N S 59  
ASP C    C N N 60  
ASP O    O N N 61  
ASP CB   C N N 62  
ASP CG   C N N 63  
ASP OD1  O N N 64  
ASP OD2  O N N 65  
ASP OXT  O N N 66  
ASP H    H N N 67  
ASP H2   H N N 68  
ASP HA   H N N 69  
ASP HB2  H N N 70  
ASP HB3  H N N 71  
ASP HD2  H N N 72  
ASP HXT  H N N 73  
CYS N    N N N 74  
CYS CA   C N R 75  
CYS C    C N N 76  
CYS O    O N N 77  
CYS CB   C N N 78  
CYS SG   S N N 79  
CYS OXT  O N N 80  
CYS H    H N N 81  
CYS H2   H N N 82  
CYS HA   H N N 83  
CYS HB2  H N N 84  
CYS HB3  H N N 85  
CYS HG   H N N 86  
CYS HXT  H N N 87  
GLN N    N N N 88  
GLN CA   C N S 89  
GLN C    C N N 90  
GLN O    O N N 91  
GLN CB   C N N 92  
GLN CG   C N N 93  
GLN CD   C N N 94  
GLN OE1  O N N 95  
GLN NE2  N N N 96  
GLN OXT  O N N 97  
GLN H    H N N 98  
GLN H2   H N N 99  
GLN HA   H N N 100 
GLN HB2  H N N 101 
GLN HB3  H N N 102 
GLN HG2  H N N 103 
GLN HG3  H N N 104 
GLN HE21 H N N 105 
GLN HE22 H N N 106 
GLN HXT  H N N 107 
GLU N    N N N 108 
GLU CA   C N S 109 
GLU C    C N N 110 
GLU O    O N N 111 
GLU CB   C N N 112 
GLU CG   C N N 113 
GLU CD   C N N 114 
GLU OE1  O N N 115 
GLU OE2  O N N 116 
GLU OXT  O N N 117 
GLU H    H N N 118 
GLU H2   H N N 119 
GLU HA   H N N 120 
GLU HB2  H N N 121 
GLU HB3  H N N 122 
GLU HG2  H N N 123 
GLU HG3  H N N 124 
GLU HE2  H N N 125 
GLU HXT  H N N 126 
GLY N    N N N 127 
GLY CA   C N N 128 
GLY C    C N N 129 
GLY O    O N N 130 
GLY OXT  O N N 131 
GLY H    H N N 132 
GLY H2   H N N 133 
GLY HA2  H N N 134 
GLY HA3  H N N 135 
GLY HXT  H N N 136 
HIS N    N N N 137 
HIS CA   C N S 138 
HIS C    C N N 139 
HIS O    O N N 140 
HIS CB   C N N 141 
HIS CG   C Y N 142 
HIS ND1  N Y N 143 
HIS CD2  C Y N 144 
HIS CE1  C Y N 145 
HIS NE2  N Y N 146 
HIS OXT  O N N 147 
HIS H    H N N 148 
HIS H2   H N N 149 
HIS HA   H N N 150 
HIS HB2  H N N 151 
HIS HB3  H N N 152 
HIS HD1  H N N 153 
HIS HD2  H N N 154 
HIS HE1  H N N 155 
HIS HE2  H N N 156 
HIS HXT  H N N 157 
HOH O    O N N 158 
HOH H1   H N N 159 
HOH H2   H N N 160 
ILE N    N N N 161 
ILE CA   C N S 162 
ILE C    C N N 163 
ILE O    O N N 164 
ILE CB   C N S 165 
ILE CG1  C N N 166 
ILE CG2  C N N 167 
ILE CD1  C N N 168 
ILE OXT  O N N 169 
ILE H    H N N 170 
ILE H2   H N N 171 
ILE HA   H N N 172 
ILE HB   H N N 173 
ILE HG12 H N N 174 
ILE HG13 H N N 175 
ILE HG21 H N N 176 
ILE HG22 H N N 177 
ILE HG23 H N N 178 
ILE HD11 H N N 179 
ILE HD12 H N N 180 
ILE HD13 H N N 181 
ILE HXT  H N N 182 
LEU N    N N N 183 
LEU CA   C N S 184 
LEU C    C N N 185 
LEU O    O N N 186 
LEU CB   C N N 187 
LEU CG   C N N 188 
LEU CD1  C N N 189 
LEU CD2  C N N 190 
LEU OXT  O N N 191 
LEU H    H N N 192 
LEU H2   H N N 193 
LEU HA   H N N 194 
LEU HB2  H N N 195 
LEU HB3  H N N 196 
LEU HG   H N N 197 
LEU HD11 H N N 198 
LEU HD12 H N N 199 
LEU HD13 H N N 200 
LEU HD21 H N N 201 
LEU HD22 H N N 202 
LEU HD23 H N N 203 
LEU HXT  H N N 204 
LYS N    N N N 205 
LYS CA   C N S 206 
LYS C    C N N 207 
LYS O    O N N 208 
LYS CB   C N N 209 
LYS CG   C N N 210 
LYS CD   C N N 211 
LYS CE   C N N 212 
LYS NZ   N N N 213 
LYS OXT  O N N 214 
LYS H    H N N 215 
LYS H2   H N N 216 
LYS HA   H N N 217 
LYS HB2  H N N 218 
LYS HB3  H N N 219 
LYS HG2  H N N 220 
LYS HG3  H N N 221 
LYS HD2  H N N 222 
LYS HD3  H N N 223 
LYS HE2  H N N 224 
LYS HE3  H N N 225 
LYS HZ1  H N N 226 
LYS HZ2  H N N 227 
LYS HZ3  H N N 228 
LYS HXT  H N N 229 
MET N    N N N 230 
MET CA   C N S 231 
MET C    C N N 232 
MET O    O N N 233 
MET CB   C N N 234 
MET CG   C N N 235 
MET SD   S N N 236 
MET CE   C N N 237 
MET OXT  O N N 238 
MET H    H N N 239 
MET H2   H N N 240 
MET HA   H N N 241 
MET HB2  H N N 242 
MET HB3  H N N 243 
MET HG2  H N N 244 
MET HG3  H N N 245 
MET HE1  H N N 246 
MET HE2  H N N 247 
MET HE3  H N N 248 
MET HXT  H N N 249 
PHE N    N N N 250 
PHE CA   C N S 251 
PHE C    C N N 252 
PHE O    O N N 253 
PHE CB   C N N 254 
PHE CG   C Y N 255 
PHE CD1  C Y N 256 
PHE CD2  C Y N 257 
PHE CE1  C Y N 258 
PHE CE2  C Y N 259 
PHE CZ   C Y N 260 
PHE OXT  O N N 261 
PHE H    H N N 262 
PHE H2   H N N 263 
PHE HA   H N N 264 
PHE HB2  H N N 265 
PHE HB3  H N N 266 
PHE HD1  H N N 267 
PHE HD2  H N N 268 
PHE HE1  H N N 269 
PHE HE2  H N N 270 
PHE HZ   H N N 271 
PHE HXT  H N N 272 
PRO N    N N N 273 
PRO CA   C N S 274 
PRO C    C N N 275 
PRO O    O N N 276 
PRO CB   C N N 277 
PRO CG   C N N 278 
PRO CD   C N N 279 
PRO OXT  O N N 280 
PRO H    H N N 281 
PRO HA   H N N 282 
PRO HB2  H N N 283 
PRO HB3  H N N 284 
PRO HG2  H N N 285 
PRO HG3  H N N 286 
PRO HD2  H N N 287 
PRO HD3  H N N 288 
PRO HXT  H N N 289 
SER N    N N N 290 
SER CA   C N S 291 
SER C    C N N 292 
SER O    O N N 293 
SER CB   C N N 294 
SER OG   O N N 295 
SER OXT  O N N 296 
SER H    H N N 297 
SER H2   H N N 298 
SER HA   H N N 299 
SER HB2  H N N 300 
SER HB3  H N N 301 
SER HG   H N N 302 
SER HXT  H N N 303 
THR N    N N N 304 
THR CA   C N S 305 
THR C    C N N 306 
THR O    O N N 307 
THR CB   C N R 308 
THR OG1  O N N 309 
THR CG2  C N N 310 
THR OXT  O N N 311 
THR H    H N N 312 
THR H2   H N N 313 
THR HA   H N N 314 
THR HB   H N N 315 
THR HG1  H N N 316 
THR HG21 H N N 317 
THR HG22 H N N 318 
THR HG23 H N N 319 
THR HXT  H N N 320 
TYR N    N N N 321 
TYR CA   C N S 322 
TYR C    C N N 323 
TYR O    O N N 324 
TYR CB   C N N 325 
TYR CG   C Y N 326 
TYR CD1  C Y N 327 
TYR CD2  C Y N 328 
TYR CE1  C Y N 329 
TYR CE2  C Y N 330 
TYR CZ   C Y N 331 
TYR OH   O N N 332 
TYR OXT  O N N 333 
TYR H    H N N 334 
TYR H2   H N N 335 
TYR HA   H N N 336 
TYR HB2  H N N 337 
TYR HB3  H N N 338 
TYR HD1  H N N 339 
TYR HD2  H N N 340 
TYR HE1  H N N 341 
TYR HE2  H N N 342 
TYR HH   H N N 343 
TYR HXT  H N N 344 
VAL N    N N N 345 
VAL CA   C N S 346 
VAL C    C N N 347 
VAL O    O N N 348 
VAL CB   C N N 349 
VAL CG1  C N N 350 
VAL CG2  C N N 351 
VAL OXT  O N N 352 
VAL H    H N N 353 
VAL H2   H N N 354 
VAL HA   H N N 355 
VAL HB   H N N 356 
VAL HG11 H N N 357 
VAL HG12 H N N 358 
VAL HG13 H N N 359 
VAL HG21 H N N 360 
VAL HG22 H N N 361 
VAL HG23 H N N 362 
VAL HXT  H N N 363 
# 
loop_
_chem_comp_bond.comp_id 
_chem_comp_bond.atom_id_1 
_chem_comp_bond.atom_id_2 
_chem_comp_bond.value_order 
_chem_comp_bond.pdbx_aromatic_flag 
_chem_comp_bond.pdbx_stereo_config 
_chem_comp_bond.pdbx_ordinal 
ALA N   CA   sing N N 1   
ALA N   H    sing N N 2   
ALA N   H2   sing N N 3   
ALA CA  C    sing N N 4   
ALA CA  CB   sing N N 5   
ALA CA  HA   sing N N 6   
ALA C   O    doub N N 7   
ALA C   OXT  sing N N 8   
ALA CB  HB1  sing N N 9   
ALA CB  HB2  sing N N 10  
ALA CB  HB3  sing N N 11  
ALA OXT HXT  sing N N 12  
ARG N   CA   sing N N 13  
ARG N   H    sing N N 14  
ARG N   H2   sing N N 15  
ARG CA  C    sing N N 16  
ARG CA  CB   sing N N 17  
ARG CA  HA   sing N N 18  
ARG C   O    doub N N 19  
ARG C   OXT  sing N N 20  
ARG CB  CG   sing N N 21  
ARG CB  HB2  sing N N 22  
ARG CB  HB3  sing N N 23  
ARG CG  CD   sing N N 24  
ARG CG  HG2  sing N N 25  
ARG CG  HG3  sing N N 26  
ARG CD  NE   sing N N 27  
ARG CD  HD2  sing N N 28  
ARG CD  HD3  sing N N 29  
ARG NE  CZ   sing N N 30  
ARG NE  HE   sing N N 31  
ARG CZ  NH1  sing N N 32  
ARG CZ  NH2  doub N N 33  
ARG NH1 HH11 sing N N 34  
ARG NH1 HH12 sing N N 35  
ARG NH2 HH21 sing N N 36  
ARG NH2 HH22 sing N N 37  
ARG OXT HXT  sing N N 38  
ASN N   CA   sing N N 39  
ASN N   H    sing N N 40  
ASN N   H2   sing N N 41  
ASN CA  C    sing N N 42  
ASN CA  CB   sing N N 43  
ASN CA  HA   sing N N 44  
ASN C   O    doub N N 45  
ASN C   OXT  sing N N 46  
ASN CB  CG   sing N N 47  
ASN CB  HB2  sing N N 48  
ASN CB  HB3  sing N N 49  
ASN CG  OD1  doub N N 50  
ASN CG  ND2  sing N N 51  
ASN ND2 HD21 sing N N 52  
ASN ND2 HD22 sing N N 53  
ASN OXT HXT  sing N N 54  
ASP N   CA   sing N N 55  
ASP N   H    sing N N 56  
ASP N   H2   sing N N 57  
ASP CA  C    sing N N 58  
ASP CA  CB   sing N N 59  
ASP CA  HA   sing N N 60  
ASP C   O    doub N N 61  
ASP C   OXT  sing N N 62  
ASP CB  CG   sing N N 63  
ASP CB  HB2  sing N N 64  
ASP CB  HB3  sing N N 65  
ASP CG  OD1  doub N N 66  
ASP CG  OD2  sing N N 67  
ASP OD2 HD2  sing N N 68  
ASP OXT HXT  sing N N 69  
CYS N   CA   sing N N 70  
CYS N   H    sing N N 71  
CYS N   H2   sing N N 72  
CYS CA  C    sing N N 73  
CYS CA  CB   sing N N 74  
CYS CA  HA   sing N N 75  
CYS C   O    doub N N 76  
CYS C   OXT  sing N N 77  
CYS CB  SG   sing N N 78  
CYS CB  HB2  sing N N 79  
CYS CB  HB3  sing N N 80  
CYS SG  HG   sing N N 81  
CYS OXT HXT  sing N N 82  
GLN N   CA   sing N N 83  
GLN N   H    sing N N 84  
GLN N   H2   sing N N 85  
GLN CA  C    sing N N 86  
GLN CA  CB   sing N N 87  
GLN CA  HA   sing N N 88  
GLN C   O    doub N N 89  
GLN C   OXT  sing N N 90  
GLN CB  CG   sing N N 91  
GLN CB  HB2  sing N N 92  
GLN CB  HB3  sing N N 93  
GLN CG  CD   sing N N 94  
GLN CG  HG2  sing N N 95  
GLN CG  HG3  sing N N 96  
GLN CD  OE1  doub N N 97  
GLN CD  NE2  sing N N 98  
GLN NE2 HE21 sing N N 99  
GLN NE2 HE22 sing N N 100 
GLN OXT HXT  sing N N 101 
GLU N   CA   sing N N 102 
GLU N   H    sing N N 103 
GLU N   H2   sing N N 104 
GLU CA  C    sing N N 105 
GLU CA  CB   sing N N 106 
GLU CA  HA   sing N N 107 
GLU C   O    doub N N 108 
GLU C   OXT  sing N N 109 
GLU CB  CG   sing N N 110 
GLU CB  HB2  sing N N 111 
GLU CB  HB3  sing N N 112 
GLU CG  CD   sing N N 113 
GLU CG  HG2  sing N N 114 
GLU CG  HG3  sing N N 115 
GLU CD  OE1  doub N N 116 
GLU CD  OE2  sing N N 117 
GLU OE2 HE2  sing N N 118 
GLU OXT HXT  sing N N 119 
GLY N   CA   sing N N 120 
GLY N   H    sing N N 121 
GLY N   H2   sing N N 122 
GLY CA  C    sing N N 123 
GLY CA  HA2  sing N N 124 
GLY CA  HA3  sing N N 125 
GLY C   O    doub N N 126 
GLY C   OXT  sing N N 127 
GLY OXT HXT  sing N N 128 
HIS N   CA   sing N N 129 
HIS N   H    sing N N 130 
HIS N   H2   sing N N 131 
HIS CA  C    sing N N 132 
HIS CA  CB   sing N N 133 
HIS CA  HA   sing N N 134 
HIS C   O    doub N N 135 
HIS C   OXT  sing N N 136 
HIS CB  CG   sing N N 137 
HIS CB  HB2  sing N N 138 
HIS CB  HB3  sing N N 139 
HIS CG  ND1  sing Y N 140 
HIS CG  CD2  doub Y N 141 
HIS ND1 CE1  doub Y N 142 
HIS ND1 HD1  sing N N 143 
HIS CD2 NE2  sing Y N 144 
HIS CD2 HD2  sing N N 145 
HIS CE1 NE2  sing Y N 146 
HIS CE1 HE1  sing N N 147 
HIS NE2 HE2  sing N N 148 
HIS OXT HXT  sing N N 149 
HOH O   H1   sing N N 150 
HOH O   H2   sing N N 151 
ILE N   CA   sing N N 152 
ILE N   H    sing N N 153 
ILE N   H2   sing N N 154 
ILE CA  C    sing N N 155 
ILE CA  CB   sing N N 156 
ILE CA  HA   sing N N 157 
ILE C   O    doub N N 158 
ILE C   OXT  sing N N 159 
ILE CB  CG1  sing N N 160 
ILE CB  CG2  sing N N 161 
ILE CB  HB   sing N N 162 
ILE CG1 CD1  sing N N 163 
ILE CG1 HG12 sing N N 164 
ILE CG1 HG13 sing N N 165 
ILE CG2 HG21 sing N N 166 
ILE CG2 HG22 sing N N 167 
ILE CG2 HG23 sing N N 168 
ILE CD1 HD11 sing N N 169 
ILE CD1 HD12 sing N N 170 
ILE CD1 HD13 sing N N 171 
ILE OXT HXT  sing N N 172 
LEU N   CA   sing N N 173 
LEU N   H    sing N N 174 
LEU N   H2   sing N N 175 
LEU CA  C    sing N N 176 
LEU CA  CB   sing N N 177 
LEU CA  HA   sing N N 178 
LEU C   O    doub N N 179 
LEU C   OXT  sing N N 180 
LEU CB  CG   sing N N 181 
LEU CB  HB2  sing N N 182 
LEU CB  HB3  sing N N 183 
LEU CG  CD1  sing N N 184 
LEU CG  CD2  sing N N 185 
LEU CG  HG   sing N N 186 
LEU CD1 HD11 sing N N 187 
LEU CD1 HD12 sing N N 188 
LEU CD1 HD13 sing N N 189 
LEU CD2 HD21 sing N N 190 
LEU CD2 HD22 sing N N 191 
LEU CD2 HD23 sing N N 192 
LEU OXT HXT  sing N N 193 
LYS N   CA   sing N N 194 
LYS N   H    sing N N 195 
LYS N   H2   sing N N 196 
LYS CA  C    sing N N 197 
LYS CA  CB   sing N N 198 
LYS CA  HA   sing N N 199 
LYS C   O    doub N N 200 
LYS C   OXT  sing N N 201 
LYS CB  CG   sing N N 202 
LYS CB  HB2  sing N N 203 
LYS CB  HB3  sing N N 204 
LYS CG  CD   sing N N 205 
LYS CG  HG2  sing N N 206 
LYS CG  HG3  sing N N 207 
LYS CD  CE   sing N N 208 
LYS CD  HD2  sing N N 209 
LYS CD  HD3  sing N N 210 
LYS CE  NZ   sing N N 211 
LYS CE  HE2  sing N N 212 
LYS CE  HE3  sing N N 213 
LYS NZ  HZ1  sing N N 214 
LYS NZ  HZ2  sing N N 215 
LYS NZ  HZ3  sing N N 216 
LYS OXT HXT  sing N N 217 
MET N   CA   sing N N 218 
MET N   H    sing N N 219 
MET N   H2   sing N N 220 
MET CA  C    sing N N 221 
MET CA  CB   sing N N 222 
MET CA  HA   sing N N 223 
MET C   O    doub N N 224 
MET C   OXT  sing N N 225 
MET CB  CG   sing N N 226 
MET CB  HB2  sing N N 227 
MET CB  HB3  sing N N 228 
MET CG  SD   sing N N 229 
MET CG  HG2  sing N N 230 
MET CG  HG3  sing N N 231 
MET SD  CE   sing N N 232 
MET CE  HE1  sing N N 233 
MET CE  HE2  sing N N 234 
MET CE  HE3  sing N N 235 
MET OXT HXT  sing N N 236 
PHE N   CA   sing N N 237 
PHE N   H    sing N N 238 
PHE N   H2   sing N N 239 
PHE CA  C    sing N N 240 
PHE CA  CB   sing N N 241 
PHE CA  HA   sing N N 242 
PHE C   O    doub N N 243 
PHE C   OXT  sing N N 244 
PHE CB  CG   sing N N 245 
PHE CB  HB2  sing N N 246 
PHE CB  HB3  sing N N 247 
PHE CG  CD1  doub Y N 248 
PHE CG  CD2  sing Y N 249 
PHE CD1 CE1  sing Y N 250 
PHE CD1 HD1  sing N N 251 
PHE CD2 CE2  doub Y N 252 
PHE CD2 HD2  sing N N 253 
PHE CE1 CZ   doub Y N 254 
PHE CE1 HE1  sing N N 255 
PHE CE2 CZ   sing Y N 256 
PHE CE2 HE2  sing N N 257 
PHE CZ  HZ   sing N N 258 
PHE OXT HXT  sing N N 259 
PRO N   CA   sing N N 260 
PRO N   CD   sing N N 261 
PRO N   H    sing N N 262 
PRO CA  C    sing N N 263 
PRO CA  CB   sing N N 264 
PRO CA  HA   sing N N 265 
PRO C   O    doub N N 266 
PRO C   OXT  sing N N 267 
PRO CB  CG   sing N N 268 
PRO CB  HB2  sing N N 269 
PRO CB  HB3  sing N N 270 
PRO CG  CD   sing N N 271 
PRO CG  HG2  sing N N 272 
PRO CG  HG3  sing N N 273 
PRO CD  HD2  sing N N 274 
PRO CD  HD3  sing N N 275 
PRO OXT HXT  sing N N 276 
SER N   CA   sing N N 277 
SER N   H    sing N N 278 
SER N   H2   sing N N 279 
SER CA  C    sing N N 280 
SER CA  CB   sing N N 281 
SER CA  HA   sing N N 282 
SER C   O    doub N N 283 
SER C   OXT  sing N N 284 
SER CB  OG   sing N N 285 
SER CB  HB2  sing N N 286 
SER CB  HB3  sing N N 287 
SER OG  HG   sing N N 288 
SER OXT HXT  sing N N 289 
THR N   CA   sing N N 290 
THR N   H    sing N N 291 
THR N   H2   sing N N 292 
THR CA  C    sing N N 293 
THR CA  CB   sing N N 294 
THR CA  HA   sing N N 295 
THR C   O    doub N N 296 
THR C   OXT  sing N N 297 
THR CB  OG1  sing N N 298 
THR CB  CG2  sing N N 299 
THR CB  HB   sing N N 300 
THR OG1 HG1  sing N N 301 
THR CG2 HG21 sing N N 302 
THR CG2 HG22 sing N N 303 
THR CG2 HG23 sing N N 304 
THR OXT HXT  sing N N 305 
TYR N   CA   sing N N 306 
TYR N   H    sing N N 307 
TYR N   H2   sing N N 308 
TYR CA  C    sing N N 309 
TYR CA  CB   sing N N 310 
TYR CA  HA   sing N N 311 
TYR C   O    doub N N 312 
TYR C   OXT  sing N N 313 
TYR CB  CG   sing N N 314 
TYR CB  HB2  sing N N 315 
TYR CB  HB3  sing N N 316 
TYR CG  CD1  doub Y N 317 
TYR CG  CD2  sing Y N 318 
TYR CD1 CE1  sing Y N 319 
TYR CD1 HD1  sing N N 320 
TYR CD2 CE2  doub Y N 321 
TYR CD2 HD2  sing N N 322 
TYR CE1 CZ   doub Y N 323 
TYR CE1 HE1  sing N N 324 
TYR CE2 CZ   sing Y N 325 
TYR CE2 HE2  sing N N 326 
TYR CZ  OH   sing N N 327 
TYR OH  HH   sing N N 328 
TYR OXT HXT  sing N N 329 
VAL N   CA   sing N N 330 
VAL N   H    sing N N 331 
VAL N   H2   sing N N 332 
VAL CA  C    sing N N 333 
VAL CA  CB   sing N N 334 
VAL CA  HA   sing N N 335 
VAL C   O    doub N N 336 
VAL C   OXT  sing N N 337 
VAL CB  CG1  sing N N 338 
VAL CB  CG2  sing N N 339 
VAL CB  HB   sing N N 340 
VAL CG1 HG11 sing N N 341 
VAL CG1 HG12 sing N N 342 
VAL CG1 HG13 sing N N 343 
VAL CG2 HG21 sing N N 344 
VAL CG2 HG22 sing N N 345 
VAL CG2 HG23 sing N N 346 
VAL OXT HXT  sing N N 347 
# 
_pdbx_audit_support.funding_organization   'French National Research Agency' 
_pdbx_audit_support.country                France 
_pdbx_audit_support.grant_number           ? 
_pdbx_audit_support.ordinal                1 
# 
_pdbx_initial_refinement_model.accession_code   ? 
_pdbx_initial_refinement_model.id               1 
_pdbx_initial_refinement_model.entity_id_list   ? 
_pdbx_initial_refinement_model.type             'in silico model' 
_pdbx_initial_refinement_model.source_name      Other 
_pdbx_initial_refinement_model.details          'Homology model' 
# 
_atom_sites.entry_id                    6TG6 
_atom_sites.Cartn_transf_matrix[1][1]   ? 
_atom_sites.Cartn_transf_matrix[1][2]   ? 
_atom_sites.Cartn_transf_matrix[1][3]   ? 
_atom_sites.Cartn_transf_matrix[2][1]   ? 
_atom_sites.Cartn_transf_matrix[2][2]   ? 
_atom_sites.Cartn_transf_matrix[2][3]   ? 
_atom_sites.Cartn_transf_matrix[3][1]   ? 
_atom_sites.Cartn_transf_matrix[3][2]   ? 
_atom_sites.Cartn_transf_matrix[3][3]   ? 
_atom_sites.Cartn_transf_vector[1]      ? 
_atom_sites.Cartn_transf_vector[2]      ? 
_atom_sites.Cartn_transf_vector[3]      ? 
_atom_sites.fract_transf_matrix[1][1]   0.01627792 
_atom_sites.fract_transf_matrix[1][2]   0.01690641 
_atom_sites.fract_transf_matrix[1][3]   -0.01195158 
_atom_sites.fract_transf_matrix[2][1]   0.00600159 
_atom_sites.fract_transf_matrix[2][2]   -0.00944206 
_atom_sites.fract_transf_matrix[2][3]   -0.00518241 
_atom_sites.fract_transf_matrix[3][1]   -0.02063926 
_atom_sites.fract_transf_matrix[3][2]   0.00130039 
_atom_sites.fract_transf_matrix[3][3]   -0.02627094 
_atom_sites.fract_transf_vector[1]      0.442299 
_atom_sites.fract_transf_vector[2]      0.124088 
_atom_sites.fract_transf_vector[3]      0.001752 
_atom_sites.solution_primary            ? 
_atom_sites.solution_secondary          ? 
_atom_sites.solution_hydrogens          ? 
_atom_sites.special_details             ? 
# 
loop_
_atom_type.symbol 
C 
N 
O 
S 
# 
loop_
_atom_site.group_PDB 
_atom_site.id 
_atom_site.type_symbol 
_atom_site.label_atom_id 
_atom_site.label_alt_id 
_atom_site.label_comp_id 
_atom_site.label_asym_id 
_atom_site.label_entity_id 
_atom_site.label_seq_id 
_atom_site.pdbx_PDB_ins_code 
_atom_site.Cartn_x 
_atom_site.Cartn_y 
_atom_site.Cartn_z 
_atom_site.occupancy 
_atom_site.B_iso_or_equiv 
_atom_site.pdbx_formal_charge 
_atom_site.auth_seq_id 
_atom_site.auth_comp_id 
_atom_site.auth_asym_id 
_atom_site.auth_atom_id 
_atom_site.pdbx_PDB_model_num 
ATOM   1    N N   . GLY A 1 1   ? 23.790  -2.078  -6.786  1.00 21.10 ? -2  GLY A N   1 
ATOM   2    C CA  . GLY A 1 1   ? 23.154  -2.868  -5.745  1.00 19.66 ? -2  GLY A CA  1 
ATOM   3    C C   . GLY A 1 1   ? 22.097  -2.087  -4.984  1.00 16.84 ? -2  GLY A C   1 
ATOM   4    O O   . GLY A 1 1   ? 21.444  -1.207  -5.549  1.00 17.55 ? -2  GLY A O   1 
ATOM   5    N N   . GLY A 1 2   ? 21.931  -2.410  -3.707  1.00 17.42 ? -1  GLY A N   1 
ATOM   6    C CA  . GLY A 1 2   ? 20.992  -1.712  -2.836  1.00 19.57 ? -1  GLY A CA  1 
ATOM   7    C C   . GLY A 1 2   ? 19.623  -2.361  -2.817  1.00 15.82 ? -1  GLY A C   1 
ATOM   8    O O   . GLY A 1 2   ? 19.169  -2.956  -3.788  1.00 17.33 ? -1  GLY A O   1 
ATOM   9    N N   . SER A 1 3   ? 18.956  -2.251  -1.669  1.00 18.97 ? 0   SER A N   1 
ATOM   10   C CA  . SER A 1 3   ? 17.594  -2.755  -1.538  1.00 18.91 ? 0   SER A CA  1 
ATOM   11   C C   . SER A 1 3   ? 16.907  -2.036  -0.389  1.00 17.84 ? 0   SER A C   1 
ATOM   12   O O   . SER A 1 3   ? 17.562  -1.538  0.530   1.00 21.51 ? 0   SER A O   1 
ATOM   13   C CB  . SER A 1 3   ? 17.544  -4.270  -1.313  1.00 24.94 ? 0   SER A CB  1 
ATOM   14   O OG  . SER A 1 3   ? 17.961  -4.605  0.000   1.00 26.81 ? 0   SER A OG  1 
ATOM   15   N N   . MET A 1 4   ? 15.580  -2.002  -0.447  1.00 14.38 ? 1   MET A N   1 
ATOM   16   C CA  . MET A 1 4   ? 14.758  -1.315  0.541   1.00 15.52 ? 1   MET A CA  1 
ATOM   17   C C   . MET A 1 4   ? 13.895  -2.349  1.253   1.00 14.91 ? 1   MET A C   1 
ATOM   18   O O   . MET A 1 4   ? 13.119  -3.064  0.608   1.00 17.39 ? 1   MET A O   1 
ATOM   19   C CB  . MET A 1 4   ? 13.883  -0.271  -0.145  1.00 14.76 ? 1   MET A CB  1 
ATOM   20   C CG  . MET A 1 4   ? 13.056  0.577   0.817   1.00 15.82 ? 1   MET A CG  1 
ATOM   21   S SD  . MET A 1 4   ? 12.013  1.778   -0.040  1.00 18.53 ? 1   MET A SD  1 
ATOM   22   C CE  . MET A 1 4   ? 11.512  2.851   1.308   1.00 21.51 ? 1   MET A CE  1 
ATOM   23   N N   . LYS A 1 5   ? 14.055  -2.448  2.571   1.00 17.00 ? 2   LYS A N   1 
ATOM   24   C CA  . LYS A 1 5   ? 13.247  -3.331  3.401   1.00 17.34 ? 2   LYS A CA  1 
ATOM   25   C C   . LYS A 1 5   ? 12.284  -2.480  4.214   1.00 16.11 ? 2   LYS A C   1 
ATOM   26   O O   . LYS A 1 5   ? 12.680  -1.460  4.790   1.00 18.36 ? 2   LYS A O   1 
ATOM   27   C CB  . LYS A 1 5   ? 14.114  -4.165  4.352   1.00 19.08 ? 2   LYS A CB  1 
ATOM   28   C CG  . LYS A 1 5   ? 13.318  -5.198  5.142   1.00 21.69 ? 2   LYS A CG  1 
ATOM   29   C CD  . LYS A 1 5   ? 14.205  -6.159  5.921   1.00 30.89 ? 2   LYS A CD  1 
ATOM   30   C CE  . LYS A 1 5   ? 13.443  -7.434  6.257   1.00 37.97 ? 2   LYS A CE  1 
ATOM   31   N NZ  . LYS A 1 5   ? 12.675  -7.284  7.526   1.00 42.69 ? 2   LYS A NZ  1 
ATOM   32   N N   . ILE A 1 6   ? 11.025  -2.898  4.257   1.00 13.46 ? 3   ILE A N   1 
ATOM   33   C CA  . ILE A 1 6   ? 9.958   -2.137  4.896   1.00 13.84 ? 3   ILE A CA  1 
ATOM   34   C C   . ILE A 1 6   ? 9.575   -2.852  6.181   1.00 12.67 ? 3   ILE A C   1 
ATOM   35   O O   . ILE A 1 6   ? 9.242   -4.042  6.156   1.00 13.53 ? 3   ILE A O   1 
ATOM   36   C CB  . ILE A 1 6   ? 8.737   -2.014  3.968   1.00 13.23 ? 3   ILE A CB  1 
ATOM   37   C CG1 . ILE A 1 6   ? 9.127   -1.410  2.611   1.00 16.23 ? 3   ILE A CG1 1 
ATOM   38   C CG2 . ILE A 1 6   ? 7.613   -1.233  4.641   1.00 14.67 ? 3   ILE A CG2 1 
ATOM   39   C CD1 . ILE A 1 6   ? 9.643   -0.001  2.672   1.00 16.50 ? 3   ILE A CD1 1 
ATOM   40   N N   . LYS A 1 7   ? 9.605   -2.122  7.300   1.00 12.78 ? 4   LYS A N   1 
ATOM   41   C CA  . LYS A 1 7   ? 9.206   -2.708  8.577   1.00 13.26 ? 4   LYS A CA  1 
ATOM   42   C C   . LYS A 1 7   ? 7.692   -2.891  8.660   1.00 11.21 ? 4   LYS A C   1 
ATOM   43   O O   . LYS A 1 7   ? 7.202   -3.940  9.094   1.00 12.06 ? 4   LYS A O   1 
ATOM   44   C CB  . LYS A 1 7   ? 9.690   -1.809  9.713   1.00 14.91 ? 4   LYS A CB  1 
ATOM   45   C CG  . LYS A 1 7   ? 9.116   -2.157  11.070  1.00 15.02 ? 4   LYS A CG  1 
ATOM   46   C CD  . LYS A 1 7   ? 9.666   -1.242  12.155  1.00 15.12 ? 4   LYS A CD  1 
ATOM   47   C CE  . LYS A 1 7   ? 9.054   -1.591  13.490  1.00 16.01 ? 4   LYS A CE  1 
ATOM   48   N NZ  . LYS A 1 7   ? 9.634   -0.755  14.573  1.00 16.32 ? 4   LYS A NZ  1 
ATOM   49   N N   . GLU A 1 8   ? 6.940   -1.887  8.237   1.00 10.90 ? 5   GLU A N   1 
ATOM   50   C CA  . GLU A 1 8   ? 5.487   -1.901  8.340   1.00 11.47 ? 5   GLU A CA  1 
ATOM   51   C C   . GLU A 1 8   ? 4.888   -2.927  7.388   1.00 11.02 ? 5   GLU A C   1 
ATOM   52   O O   . GLU A 1 8   ? 5.405   -3.177  6.300   1.00 12.16 ? 5   GLU A O   1 
ATOM   53   C CB  . GLU A 1 8   ? 4.940   -0.524  7.957   1.00 11.54 ? 5   GLU A CB  1 
ATOM   54   C CG  . GLU A 1 8   ? 5.304   0.597   8.915   1.00 12.81 ? 5   GLU A CG  1 
ATOM   55   C CD  . GLU A 1 8   ? 6.619   1.272   8.610   1.00 15.79 ? 5   GLU A CD  1 
ATOM   56   O OE1 . GLU A 1 8   ? 6.877   2.320   9.235   1.00 21.17 ? 5   GLU A OE1 1 
ATOM   57   O OE2 . GLU A 1 8   ? 7.404   0.774   7.776   1.00 17.35 ? 5   GLU A OE2 1 
ATOM   58   N N   . VAL A 1 9   ? 3.768   -3.515  7.797   1.00 10.33 ? 6   VAL A N   1 
ATOM   59   C CA  . VAL A 1 9   ? 2.985   -4.332  6.876   1.00 11.26 ? 6   VAL A CA  1 
ATOM   60   C C   . VAL A 1 9   ? 2.240   -3.412  5.920   1.00 10.08 ? 6   VAL A C   1 
ATOM   61   O O   . VAL A 1 9   ? 1.641   -2.413  6.332   1.00 10.44 ? 6   VAL A O   1 
ATOM   62   C CB  . VAL A 1 9   ? 2.037   -5.253  7.652   1.00 10.99 ? 6   VAL A CB  1 
ATOM   63   C CG1 . VAL A 1 9   ? 1.155   -6.047  6.697   1.00 13.95 ? 6   VAL A CG1 1 
ATOM   64   C CG2 . VAL A 1 9   ? 2.836   -6.172  8.576   1.00 13.28 ? 6   VAL A CG2 1 
ATOM   65   N N   . ILE A 1 10  ? 2.264   -3.744  4.639   1.00 9.79  ? 7   ILE A N   1 
ATOM   66   C CA  . ILE A 1 10  ? 1.617   -2.929  3.619   1.00 9.50  ? 7   ILE A CA  1 
ATOM   67   C C   . ILE A 1 10  ? 0.257   -3.530  3.302   1.00 8.32  ? 7   ILE A C   1 
ATOM   68   O O   . ILE A 1 10  ? 0.166   -4.699  2.905   1.00 10.43 ? 7   ILE A O   1 
ATOM   69   C CB  . ILE A 1 10  ? 2.485   -2.798  2.359   1.00 9.46  ? 7   ILE A CB  1 
ATOM   70   C CG1 . ILE A 1 10  ? 3.864   -2.250  2.733   1.00 10.73 ? 7   ILE A CG1 1 
ATOM   71   C CG2 . ILE A 1 10  ? 1.806   -1.846  1.397   1.00 11.55 ? 7   ILE A CG2 1 
ATOM   72   C CD1 . ILE A 1 10  ? 4.840   -2.241  1.570   1.00 11.47 ? 7   ILE A CD1 1 
ATOM   73   N N   . VAL A 1 11  ? -0.798  -2.742  3.479   1.00 9.56  ? 8   VAL A N   1 
ATOM   74   C CA  . VAL A 1 11  ? -2.157  -3.183  3.188   1.00 9.14  ? 8   VAL A CA  1 
ATOM   75   C C   . VAL A 1 11  ? -2.504  -2.745  1.772   1.00 8.97  ? 8   VAL A C   1 
ATOM   76   O O   . VAL A 1 11  ? -2.410  -1.555  1.441   1.00 10.10 ? 8   VAL A O   1 
ATOM   77   C CB  . VAL A 1 11  ? -3.148  -2.608  4.209   1.00 10.28 ? 8   VAL A CB  1 
ATOM   78   C CG1 . VAL A 1 11  ? -4.578  -2.843  3.744   1.00 13.63 ? 8   VAL A CG1 1 
ATOM   79   C CG2 . VAL A 1 11  ? -2.905  -3.233  5.559   1.00 12.27 ? 8   VAL A CG2 1 
ATOM   80   N N   . VAL A 1 12  ? -2.900  -3.707  0.940   1.00 9.35  ? 9   VAL A N   1 
ATOM   81   C CA  . VAL A 1 12  ? -3.146  -3.511  -0.483  1.00 9.98  ? 9   VAL A CA  1 
ATOM   82   C C   . VAL A 1 12  ? -4.454  -4.199  -0.850  1.00 10.56 ? 9   VAL A C   1 
ATOM   83   O O   . VAL A 1 12  ? -5.052  -4.919  -0.051  1.00 11.31 ? 9   VAL A O   1 
ATOM   84   C CB  . VAL A 1 12  ? -1.998  -4.058  -1.354  1.00 10.38 ? 9   VAL A CB  1 
ATOM   85   C CG1 . VAL A 1 12  ? -0.702  -3.429  -0.925  1.00 12.76 ? 9   VAL A CG1 1 
ATOM   86   C CG2 . VAL A 1 12  ? -1.905  -5.595  -1.250  1.00 11.16 ? 9   VAL A CG2 1 
ATOM   87   N N   . GLU A 1 13  ? -4.870  -4.003  -2.098  1.00 10.88 ? 10  GLU A N   1 
ATOM   88   C CA  . GLU A 1 13  ? -6.119  -4.608  -2.541  1.00 10.38 ? 10  GLU A CA  1 
ATOM   89   C C   . GLU A 1 13  ? -5.953  -6.085  -2.892  1.00 11.55 ? 10  GLU A C   1 
ATOM   90   O O   . GLU A 1 13  ? -6.624  -6.946  -2.314  1.00 13.33 ? 10  GLU A O   1 
ATOM   91   C CB  . GLU A 1 13  ? -6.693  -3.821  -3.717  1.00 12.62 ? 10  GLU A CB  1 
ATOM   92   C CG  . GLU A 1 13  ? -8.010  -4.394  -4.186  1.00 13.68 ? 10  GLU A CG  1 
ATOM   93   C CD  . GLU A 1 13  ? -8.601  -3.635  -5.346  1.00 20.52 ? 10  GLU A CD  1 
ATOM   94   O OE1 . GLU A 1 13  ? -9.578  -4.141  -5.930  1.00 25.81 ? 10  GLU A OE1 1 
ATOM   95   O OE2 . GLU A 1 13  ? -8.097  -2.537  -5.668  1.00 20.90 ? 10  GLU A OE2 1 
ATOM   96   N N   . GLY A 1 14  ? -5.060  -6.402  -3.824  1.00 11.29 ? 11  GLY A N   1 
ATOM   97   C CA  . GLY A 1 14  ? -5.056  -7.741  -4.382  1.00 13.21 ? 11  GLY A CA  1 
ATOM   98   C C   . GLY A 1 14  ? -3.698  -8.282  -4.751  1.00 11.46 ? 11  GLY A C   1 
ATOM   99   O O   . GLY A 1 14  ? -2.661  -7.666  -4.484  1.00 12.10 ? 11  GLY A O   1 
ATOM   100  N N   . LYS A 1 15  ? -3.709  -9.435  -5.418  1.00 11.58 ? 12  LYS A N   1 
ATOM   101  C CA  . LYS A 1 15  ? -2.480  -10.180 -5.643  1.00 11.88 ? 12  LYS A CA  1 
ATOM   102  C C   . LYS A 1 15  ? -1.502  -9.427  -6.536  1.00 12.08 ? 12  LYS A C   1 
ATOM   103  O O   . LYS A 1 15  ? -0.289  -9.554  -6.357  1.00 12.59 ? 12  LYS A O   1 
ATOM   104  C CB  . LYS A 1 15  ? -2.805  -11.556 -6.227  1.00 12.03 ? 12  LYS A CB  1 
ATOM   105  C CG  . LYS A 1 15  ? -3.359  -11.531 -7.642  1.00 14.49 ? 12  LYS A CG  1 
ATOM   106  C CD  . LYS A 1 15  ? -3.640  -12.947 -8.135  1.00 16.19 ? 12  LYS A CD  1 
ATOM   107  C CE  . LYS A 1 15  ? -4.057  -12.954 -9.605  1.00 20.34 ? 12  LYS A CE  1 
ATOM   108  N NZ  . LYS A 1 15  ? -2.913  -12.596 -10.479 1.00 26.56 ? 12  LYS A NZ  1 
ATOM   109  N N   . ASP A 1 16  ? -1.993  -8.654  -7.507  1.00 11.61 ? 13  ASP A N   1 
ATOM   110  C CA  . ASP A 1 16  ? -1.089  -7.965  -8.415  1.00 13.42 ? 13  ASP A CA  1 
ATOM   111  C C   . ASP A 1 16  ? -0.459  -6.744  -7.774  1.00 11.51 ? 13  ASP A C   1 
ATOM   112  O O   . ASP A 1 16  ? 0.624   -6.324  -8.189  1.00 12.32 ? 13  ASP A O   1 
ATOM   113  C CB  . ASP A 1 16  ? -1.814  -7.655  -9.726  1.00 15.95 ? 13  ASP A CB  1 
ATOM   114  C CG  . ASP A 1 16  ? -2.279  -8.932  -10.432 1.00 18.37 ? 13  ASP A CG  1 
ATOM   115  O OD1 . ASP A 1 16  ? -1.515  -9.918  -10.431 1.00 22.70 ? 13  ASP A OD1 1 
ATOM   116  O OD2 . ASP A 1 16  ? -3.419  -8.957  -10.940 1.00 25.90 ? 13  ASP A OD2 1 
ATOM   117  N N   . ASP A 1 17  ? -1.108  -6.193  -6.747  1.00 12.66 ? 14  ASP A N   1 
ATOM   118  C CA  . ASP A 1 17  ? -0.482  -5.165  -5.928  1.00 11.55 ? 14  ASP A CA  1 
ATOM   119  C C   . ASP A 1 17  ? 0.681   -5.752  -5.143  1.00 11.03 ? 14  ASP A C   1 
ATOM   120  O O   . ASP A 1 17  ? 1.787   -5.200  -5.142  1.00 11.34 ? 14  ASP A O   1 
ATOM   121  C CB  . ASP A 1 17  ? -1.515  -4.590  -4.957  1.00 13.17 ? 14  ASP A CB  1 
ATOM   122  C CG  . ASP A 1 17  ? -2.711  -3.981  -5.649  1.00 18.26 ? 14  ASP A CG  1 
ATOM   123  O OD1 . ASP A 1 17  ? -2.633  -2.795  -6.039  1.00 23.29 ? 14  ASP A OD1 1 
ATOM   124  O OD2 . ASP A 1 17  ? -3.746  -4.671  -5.776  1.00 16.56 ? 14  ASP A OD2 1 
ATOM   125  N N   . THR A 1 18  ? 0.449   -6.888  -4.474  1.00 11.19 ? 15  THR A N   1 
ATOM   126  C CA  . THR A 1 18  ? 1.531   -7.566  -3.774  1.00 11.77 ? 15  THR A CA  1 
ATOM   127  C C   . THR A 1 18  ? 2.695   -7.854  -4.709  1.00 11.22 ? 15  THR A C   1 
ATOM   128  O O   . THR A 1 18  ? 3.855   -7.622  -4.351  1.00 11.91 ? 15  THR A O   1 
ATOM   129  C CB  . THR A 1 18  ? 1.005   -8.845  -3.131  1.00 10.79 ? 15  THR A CB  1 
ATOM   130  O OG1 . THR A 1 18  ? 0.133   -8.487  -2.054  1.00 11.42 ? 15  THR A OG1 1 
ATOM   131  C CG2 . THR A 1 18  ? 2.145   -9.693  -2.595  1.00 13.31 ? 15  THR A CG2 1 
ATOM   132  N N   . ALA A 1 19  ? 2.408   -8.332  -5.922  1.00 11.06 ? 16  ALA A N   1 
ATOM   133  C CA  . ALA A 1 19  ? 3.486   -8.681  -6.836  1.00 11.63 ? 16  ALA A CA  1 
ATOM   134  C C   . ALA A 1 19  ? 4.306   -7.455  -7.214  1.00 11.62 ? 16  ALA A C   1 
ATOM   135  O O   . ALA A 1 19  ? 5.541   -7.508  -7.233  1.00 13.39 ? 16  ALA A O   1 
ATOM   136  C CB  . ALA A 1 19  ? 2.908   -9.353  -8.080  1.00 14.98 ? 16  ALA A CB  1 
ATOM   137  N N   . ALA A 1 20  ? 3.639   -6.341  -7.523  1.00 12.20 ? 17  ALA A N   1 
ATOM   138  C CA  . ALA A 1 20  ? 4.363   -5.128  -7.879  1.00 12.86 ? 17  ALA A CA  1 
ATOM   139  C C   . ALA A 1 20  ? 5.212   -4.637  -6.711  1.00 12.09 ? 17  ALA A C   1 
ATOM   140  O O   . ALA A 1 20  ? 6.338   -4.159  -6.902  1.00 13.51 ? 17  ALA A O   1 
ATOM   141  C CB  . ALA A 1 20  ? 3.377   -4.046  -8.322  1.00 14.34 ? 17  ALA A CB  1 
ATOM   142  N N   . ILE A 1 21  ? 4.678   -4.727  -5.490  1.00 11.26 ? 18  ILE A N   1 
ATOM   143  C CA  . ILE A 1 21  ? 5.426   -4.317  -4.305  1.00 10.95 ? 18  ILE A CA  1 
ATOM   144  C C   . ILE A 1 21  ? 6.657   -5.188  -4.113  1.00 11.84 ? 18  ILE A C   1 
ATOM   145  O O   . ILE A 1 21  ? 7.752   -4.682  -3.842  1.00 11.48 ? 18  ILE A O   1 
ATOM   146  C CB  . ILE A 1 21  ? 4.502   -4.341  -3.078  1.00 13.43 ? 18  ILE A CB  1 
ATOM   147  C CG1 . ILE A 1 21  ? 3.537   -3.163  -3.174  1.00 18.20 ? 18  ILE A CG1 1 
ATOM   148  C CG2 . ILE A 1 21  ? 5.299   -4.309  -1.779  1.00 15.19 ? 18  ILE A CG2 1 
ATOM   149  C CD1 . ILE A 1 21  ? 2.439   -3.217  -2.183  1.00 23.37 ? 18  ILE A CD1 1 
ATOM   150  N N   A ARG A 1 22  ? 6.498   -6.514  -4.230  0.58 12.56 ? 19  ARG A N   1 
ATOM   151  N N   B ARG A 1 22  ? 6.503   -6.505  -4.247  0.42 12.60 ? 19  ARG A N   1 
ATOM   152  C CA  A ARG A 1 22  ? 7.635   -7.404  -3.993  0.58 13.46 ? 19  ARG A CA  1 
ATOM   153  C CA  B ARG A 1 22  ? 7.638   -7.380  -3.981  0.42 13.49 ? 19  ARG A CA  1 
ATOM   154  C C   A ARG A 1 22  ? 8.730   -7.203  -5.034  0.58 11.92 ? 19  ARG A C   1 
ATOM   155  C C   B ARG A 1 22  ? 8.682   -7.359  -5.091  0.42 12.03 ? 19  ARG A C   1 
ATOM   156  O O   A ARG A 1 22  ? 9.909   -7.426  -4.737  0.58 12.97 ? 19  ARG A O   1 
ATOM   157  O O   B ARG A 1 22  ? 9.786   -7.876  -4.885  0.42 14.54 ? 19  ARG A O   1 
ATOM   158  C CB  A ARG A 1 22  ? 7.199   -8.872  -3.894  0.58 17.02 ? 19  ARG A CB  1 
ATOM   159  C CB  B ARG A 1 22  ? 7.172   -8.785  -3.596  0.42 18.36 ? 19  ARG A CB  1 
ATOM   160  C CG  A ARG A 1 22  ? 5.954   -9.119  -3.028  0.58 21.63 ? 19  ARG A CG  1 
ATOM   161  C CG  B ARG A 1 22  ? 6.682   -8.847  -2.149  0.42 22.36 ? 19  ARG A CG  1 
ATOM   162  C CD  A ARG A 1 22  ? 6.168   -9.704  -1.620  0.58 28.05 ? 19  ARG A CD  1 
ATOM   163  C CD  B ARG A 1 22  ? 6.460   -10.267 -1.655  0.42 29.70 ? 19  ARG A CD  1 
ATOM   164  N NE  A ARG A 1 22  ? 4.872   -9.870  -0.948  0.58 32.19 ? 19  ARG A NE  1 
ATOM   165  N NE  B ARG A 1 22  ? 7.517   -10.746 -0.769  0.42 29.82 ? 19  ARG A NE  1 
ATOM   166  C CZ  A ARG A 1 22  ? 4.695   -10.208 0.330   0.58 27.56 ? 19  ARG A CZ  1 
ATOM   167  C CZ  B ARG A 1 22  ? 7.674   -12.018 -0.411  0.42 27.79 ? 19  ARG A CZ  1 
ATOM   168  N NH1 A ARG A 1 22  ? 3.459   -10.327 0.838   0.58 11.07 ? 19  ARG A NH1 1 
ATOM   169  N NH1 B ARG A 1 22  ? 8.662   -12.364 0.403   0.42 29.46 ? 19  ARG A NH1 1 
ATOM   170  N NH2 A ARG A 1 22  ? 5.751   -10.432 1.099   0.58 31.25 ? 19  ARG A NH2 1 
ATOM   171  N NH2 B ARG A 1 22  ? 6.843   -12.945 -0.865  0.42 29.98 ? 19  ARG A NH2 1 
ATOM   172  N N   . ARG A 1 23  ? 8.373   -6.762  -6.243  1.00 11.91 ? 20  ARG A N   1 
ATOM   173  C CA  . ARG A 1 23  ? 9.381   -6.461  -7.253  1.00 11.76 ? 20  ARG A CA  1 
ATOM   174  C C   . ARG A 1 23  ? 10.177  -5.205  -6.912  1.00 12.63 ? 20  ARG A C   1 
ATOM   175  O O   . ARG A 1 23  ? 11.193  -4.931  -7.562  1.00 15.31 ? 20  ARG A O   1 
ATOM   176  C CB  . ARG A 1 23  ? 8.715   -6.295  -8.619  1.00 12.83 ? 20  ARG A CB  1 
ATOM   177  C CG  . ARG A 1 23  ? 8.180   -7.602  -9.191  1.00 14.30 ? 20  ARG A CG  1 
ATOM   178  C CD  . ARG A 1 23  ? 7.825   -7.480  -10.660 1.00 19.46 ? 20  ARG A CD  1 
ATOM   179  N NE  . ARG A 1 23  ? 6.702   -6.585  -10.876 1.00 19.59 ? 20  ARG A NE  1 
ATOM   180  C CZ  . ARG A 1 23  ? 5.443   -6.987  -11.006 1.00 20.05 ? 20  ARG A CZ  1 
ATOM   181  N NH1 . ARG A 1 23  ? 4.483   -6.093  -11.195 1.00 20.25 ? 20  ARG A NH1 1 
ATOM   182  N NH2 . ARG A 1 23  ? 5.144   -8.282  -10.945 1.00 23.80 ? 20  ARG A NH2 1 
ATOM   183  N N   . ALA A 1 24  ? 9.756   -4.450  -5.897  1.00 11.92 ? 21  ALA A N   1 
ATOM   184  C CA  . ALA A 1 24  ? 10.368  -3.187  -5.515  1.00 11.54 ? 21  ALA A CA  1 
ATOM   185  C C   . ALA A 1 24  ? 11.045  -3.214  -4.159  1.00 11.18 ? 21  ALA A C   1 
ATOM   186  O O   . ALA A 1 24  ? 12.050  -2.526  -3.974  1.00 12.70 ? 21  ALA A O   1 
ATOM   187  C CB  . ALA A 1 24  ? 9.306   -2.084  -5.504  1.00 13.72 ? 21  ALA A CB  1 
ATOM   188  N N   . VAL A 1 25  ? 10.477  -3.921  -3.177  1.00 11.61 ? 22  VAL A N   1 
ATOM   189  C CA  . VAL A 1 25  ? 10.943  -3.875  -1.795  1.00 11.69 ? 22  VAL A CA  1 
ATOM   190  C C   . VAL A 1 25  ? 10.807  -5.251  -1.162  1.00 11.40 ? 22  VAL A C   1 
ATOM   191  O O   . VAL A 1 25  ? 10.093  -6.124  -1.658  1.00 13.97 ? 22  VAL A O   1 
ATOM   192  C CB  . VAL A 1 25  ? 10.145  -2.848  -0.945  1.00 11.54 ? 22  VAL A CB  1 
ATOM   193  C CG1 . VAL A 1 25  ? 10.332  -1.431  -1.474  1.00 12.91 ? 22  VAL A CG1 1 
ATOM   194  C CG2 . VAL A 1 25  ? 8.672   -3.223  -0.859  1.00 11.40 ? 22  VAL A CG2 1 
ATOM   195  N N   . ASP A 1 26  ? 11.481  -5.422  -0.032  1.00 12.66 ? 23  ASP A N   1 
ATOM   196  C CA  . ASP A 1 26  ? 11.269  -6.574  0.833   1.00 14.36 ? 23  ASP A CA  1 
ATOM   197  C C   . ASP A 1 26  ? 10.230  -6.157  1.864   1.00 13.31 ? 23  ASP A C   1 
ATOM   198  O O   . ASP A 1 26  ? 10.529  -5.377  2.774   1.00 14.04 ? 23  ASP A O   1 
ATOM   199  C CB  . ASP A 1 26  ? 12.589  -6.963  1.496   1.00 17.92 ? 23  ASP A CB  1 
ATOM   200  C CG  . ASP A 1 26  ? 12.481  -8.214  2.334   1.00 24.41 ? 23  ASP A CG  1 
ATOM   201  O OD1 . ASP A 1 26  ? 11.436  -8.897  2.283   1.00 25.03 ? 23  ASP A OD1 1 
ATOM   202  O OD2 . ASP A 1 26  ? 13.467  -8.527  3.037   1.00 28.69 ? 23  ASP A OD2 1 
ATOM   203  N N   . ALA A 1 27  ? 9.012   -6.666  1.716   1.00 12.85 ? 24  ALA A N   1 
ATOM   204  C CA  . ALA A 1 27  ? 7.924   -6.235  2.583   1.00 12.11 ? 24  ALA A CA  1 
ATOM   205  C C   . ALA A 1 27  ? 6.887   -7.337  2.698   1.00 13.04 ? 24  ALA A C   1 
ATOM   206  O O   . ALA A 1 27  ? 6.730   -8.158  1.792   1.00 15.84 ? 24  ALA A O   1 
ATOM   207  C CB  . ALA A 1 27  ? 7.248   -4.960  2.057   1.00 12.94 ? 24  ALA A CB  1 
ATOM   208  N N   . ASP A 1 28  ? 6.184   -7.347  3.827   1.00 11.21 ? 25  ASP A N   1 
ATOM   209  C CA  . ASP A 1 28  ? 4.997   -8.171  3.986   1.00 12.51 ? 25  ASP A CA  1 
ATOM   210  C C   . ASP A 1 28  ? 3.763   -7.367  3.603   1.00 11.24 ? 25  ASP A C   1 
ATOM   211  O O   . ASP A 1 28  ? 3.725   -6.144  3.754   1.00 11.74 ? 25  ASP A O   1 
ATOM   212  C CB  . ASP A 1 28  ? 4.861   -8.626  5.437   1.00 13.02 ? 25  ASP A CB  1 
ATOM   213  C CG  . ASP A 1 28  ? 5.901   -9.641  5.817   1.00 16.59 ? 25  ASP A CG  1 
ATOM   214  O OD1 . ASP A 1 28  ? 5.988   -10.686 5.140   1.00 19.08 ? 25  ASP A OD1 1 
ATOM   215  O OD2 . ASP A 1 28  ? 6.642   -9.391  6.788   1.00 18.06 ? 25  ASP A OD2 1 
ATOM   216  N N   . THR A 1 29  ? 2.750   -8.058  3.094   1.00 11.43 ? 26  THR A N   1 
ATOM   217  C CA  . THR A 1 29  ? 1.508   -7.415  2.687   1.00 11.43 ? 26  THR A CA  1 
ATOM   218  C C   . THR A 1 29  ? 0.309   -8.164  3.249   1.00 11.02 ? 26  THR A C   1 
ATOM   219  O O   . THR A 1 29  ? 0.378   -9.363  3.553   1.00 11.97 ? 26  THR A O   1 
ATOM   220  C CB  . THR A 1 29  ? 1.345   -7.327  1.159   1.00 11.03 ? 26  THR A CB  1 
ATOM   221  O OG1 . THR A 1 29  ? 1.209   -8.647  0.617   1.00 12.63 ? 26  THR A OG1 1 
ATOM   222  C CG2 . THR A 1 29  ? 2.528   -6.609  0.491   1.00 12.34 ? 26  THR A CG2 1 
ATOM   223  N N   . ILE A 1 30  ? -0.797  -7.431  3.363   1.00 10.98 ? 27  ILE A N   1 
ATOM   224  C CA  . ILE A 1 30  ? -2.114  -7.988  3.650   1.00 10.20 ? 27  ILE A CA  1 
ATOM   225  C C   . ILE A 1 30  ? -3.031  -7.505  2.541   1.00 10.48 ? 27  ILE A C   1 
ATOM   226  O O   . ILE A 1 30  ? -3.094  -6.296  2.276   1.00 11.34 ? 27  ILE A O   1 
ATOM   227  C CB  . ILE A 1 30  ? -2.652  -7.497  5.009   1.00 10.30 ? 27  ILE A CB  1 
ATOM   228  C CG1 . ILE A 1 30  ? -1.867  -8.091  6.177   1.00 11.09 ? 27  ILE A CG1 1 
ATOM   229  C CG2 . ILE A 1 30  ? -4.145  -7.772  5.145   1.00 12.01 ? 27  ILE A CG2 1 
ATOM   230  C CD1 . ILE A 1 30  ? -2.162  -7.418  7.503   1.00 12.93 ? 27  ILE A CD1 1 
ATOM   231  N N   . GLU A 1 31  ? -3.742  -8.430  1.901   1.00 9.26  ? 28  GLU A N   1 
ATOM   232  C CA  . GLU A 1 31  ? -4.634  -8.107  0.798   1.00 10.26 ? 28  GLU A CA  1 
ATOM   233  C C   . GLU A 1 31  ? -6.061  -8.047  1.312   1.00 11.79 ? 28  GLU A C   1 
ATOM   234  O O   . GLU A 1 31  ? -6.512  -8.952  2.022   1.00 12.81 ? 28  GLU A O   1 
ATOM   235  C CB  . GLU A 1 31  ? -4.512  -9.171  -0.293  1.00 10.18 ? 28  GLU A CB  1 
ATOM   236  C CG  . GLU A 1 31  ? -3.111  -9.144  -0.923  1.00 13.51 ? 28  GLU A CG  1 
ATOM   237  C CD  . GLU A 1 31  ? -2.710  -10.391 -1.729  1.00 11.25 ? 28  GLU A CD  1 
ATOM   238  O OE1 . GLU A 1 31  ? -1.523  -10.480 -2.099  1.00 11.90 ? 28  GLU A OE1 1 
ATOM   239  O OE2 . GLU A 1 31  ? -3.553  -11.265 -2.004  1.00 13.24 ? 28  GLU A OE2 1 
ATOM   240  N N   . THR A 1 32  ? -6.767  -6.980  0.969   1.00 10.99 ? 29  THR A N   1 
ATOM   241  C CA  . THR A 1 32  ? -8.146  -6.846  1.420   1.00 12.39 ? 29  THR A CA  1 
ATOM   242  C C   . THR A 1 32  ? -9.139  -7.441  0.444   1.00 12.64 ? 29  THR A C   1 
ATOM   243  O O   . THR A 1 32  ? -10.255 -7.782  0.858   1.00 13.61 ? 29  THR A O   1 
ATOM   244  C CB  . THR A 1 32  ? -8.545  -5.373  1.637   1.00 11.75 ? 29  THR A CB  1 
ATOM   245  O OG1 . THR A 1 32  ? -8.551  -4.691  0.384   1.00 14.59 ? 29  THR A OG1 1 
ATOM   246  C CG2 . THR A 1 32  ? -7.617  -4.665  2.613   1.00 14.51 ? 29  THR A CG2 1 
ATOM   247  N N   . ASN A 1 33  ? -8.771  -7.534  -0.835  1.00 11.06 ? 30  ASN A N   1 
ATOM   248  C CA  . ASN A 1 33  ? -9.665  -7.994  -1.895  1.00 12.20 ? 30  ASN A CA  1 
ATOM   249  C C   . ASN A 1 33  ? -10.961 -7.195  -1.966  1.00 14.60 ? 30  ASN A C   1 
ATOM   250  O O   . ASN A 1 33  ? -12.010 -7.729  -2.333  1.00 17.39 ? 30  ASN A O   1 
ATOM   251  C CB  . ASN A 1 33  ? -9.917  -9.497  -1.806  1.00 14.24 ? 30  ASN A CB  1 
ATOM   252  C CG  . ASN A 1 33  ? -8.632  -10.279 -1.866  1.00 12.63 ? 30  ASN A CG  1 
ATOM   253  O OD1 . ASN A 1 33  ? -8.247  -10.956 -0.911  1.00 18.88 ? 30  ASN A OD1 1 
ATOM   254  N ND2 . ASN A 1 33  ? -7.929  -10.130 -2.965  1.00 12.87 ? 30  ASN A ND2 1 
ATOM   255  N N   . GLY A 1 34  ? -10.894 -5.907  -1.636  1.00 14.26 ? 31  GLY A N   1 
ATOM   256  C CA  . GLY A 1 34  ? -12.009 -4.992  -1.759  1.00 14.84 ? 31  GLY A CA  1 
ATOM   257  C C   . GLY A 1 34  ? -12.211 -4.202  -0.490  1.00 15.15 ? 31  GLY A C   1 
ATOM   258  O O   . GLY A 1 34  ? -11.402 -4.246  0.441   1.00 16.54 ? 31  GLY A O   1 
ATOM   259  N N   . ALA A 1 35  ? -13.316 -3.460  -0.442  1.00 16.51 ? 32  ALA A N   1 
ATOM   260  C CA  . ALA A 1 35  ? -13.617 -2.612  0.703   1.00 17.20 ? 32  ALA A CA  1 
ATOM   261  C C   . ALA A 1 35  ? -14.539 -3.275  1.716   1.00 18.60 ? 32  ALA A C   1 
ATOM   262  O O   . ALA A 1 35  ? -14.679 -2.761  2.829   1.00 23.17 ? 32  ALA A O   1 
ATOM   263  C CB  . ALA A 1 35  ? -14.222 -1.279  0.247   1.00 19.26 ? 32  ALA A CB  1 
ATOM   264  N N   . ALA A 1 36  ? -15.180 -4.386  1.365   1.00 18.26 ? 33  ALA A N   1 
ATOM   265  C CA  . ALA A 1 36  ? -15.991 -5.137  2.324   1.00 20.54 ? 33  ALA A CA  1 
ATOM   266  C C   . ALA A 1 36  ? -15.059 -6.108  3.033   1.00 21.22 ? 33  ALA A C   1 
ATOM   267  O O   . ALA A 1 36  ? -14.816 -7.224  2.572   1.00 23.67 ? 33  ALA A O   1 
ATOM   268  C CB  . ALA A 1 36  ? -17.131 -5.861  1.622   1.00 27.31 ? 33  ALA A CB  1 
ATOM   269  N N   . VAL A 1 37  ? -14.525 -5.679  4.169   1.00 23.28 ? 34  VAL A N   1 
ATOM   270  C CA  . VAL A 1 37  ? -13.478 -6.397  4.884   1.00 23.22 ? 34  VAL A CA  1 
ATOM   271  C C   . VAL A 1 37  ? -14.078 -6.987  6.151   1.00 25.08 ? 34  VAL A C   1 
ATOM   272  O O   . VAL A 1 37  ? -14.732 -6.277  6.923   1.00 26.56 ? 34  VAL A O   1 
ATOM   273  C CB  . VAL A 1 37  ? -12.314 -5.452  5.230   1.00 25.54 ? 34  VAL A CB  1 
ATOM   274  C CG1 . VAL A 1 37  ? -11.203 -6.216  5.914   1.00 27.33 ? 34  VAL A CG1 1 
ATOM   275  C CG2 . VAL A 1 37  ? -11.798 -4.752  3.981   1.00 26.43 ? 34  VAL A CG2 1 
ATOM   276  N N   . GLY A 1 38  ? -13.849 -8.282  6.369   1.00 20.16 ? 35  GLY A N   1 
ATOM   277  C CA  . GLY A 1 38  ? -14.344 -8.924  7.570   1.00 26.30 ? 35  GLY A CA  1 
ATOM   278  C C   . GLY A 1 38  ? -13.529 -8.559  8.796   1.00 19.27 ? 35  GLY A C   1 
ATOM   279  O O   . GLY A 1 38  ? -12.393 -8.095  8.708   1.00 20.64 ? 35  GLY A O   1 
ATOM   280  N N   . ALA A 1 39  ? -14.133 -8.782  9.968   1.00 19.84 ? 36  ALA A N   1 
ATOM   281  C CA  . ALA A 1 39  ? -13.477 -8.426  11.221  1.00 19.05 ? 36  ALA A CA  1 
ATOM   282  C C   . ALA A 1 39  ? -12.148 -9.150  11.393  1.00 17.07 ? 36  ALA A C   1 
ATOM   283  O O   . ALA A 1 39  ? -11.230 -8.613  12.024  1.00 18.77 ? 36  ALA A O   1 
ATOM   284  C CB  . ALA A 1 39  ? -14.409 -8.702  12.404  1.00 22.31 ? 36  ALA A CB  1 
ATOM   285  N N   . GLU A 1 40  ? -12.026 -10.361 10.853  1.00 18.43 ? 37  GLU A N   1 
ATOM   286  C CA  . GLU A 1 40  ? -10.780 -11.105 10.999  1.00 20.47 ? 37  GLU A CA  1 
ATOM   287  C C   . GLU A 1 40  ? -9.617  -10.381 10.327  1.00 17.92 ? 37  GLU A C   1 
ATOM   288  O O   . GLU A 1 40  ? -8.525  -10.274 10.903  1.00 19.31 ? 37  GLU A O   1 
ATOM   289  C CB  . GLU A 1 40  ? -10.940 -12.515 10.432  1.00 24.97 ? 37  GLU A CB  1 
ATOM   290  C CG  . GLU A 1 40  ? -9.826  -13.475 10.828  1.00 31.17 ? 37  GLU A CG  1 
ATOM   291  C CD  . GLU A 1 40  ? -8.622  -13.397 9.908   1.00 36.72 ? 37  GLU A CD  1 
ATOM   292  O OE1 . GLU A 1 40  ? -8.777  -12.945 8.753   1.00 32.83 ? 37  GLU A OE1 1 
ATOM   293  O OE2 . GLU A 1 40  ? -7.515  -13.780 10.350  1.00 30.56 ? 37  GLU A OE2 1 
ATOM   294  N N   . VAL A 1 41  ? -9.830  -9.886  9.106   1.00 17.77 ? 38  VAL A N   1 
ATOM   295  C CA  . VAL A 1 41  ? -8.776  -9.157  8.404   1.00 15.28 ? 38  VAL A CA  1 
ATOM   296  C C   . VAL A 1 41  ? -8.472  -7.843  9.114   1.00 14.54 ? 38  VAL A C   1 
ATOM   297  O O   . VAL A 1 41  ? -7.305  -7.455  9.247   1.00 14.69 ? 38  VAL A O   1 
ATOM   298  C CB  . VAL A 1 41  ? -9.153  -8.931  6.932   1.00 16.78 ? 38  VAL A CB  1 
ATOM   299  C CG1 . VAL A 1 41  ? -8.019  -8.239  6.194   1.00 20.58 ? 38  VAL A CG1 1 
ATOM   300  C CG2 . VAL A 1 41  ? -9.537  -10.244 6.263   1.00 25.76 ? 38  VAL A CG2 1 
ATOM   301  N N   . ILE A 1 42  ? -9.512  -7.139  9.572   1.00 14.98 ? 39  ILE A N   1 
ATOM   302  C CA  . ILE A 1 42  ? -9.308  -5.927  10.359  1.00 14.56 ? 39  ILE A CA  1 
ATOM   303  C C   . ILE A 1 42  ? -8.458  -6.233  11.583  1.00 14.51 ? 39  ILE A C   1 
ATOM   304  O O   . ILE A 1 42  ? -7.532  -5.482  11.921  1.00 14.46 ? 39  ILE A O   1 
ATOM   305  C CB  . ILE A 1 42  ? -10.659 -5.296  10.748  1.00 15.74 ? 39  ILE A CB  1 
ATOM   306  C CG1 . ILE A 1 42  ? -11.381 -4.744  9.524   1.00 16.63 ? 39  ILE A CG1 1 
ATOM   307  C CG2 . ILE A 1 42  ? -10.451 -4.181  11.750  1.00 18.69 ? 39  ILE A CG2 1 
ATOM   308  C CD1 . ILE A 1 42  ? -10.547 -3.810  8.691   1.00 17.69 ? 39  ILE A CD1 1 
ATOM   309  N N   . GLU A 1 43  ? -8.737  -7.356  12.247  1.00 16.48 ? 40  GLU A N   1 
ATOM   310  C CA  . GLU A 1 43  ? -7.970  -7.711  13.437  1.00 17.26 ? 40  GLU A CA  1 
ATOM   311  C C   . GLU A 1 43  ? -6.503  -7.954  13.099  1.00 15.38 ? 40  GLU A C   1 
ATOM   312  O O   . GLU A 1 43  ? -5.604  -7.497  13.818  1.00 16.31 ? 40  GLU A O   1 
ATOM   313  C CB  . GLU A 1 43  ? -8.584  -8.929  14.126  1.00 23.72 ? 40  GLU A CB  1 
ATOM   314  C CG  . GLU A 1 43  ? -8.015  -9.190  15.516  1.00 28.31 ? 40  GLU A CG  1 
ATOM   315  C CD  . GLU A 1 43  ? -8.142  -7.988  16.440  1.00 42.07 ? 40  GLU A CD  1 
ATOM   316  O OE1 . GLU A 1 43  ? -9.107  -7.206  16.288  1.00 50.38 ? 40  GLU A OE1 1 
ATOM   317  O OE2 . GLU A 1 43  ? -7.274  -7.824  17.325  1.00 47.76 ? 40  GLU A OE2 1 
ATOM   318  N N   . ARG A 1 44  ? -6.243  -8.654  11.992  1.00 15.42 ? 41  ARG A N   1 
ATOM   319  C CA  . ARG A 1 44  ? -4.865  -8.871  11.551  1.00 14.72 ? 41  ARG A CA  1 
ATOM   320  C C   . ARG A 1 44  ? -4.166  -7.551  11.254  1.00 13.29 ? 41  ARG A C   1 
ATOM   321  O O   . ARG A 1 44  ? -2.998  -7.363  11.611  1.00 14.93 ? 41  ARG A O   1 
ATOM   322  C CB  . ARG A 1 44  ? -4.855  -9.741  10.298  1.00 17.17 ? 41  ARG A CB  1 
ATOM   323  C CG  . ARG A 1 44  ? -5.011  -11.223 10.554  1.00 22.81 ? 41  ARG A CG  1 
ATOM   324  C CD  . ARG A 1 44  ? -4.629  -12.029 9.316   1.00 23.67 ? 41  ARG A CD  1 
ATOM   325  N NE  . ARG A 1 44  ? -5.683  -12.050 8.299   1.00 29.06 ? 41  ARG A NE  1 
ATOM   326  C CZ  . ARG A 1 44  ? -5.592  -11.498 7.089   1.00 26.50 ? 41  ARG A CZ  1 
ATOM   327  N NH1 . ARG A 1 44  ? -6.607  -11.586 6.242   1.00 30.79 ? 41  ARG A NH1 1 
ATOM   328  N NH2 . ARG A 1 44  ? -4.485  -10.873 6.719   1.00 31.60 ? 41  ARG A NH2 1 
ATOM   329  N N   . ILE A 1 45  ? -4.867  -6.618  10.606  1.00 12.24 ? 42  ILE A N   1 
ATOM   330  C CA  . ILE A 1 45  ? -4.291  -5.303  10.324  1.00 13.33 ? 42  ILE A CA  1 
ATOM   331  C C   . ILE A 1 45  ? -4.008  -4.548  11.614  1.00 11.18 ? 42  ILE A C   1 
ATOM   332  O O   . ILE A 1 45  ? -2.943  -3.936  11.772  1.00 13.93 ? 42  ILE A O   1 
ATOM   333  C CB  . ILE A 1 45  ? -5.206  -4.505  9.380   1.00 10.84 ? 42  ILE A CB  1 
ATOM   334  C CG1 . ILE A 1 45  ? -5.343  -5.224  8.031   1.00 12.40 ? 42  ILE A CG1 1 
ATOM   335  C CG2 . ILE A 1 45  ? -4.673  -3.081  9.190   1.00 11.91 ? 42  ILE A CG2 1 
ATOM   336  C CD1 . ILE A 1 45  ? -6.406  -4.622  7.132   1.00 13.61 ? 42  ILE A CD1 1 
ATOM   337  N N   . LYS A 1 46  ? -4.940  -4.601  12.567  1.00 13.33 ? 43  LYS A N   1 
ATOM   338  C CA  . LYS A 1 46  ? -4.747  -3.921  13.844  1.00 14.97 ? 43  LYS A CA  1 
ATOM   339  C C   . LYS A 1 46  ? -3.538  -4.469  14.589  1.00 15.24 ? 43  LYS A C   1 
ATOM   340  O O   . LYS A 1 46  ? -2.740  -3.704  15.145  1.00 16.69 ? 43  LYS A O   1 
ATOM   341  C CB  . LYS A 1 46  ? -6.004  -4.059  14.697  1.00 18.22 ? 43  LYS A CB  1 
ATOM   342  C CG  . LYS A 1 46  ? -5.858  -3.504  16.098  1.00 24.43 ? 43  LYS A CG  1 
ATOM   343  C CD  . LYS A 1 46  ? -7.115  -3.749  16.899  1.00 33.40 ? 43  LYS A CD  1 
ATOM   344  C CE  . LYS A 1 46  ? -8.344  -3.559  16.026  1.00 42.52 ? 43  LYS A CE  1 
ATOM   345  N NZ  . LYS A 1 46  ? -9.572  -3.477  16.845  1.00 46.29 ? 43  LYS A NZ  1 
ATOM   346  N N   . LEU A 1 47  ? -3.388  -5.794  14.617  1.00 14.81 ? 44  LEU A N   1 
ATOM   347  C CA  . LEU A 1 47  ? -2.247  -6.386  15.312  1.00 16.12 ? 44  LEU A CA  1 
ATOM   348  C C   . LEU A 1 47  ? -0.938  -6.010  14.632  1.00 16.87 ? 44  LEU A C   1 
ATOM   349  O O   . LEU A 1 47  ? 0.058   -5.710  15.305  1.00 17.22 ? 44  LEU A O   1 
ATOM   350  C CB  . LEU A 1 47  ? -2.405  -7.903  15.394  1.00 18.98 ? 44  LEU A CB  1 
ATOM   351  C CG  . LEU A 1 47  ? -3.626  -8.381  16.190  1.00 26.50 ? 44  LEU A CG  1 
ATOM   352  C CD1 . LEU A 1 47  ? -3.796  -9.889  16.099  1.00 27.68 ? 44  LEU A CD1 1 
ATOM   353  C CD2 . LEU A 1 47  ? -3.536  -7.933  17.645  1.00 31.49 ? 44  LEU A CD2 1 
ATOM   354  N N   . ALA A 1 48  ? -0.927  -6.005  13.297  1.00 14.62 ? 45  ALA A N   1 
ATOM   355  C CA  . ALA A 1 48  ? 0.250   -5.555  12.562  1.00 15.84 ? 45  ALA A CA  1 
ATOM   356  C C   . ALA A 1 48  ? 0.559   -4.094  12.865  1.00 13.69 ? 45  ALA A C   1 
ATOM   357  O O   . ALA A 1 48  ? 1.720   -3.737  13.116  1.00 15.87 ? 45  ALA A O   1 
ATOM   358  C CB  . ALA A 1 48  ? 0.050   -5.780  11.063  1.00 15.00 ? 45  ALA A CB  1 
ATOM   359  N N   . LYS A 1 49  ? -0.472  -3.239  12.873  1.00 14.33 ? 46  LYS A N   1 
ATOM   360  C CA  . LYS A 1 49  ? -0.280  -1.825  13.176  1.00 14.14 ? 46  LYS A CA  1 
ATOM   361  C C   . LYS A 1 49  ? 0.360   -1.652  14.542  1.00 16.32 ? 46  LYS A C   1 
ATOM   362  O O   . LYS A 1 49  ? 1.314   -0.885  14.701  1.00 18.58 ? 46  LYS A O   1 
ATOM   363  C CB  . LYS A 1 49  ? -1.616  -1.076  13.094  1.00 16.56 ? 46  LYS A CB  1 
ATOM   364  C CG  . LYS A 1 49  ? -1.493  0.453   13.111  1.00 18.37 ? 46  LYS A CG  1 
ATOM   365  C CD  . LYS A 1 49  ? -1.732  1.034   14.492  1.00 22.21 ? 46  LYS A CD  1 
ATOM   366  C CE  . LYS A 1 49  ? -2.970  0.456   15.146  1.00 18.70 ? 46  LYS A CE  1 
ATOM   367  N NZ  . LYS A 1 49  ? -3.346  1.216   16.366  1.00 23.25 ? 46  LYS A NZ  1 
ATOM   368  N N   . GLU A 1 50  ? -0.138  -2.384  15.536  1.00 17.02 ? 47  GLU A N   1 
ATOM   369  C CA  . GLU A 1 50  ? 0.375   -2.230  16.890  1.00 17.98 ? 47  GLU A CA  1 
ATOM   370  C C   . GLU A 1 50  ? 1.807   -2.738  17.026  1.00 17.75 ? 47  GLU A C   1 
ATOM   371  O O   . GLU A 1 50  ? 2.591   -2.170  17.795  1.00 21.57 ? 47  GLU A O   1 
ATOM   372  C CB  . GLU A 1 50  ? -0.553  -2.931  17.883  1.00 23.03 ? 47  GLU A CB  1 
ATOM   373  C CG  . GLU A 1 50  ? -1.891  -2.216  18.086  1.00 22.37 ? 47  GLU A CG  1 
ATOM   374  C CD  . GLU A 1 50  ? -2.899  -3.046  18.855  1.00 32.07 ? 47  GLU A CD  1 
ATOM   375  O OE1 . GLU A 1 50  ? -2.531  -4.130  19.354  1.00 35.02 ? 47  GLU A OE1 1 
ATOM   376  O OE2 . GLU A 1 50  ? -4.066  -2.611  18.962  1.00 33.11 ? 47  GLU A OE2 1 
ATOM   377  N N   A ARG A 1 51  ? 2.180   -3.783  16.287  0.47 16.52 ? 48  ARG A N   1 
ATOM   378  N N   B ARG A 1 51  ? 2.168   -3.786  16.291  0.53 16.52 ? 48  ARG A N   1 
ATOM   379  C CA  A ARG A 1 51  ? 3.501   -4.384  16.452  0.47 16.85 ? 48  ARG A CA  1 
ATOM   380  C CA  B ARG A 1 51  ? 3.484   -4.394  16.429  0.53 16.81 ? 48  ARG A CA  1 
ATOM   381  C C   A ARG A 1 51  ? 4.559   -3.787  15.530  0.47 16.51 ? 48  ARG A C   1 
ATOM   382  C C   B ARG A 1 51  ? 4.535   -3.728  15.548  0.53 16.47 ? 48  ARG A C   1 
ATOM   383  O O   A ARG A 1 51  ? 5.715   -3.617  15.940  0.47 17.90 ? 48  ARG A O   1 
ATOM   384  O O   B ARG A 1 51  ? 5.649   -3.442  16.004  0.53 17.99 ? 48  ARG A O   1 
ATOM   385  C CB  A ARG A 1 51  ? 3.435   -5.894  16.217  0.47 19.72 ? 48  ARG A CB  1 
ATOM   386  C CB  B ARG A 1 51  ? 3.413   -5.886  16.094  0.53 19.58 ? 48  ARG A CB  1 
ATOM   387  C CG  A ARG A 1 51  ? 2.705   -6.657  17.300  0.47 22.67 ? 48  ARG A CG  1 
ATOM   388  C CG  B ARG A 1 51  ? 4.564   -6.698  16.661  0.53 19.02 ? 48  ARG A CG  1 
ATOM   389  C CD  A ARG A 1 51  ? 3.477   -6.664  18.611  0.47 25.30 ? 48  ARG A CD  1 
ATOM   390  C CD  B ARG A 1 51  ? 4.280   -7.113  18.104  0.53 25.82 ? 48  ARG A CD  1 
ATOM   391  N NE  A ARG A 1 51  ? 4.764   -7.344  18.498  0.47 26.38 ? 48  ARG A NE  1 
ATOM   392  N NE  B ARG A 1 51  ? 4.424   -5.998  19.037  0.53 27.43 ? 48  ARG A NE  1 
ATOM   393  C CZ  A ARG A 1 51  ? 4.910   -8.665  18.524  0.47 24.21 ? 48  ARG A CZ  1 
ATOM   394  C CZ  B ARG A 1 51  ? 3.423   -5.456  19.726  0.53 26.44 ? 48  ARG A CZ  1 
ATOM   395  N NH1 A ARG A 1 51  ? 6.117   -9.205  18.415  0.47 29.42 ? 48  ARG A NH1 1 
ATOM   396  N NH1 B ARG A 1 51  ? 3.657   -4.437  20.545  0.53 19.07 ? 48  ARG A NH1 1 
ATOM   397  N NH2 A ARG A 1 51  ? 3.847   -9.446  18.655  0.47 26.58 ? 48  ARG A NH2 1 
ATOM   398  N NH2 B ARG A 1 51  ? 2.192   -5.933  19.605  0.53 28.98 ? 48  ARG A NH2 1 
ATOM   399  N N   . ARG A 1 52  ? 4.200   -3.487  14.284  1.00 14.00 ? 49  ARG A N   1 
ATOM   400  C CA  . ARG A 1 52  ? 5.171   -3.077  13.281  1.00 13.62 ? 49  ARG A CA  1 
ATOM   401  C C   . ARG A 1 52  ? 4.811   -1.792  12.567  1.00 10.99 ? 49  ARG A C   1 
ATOM   402  O O   . ARG A 1 52  ? 5.653   -1.271  11.825  1.00 13.53 ? 49  ARG A O   1 
ATOM   403  C CB  . ARG A 1 52  ? 5.325   -4.158  12.197  1.00 18.31 ? 49  ARG A CB  1 
ATOM   404  C CG  . ARG A 1 52  ? 5.680   -5.533  12.695  1.00 21.39 ? 49  ARG A CG  1 
ATOM   405  C CD  . ARG A 1 52  ? 5.377   -6.578  11.628  1.00 21.25 ? 49  ARG A CD  1 
ATOM   406  N NE  . ARG A 1 52  ? 6.045   -6.306  10.355  1.00 17.52 ? 49  ARG A NE  1 
ATOM   407  C CZ  . ARG A 1 52  ? 6.161   -7.202  9.384   1.00 16.40 ? 49  ARG A CZ  1 
ATOM   408  N NH1 . ARG A 1 52  ? 5.658   -8.420  9.550   1.00 19.86 ? 49  ARG A NH1 1 
ATOM   409  N NH2 . ARG A 1 52  ? 6.771   -6.883  8.253   1.00 16.39 ? 49  ARG A NH2 1 
ATOM   410  N N   . GLY A 1 53  ? 3.597   -1.291  12.734  1.00 12.15 ? 50  GLY A N   1 
ATOM   411  C CA  . GLY A 1 53  ? 3.069   -0.261  11.869  1.00 11.60 ? 50  GLY A CA  1 
ATOM   412  C C   . GLY A 1 53  ? 2.455   -0.852  10.615  1.00 10.54 ? 50  GLY A C   1 
ATOM   413  O O   . GLY A 1 53  ? 2.762   -1.970  10.200  1.00 11.12 ? 50  GLY A O   1 
ATOM   414  N N   . VAL A 1 54  ? 1.567   -0.066  10.007  1.00 10.22 ? 51  VAL A N   1 
ATOM   415  C CA  . VAL A 1 54  ? 0.883   -0.419  8.768   1.00 9.87  ? 51  VAL A CA  1 
ATOM   416  C C   . VAL A 1 54  ? 0.956   0.761   7.814   1.00 9.65  ? 51  VAL A C   1 
ATOM   417  O O   . VAL A 1 54  ? 0.782   1.912   8.227   1.00 10.72 ? 51  VAL A O   1 
ATOM   418  C CB  . VAL A 1 54  ? -0.586  -0.819  9.035   1.00 11.02 ? 51  VAL A CB  1 
ATOM   419  C CG1 . VAL A 1 54  ? -1.453  -0.671  7.781   1.00 11.96 ? 51  VAL A CG1 1 
ATOM   420  C CG2 . VAL A 1 54  ? -0.662  -2.250  9.544   1.00 12.46 ? 51  VAL A CG2 1 
ATOM   421  N N   . ILE A 1 55  ? 1.184   0.477   6.538   1.00 9.56  ? 52  ILE A N   1 
ATOM   422  C CA  . ILE A 1 55  ? 1.083   1.451   5.462   1.00 10.19 ? 52  ILE A CA  1 
ATOM   423  C C   . ILE A 1 55  ? -0.004  0.966   4.526   1.00 9.20  ? 52  ILE A C   1 
ATOM   424  O O   . ILE A 1 55  ? 0.097   -0.143  3.989   1.00 10.49 ? 52  ILE A O   1 
ATOM   425  C CB  . ILE A 1 55  ? 2.406   1.569   4.698   1.00 9.56  ? 52  ILE A CB  1 
ATOM   426  C CG1 . ILE A 1 55  ? 3.513   2.096   5.614   1.00 10.46 ? 52  ILE A CG1 1 
ATOM   427  C CG2 . ILE A 1 55  ? 2.214   2.430   3.459   1.00 11.43 ? 52  ILE A CG2 1 
ATOM   428  C CD1 . ILE A 1 55  ? 4.913   1.909   5.024   1.00 12.57 ? 52  ILE A CD1 1 
ATOM   429  N N   . ILE A 1 56  ? -1.020  1.793   4.291   1.00 9.29  ? 53  ILE A N   1 
ATOM   430  C CA  . ILE A 1 56  ? -2.057  1.485   3.308   1.00 8.75  ? 53  ILE A CA  1 
ATOM   431  C C   . ILE A 1 56  ? -1.621  2.039   1.952   1.00 8.74  ? 53  ILE A C   1 
ATOM   432  O O   . ILE A 1 56  ? -1.229  3.208   1.851   1.00 9.33  ? 53  ILE A O   1 
ATOM   433  C CB  . ILE A 1 56  ? -3.400  2.099   3.732   1.00 10.12 ? 53  ILE A CB  1 
ATOM   434  C CG1 . ILE A 1 56  ? -3.877  1.549   5.079   1.00 10.87 ? 53  ILE A CG1 1 
ATOM   435  C CG2 . ILE A 1 56  ? -4.454  1.878   2.647   1.00 10.88 ? 53  ILE A CG2 1 
ATOM   436  C CD1 . ILE A 1 56  ? -4.942  2.410   5.756   1.00 12.92 ? 53  ILE A CD1 1 
ATOM   437  N N   . PHE A 1 57  ? -1.704  1.220   0.904   1.00 9.81  ? 54  PHE A N   1 
ATOM   438  C CA  . PHE A 1 57  ? -1.228  1.624   -0.422  1.00 9.50  ? 54  PHE A CA  1 
ATOM   439  C C   . PHE A 1 57  ? -2.206  1.099   -1.474  1.00 9.91  ? 54  PHE A C   1 
ATOM   440  O O   . PHE A 1 57  ? -2.123  -0.065  -1.886  1.00 10.83 ? 54  PHE A O   1 
ATOM   441  C CB  . PHE A 1 57  ? 0.169   1.054   -0.624  1.00 10.83 ? 54  PHE A CB  1 
ATOM   442  C CG  . PHE A 1 57  ? 0.935   1.622   -1.787  1.00 10.21 ? 54  PHE A CG  1 
ATOM   443  C CD1 . PHE A 1 57  ? 0.530   2.743   -2.473  1.00 13.23 ? 54  PHE A CD1 1 
ATOM   444  C CD2 . PHE A 1 57  ? 2.103   1.003   -2.186  1.00 17.38 ? 54  PHE A CD2 1 
ATOM   445  C CE1 . PHE A 1 57  ? 1.288   3.233   -3.558  1.00 13.47 ? 54  PHE A CE1 1 
ATOM   446  C CE2 . PHE A 1 57  ? 2.849   1.478   -3.258  1.00 19.36 ? 54  PHE A CE2 1 
ATOM   447  C CZ  . PHE A 1 57  ? 2.440   2.595   -3.940  1.00 14.30 ? 54  PHE A CZ  1 
ATOM   448  N N   . THR A 1 58  ? -3.139  1.949   -1.902  1.00 10.15 ? 55  THR A N   1 
ATOM   449  C CA  . THR A 1 58  ? -4.189  1.567   -2.843  1.00 9.76  ? 55  THR A CA  1 
ATOM   450  C C   . THR A 1 58  ? -4.202  2.513   -4.039  1.00 11.83 ? 55  THR A C   1 
ATOM   451  O O   . THR A 1 58  ? -3.519  3.544   -4.054  1.00 14.41 ? 55  THR A O   1 
ATOM   452  C CB  . THR A 1 58  ? -5.556  1.533   -2.156  1.00 11.23 ? 55  THR A CB  1 
ATOM   453  O OG1 . THR A 1 58  ? -5.813  2.823   -1.606  1.00 13.43 ? 55  THR A OG1 1 
ATOM   454  C CG2 . THR A 1 58  ? -5.588  0.497   -1.035  1.00 13.68 ? 55  THR A CG2 1 
ATOM   455  N N   . ASP A 1 59  ? -4.999  2.140   -5.047  1.00 11.92 ? 56  ASP A N   1 
ATOM   456  C CA  . ASP A 1 59  ? -5.049  2.875   -6.303  1.00 13.64 ? 56  ASP A CA  1 
ATOM   457  C C   . ASP A 1 59  ? -5.661  4.263   -6.095  1.00 13.56 ? 56  ASP A C   1 
ATOM   458  O O   . ASP A 1 59  ? -6.577  4.438   -5.284  1.00 12.85 ? 56  ASP A O   1 
ATOM   459  C CB  . ASP A 1 59  ? -5.950  2.140   -7.298  1.00 12.58 ? 56  ASP A CB  1 
ATOM   460  C CG  . ASP A 1 59  ? -5.330  0.879   -7.883  1.00 16.18 ? 56  ASP A CG  1 
ATOM   461  O OD1 . ASP A 1 59  ? -4.134  0.619   -7.664  1.00 18.27 ? 56  ASP A OD1 1 
ATOM   462  O OD2 . ASP A 1 59  ? -6.074  0.151   -8.586  1.00 16.55 ? 56  ASP A OD2 1 
ATOM   463  N N   . PRO A 1 60  ? -5.221  5.251   -6.875  1.00 14.64 ? 57  PRO A N   1 
ATOM   464  C CA  . PRO A 1 60  ? -5.778  6.606   -6.786  1.00 17.17 ? 57  PRO A CA  1 
ATOM   465  C C   . PRO A 1 60  ? -7.020  6.784   -7.652  1.00 18.55 ? 57  PRO A C   1 
ATOM   466  O O   . PRO A 1 60  ? -7.078  7.659   -8.525  1.00 25.15 ? 57  PRO A O   1 
ATOM   467  C CB  . PRO A 1 60  ? -4.617  7.479   -7.271  1.00 20.81 ? 57  PRO A CB  1 
ATOM   468  C CG  . PRO A 1 60  ? -3.898  6.618   -8.262  1.00 22.72 ? 57  PRO A CG  1 
ATOM   469  C CD  . PRO A 1 60  ? -4.076  5.182   -7.801  1.00 20.37 ? 57  PRO A CD  1 
ATOM   470  N N   . ASP A 1 61  ? -8.017  5.932   -7.437  1.00 14.68 ? 58  ASP A N   1 
ATOM   471  C CA  . ASP A 1 61  ? -9.330  6.063   -8.051  1.00 15.30 ? 58  ASP A CA  1 
ATOM   472  C C   . ASP A 1 61  ? -10.368 5.827   -6.968  1.00 17.12 ? 58  ASP A C   1 
ATOM   473  O O   . ASP A 1 61  ? -10.028 5.549   -5.816  1.00 15.21 ? 58  ASP A O   1 
ATOM   474  C CB  . ASP A 1 61  ? -9.504  5.147   -9.272  1.00 17.66 ? 58  ASP A CB  1 
ATOM   475  C CG  . ASP A 1 61  ? -9.420  3.671   -8.933  1.00 14.98 ? 58  ASP A CG  1 
ATOM   476  O OD1 . ASP A 1 61  ? -9.211  3.298   -7.751  1.00 16.01 ? 58  ASP A OD1 1 
ATOM   477  O OD2 . ASP A 1 61  ? -9.559  2.860   -9.881  1.00 18.55 ? 58  ASP A OD2 1 
ATOM   478  N N   . PHE A 1 62  ? -11.644 5.950   -7.316  1.00 16.12 ? 59  PHE A N   1 
ATOM   479  C CA  . PHE A 1 62  ? -12.664 5.809   -6.278  1.00 15.15 ? 59  PHE A CA  1 
ATOM   480  C C   . PHE A 1 62  ? -12.594 4.481   -5.536  1.00 14.90 ? 59  PHE A C   1 
ATOM   481  O O   . PHE A 1 62  ? -12.557 4.502   -4.291  1.00 13.88 ? 59  PHE A O   1 
ATOM   482  C CB  . PHE A 1 62  ? -14.068 6.117   -6.808  1.00 17.46 ? 59  PHE A CB  1 
ATOM   483  C CG  . PHE A 1 62  ? -15.112 6.103   -5.731  1.00 17.74 ? 59  PHE A CG  1 
ATOM   484  C CD1 . PHE A 1 62  ? -15.715 4.923   -5.339  1.00 19.33 ? 59  PHE A CD1 1 
ATOM   485  C CD2 . PHE A 1 62  ? -15.463 7.275   -5.085  1.00 26.83 ? 59  PHE A CD2 1 
ATOM   486  C CE1 . PHE A 1 62  ? -16.662 4.913   -4.332  1.00 22.40 ? 59  PHE A CE1 1 
ATOM   487  C CE2 . PHE A 1 62  ? -16.405 7.268   -4.081  1.00 27.81 ? 59  PHE A CE2 1 
ATOM   488  C CZ  . PHE A 1 62  ? -17.005 6.087   -3.706  1.00 25.54 ? 59  PHE A CZ  1 
ATOM   489  N N   . PRO A 1 63  ? -12.576 3.313   -6.195  1.00 14.34 ? 60  PRO A N   1 
ATOM   490  C CA  . PRO A 1 63  ? -12.562 2.068   -5.413  1.00 14.13 ? 60  PRO A CA  1 
ATOM   491  C C   . PRO A 1 63  ? -11.316 1.898   -4.550  1.00 11.94 ? 60  PRO A C   1 
ATOM   492  O O   . PRO A 1 63  ? -11.412 1.405   -3.417  1.00 14.52 ? 60  PRO A O   1 
ATOM   493  C CB  . PRO A 1 63  ? -12.726 0.970   -6.477  1.00 20.33 ? 60  PRO A CB  1 
ATOM   494  C CG  . PRO A 1 63  ? -12.372 1.622   -7.758  1.00 22.91 ? 60  PRO A CG  1 
ATOM   495  C CD  . PRO A 1 63  ? -12.739 3.053   -7.640  1.00 17.57 ? 60  PRO A CD  1 
ATOM   496  N N   . GLY A 1 64  ? -10.142 2.308   -5.046  1.00 11.44 ? 61  GLY A N   1 
ATOM   497  C CA  . GLY A 1 64  ? -8.940  2.251   -4.218  1.00 11.77 ? 61  GLY A CA  1 
ATOM   498  C C   . GLY A 1 64  ? -9.026  3.176   -3.015  1.00 10.89 ? 61  GLY A C   1 
ATOM   499  O O   . GLY A 1 64  ? -8.655  2.806   -1.896  1.00 12.41 ? 61  GLY A O   1 
ATOM   500  N N   . GLU A 1 65  ? -9.558  4.381   -3.221  1.00 11.11 ? 62  GLU A N   1 
ATOM   501  C CA  . GLU A 1 65  ? -9.701  5.312   -2.112  1.00 11.28 ? 62  GLU A CA  1 
ATOM   502  C C   . GLU A 1 65  ? -10.763 4.854   -1.128  1.00 11.84 ? 62  GLU A C   1 
ATOM   503  O O   . GLU A 1 65  ? -10.644 5.126   0.073   1.00 12.23 ? 62  GLU A O   1 
ATOM   504  C CB  . GLU A 1 65  ? -9.967  6.720   -2.642  1.00 15.89 ? 62  GLU A CB  1 
ATOM   505  C CG  . GLU A 1 65  ? -8.755  7.299   -3.355  1.00 21.28 ? 62  GLU A CG  1 
ATOM   506  C CD  . GLU A 1 65  ? -7.454  7.036   -2.599  1.00 35.69 ? 62  GLU A CD  1 
ATOM   507  O OE1 . GLU A 1 65  ? -7.090  7.873   -1.751  1.00 43.19 ? 62  GLU A OE1 1 
ATOM   508  O OE2 . GLU A 1 65  ? -6.787  6.009   -2.863  1.00 39.24 ? 62  GLU A OE2 1 
ATOM   509  N N   . LYS A 1 66  ? -11.783 4.136   -1.594  1.00 11.72 ? 63  LYS A N   1 
ATOM   510  C CA  . LYS A 1 66  ? -12.772 3.598   -0.676  1.00 10.69 ? 63  LYS A CA  1 
ATOM   511  C C   . LYS A 1 66  ? -12.155 2.557   0.253   1.00 11.95 ? 63  LYS A C   1 
ATOM   512  O O   . LYS A 1 66  ? -12.454 2.535   1.451   1.00 11.96 ? 63  LYS A O   1 
ATOM   513  C CB  . LYS A 1 66  ? -13.970 3.058   -1.463  1.00 13.87 ? 63  LYS A CB  1 
ATOM   514  C CG  . LYS A 1 66  ? -15.023 2.383   -0.621  1.00 16.72 ? 63  LYS A CG  1 
ATOM   515  C CD  . LYS A 1 66  ? -15.703 3.346   0.336   1.00 31.36 ? 63  LYS A CD  1 
ATOM   516  C CE  . LYS A 1 66  ? -16.857 2.659   1.055   1.00 39.98 ? 63  LYS A CE  1 
ATOM   517  N NZ  . LYS A 1 66  ? -17.565 3.577   1.981   1.00 34.57 ? 63  LYS A NZ  1 
ATOM   518  N N   . ILE A 1 67  ? -11.290 1.686   -0.275  1.00 11.20 ? 64  ILE A N   1 
ATOM   519  C CA  . ILE A 1 67  ? -10.560 0.762   0.591   1.00 10.74 ? 64  ILE A CA  1 
ATOM   520  C C   . ILE A 1 67  ? -9.749  1.536   1.619   1.00 10.35 ? 64  ILE A C   1 
ATOM   521  O O   . ILE A 1 67  ? -9.783  1.241   2.821   1.00 10.87 ? 64  ILE A O   1 
ATOM   522  C CB  . ILE A 1 67  ? -9.662  -0.172  -0.238  1.00 12.09 ? 64  ILE A CB  1 
ATOM   523  C CG1 . ILE A 1 67  ? -10.487 -1.038  -1.187  1.00 13.28 ? 64  ILE A CG1 1 
ATOM   524  C CG2 . ILE A 1 67  ? -8.819  -1.033  0.694   1.00 14.02 ? 64  ILE A CG2 1 
ATOM   525  C CD1 . ILE A 1 67  ? -9.607  -1.774  -2.208  1.00 13.84 ? 64  ILE A CD1 1 
ATOM   526  N N   . ARG A 1 68  ? -9.014  2.544   1.154   1.00 10.34 ? 65  ARG A N   1 
ATOM   527  C CA  . ARG A 1 68  ? -8.167  3.323   2.043   1.00 11.97 ? 65  ARG A CA  1 
ATOM   528  C C   . ARG A 1 68  ? -8.976  3.928   3.191   1.00 10.84 ? 65  ARG A C   1 
ATOM   529  O O   . ARG A 1 68  ? -8.576  3.832   4.359   1.00 12.18 ? 65  ARG A O   1 
ATOM   530  C CB  . ARG A 1 68  ? -7.438  4.402   1.237   1.00 12.39 ? 65  ARG A CB  1 
ATOM   531  C CG  . ARG A 1 68  ? -6.533  5.290   2.069   1.00 11.77 ? 65  ARG A CG  1 
ATOM   532  C CD  . ARG A 1 68  ? -5.881  6.392   1.248   1.00 11.07 ? 65  ARG A CD  1 
ATOM   533  N NE  . ARG A 1 68  ? -5.090  5.908   0.111   1.00 11.26 ? 65  ARG A NE  1 
ATOM   534  C CZ  . ARG A 1 68  ? -3.863  5.401   0.208   1.00 9.72  ? 65  ARG A CZ  1 
ATOM   535  N NH1 . ARG A 1 68  ? -3.278  5.257   1.388   1.00 10.98 ? 65  ARG A NH1 1 
ATOM   536  N NH2 . ARG A 1 68  ? -3.233  5.005   -0.885  1.00 12.24 ? 65  ARG A NH2 1 
ATOM   537  N N   . ARG A 1 69  ? -10.114 4.563   2.884   1.00 11.82 ? 66  ARG A N   1 
ATOM   538  C CA  . ARG A 1 69  ? -10.924 5.205   3.920   1.00 11.99 ? 66  ARG A CA  1 
ATOM   539  C C   . ARG A 1 69  ? -11.555 4.180   4.850   1.00 12.23 ? 66  ARG A C   1 
ATOM   540  O O   . ARG A 1 69  ? -11.744 4.449   6.045   1.00 13.40 ? 66  ARG A O   1 
ATOM   541  C CB  . ARG A 1 69  ? -12.037 6.030   3.266   1.00 16.78 ? 66  ARG A CB  1 
ATOM   542  C CG  . ARG A 1 69  ? -11.582 7.285   2.556   1.00 21.10 ? 66  ARG A CG  1 
ATOM   543  C CD  . ARG A 1 69  ? -12.775 8.226   2.322   1.00 23.77 ? 66  ARG A CD  1 
ATOM   544  N NE  . ARG A 1 69  ? -13.836 7.599   1.532   1.00 30.97 ? 66  ARG A NE  1 
ATOM   545  C CZ  . ARG A 1 69  ? -13.770 7.428   0.216   1.00 20.35 ? 66  ARG A CZ  1 
ATOM   546  N NH1 . ARG A 1 69  ? -12.690 7.832   -0.440  1.00 26.04 ? 66  ARG A NH1 1 
ATOM   547  N NH2 . ARG A 1 69  ? -14.773 6.854   -0.450  1.00 21.49 ? 66  ARG A NH2 1 
ATOM   548  N N   . THR A 1 70  ? -11.900 3.007   4.319   1.00 11.92 ? 67  THR A N   1 
ATOM   549  C CA  . THR A 1 70  ? -12.496 1.955   5.136   1.00 12.43 ? 67  THR A CA  1 
ATOM   550  C C   . THR A 1 70  ? -11.509 1.457   6.180   1.00 12.56 ? 67  THR A C   1 
ATOM   551  O O   . THR A 1 70  ? -11.850 1.317   7.362   1.00 15.33 ? 67  THR A O   1 
ATOM   552  C CB  . THR A 1 70  ? -12.941 0.802   4.234   1.00 15.30 ? 67  THR A CB  1 
ATOM   553  O OG1 . THR A 1 70  ? -13.968 1.260   3.346   1.00 16.23 ? 67  THR A OG1 1 
ATOM   554  C CG2 . THR A 1 70  ? -13.473 -0.363  5.050   1.00 19.85 ? 67  THR A CG2 1 
ATOM   555  N N   . ILE A 1 71  ? -10.273 1.183   5.759   1.00 10.99 ? 68  ILE A N   1 
ATOM   556  C CA  . ILE A 1 71  ? -9.267  0.698   6.701   1.00 13.78 ? 68  ILE A CA  1 
ATOM   557  C C   . ILE A 1 71  ? -8.895  1.787   7.697   1.00 13.09 ? 68  ILE A C   1 
ATOM   558  O O   . ILE A 1 71  ? -8.742  1.519   8.896   1.00 14.50 ? 68  ILE A O   1 
ATOM   559  C CB  . ILE A 1 71  ? -8.030  0.136   5.978   1.00 12.62 ? 68  ILE A CB  1 
ATOM   560  C CG1 . ILE A 1 71  ? -8.428  -0.979  5.006   1.00 14.54 ? 68  ILE A CG1 1 
ATOM   561  C CG2 . ILE A 1 71  ? -7.024  -0.368  7.013   1.00 14.11 ? 68  ILE A CG2 1 
ATOM   562  C CD1 . ILE A 1 71  ? -9.150  -2.149  5.660   1.00 19.85 ? 68  ILE A CD1 1 
ATOM   563  N N   . ALA A 1 72  ? -8.727  3.025   7.221   1.00 12.20 ? 69  ALA A N   1 
ATOM   564  C CA  . ALA A 1 72  ? -8.320  4.109   8.110   1.00 12.72 ? 69  ALA A CA  1 
ATOM   565  C C   . ALA A 1 72  ? -9.328  4.318   9.230   1.00 13.41 ? 69  ALA A C   1 
ATOM   566  O O   . ALA A 1 72  ? -8.945  4.622   10.369  1.00 15.57 ? 69  ALA A O   1 
ATOM   567  C CB  . ALA A 1 72  ? -8.139  5.402   7.321   1.00 14.69 ? 69  ALA A CB  1 
ATOM   568  N N   . GLU A 1 73  ? -10.620 4.161   8.928   1.00 12.17 ? 70  GLU A N   1 
ATOM   569  C CA  . GLU A 1 73  ? -11.649 4.340   9.944   1.00 13.76 ? 70  GLU A CA  1 
ATOM   570  C C   . GLU A 1 73  ? -11.637 3.198   10.951  1.00 14.67 ? 70  GLU A C   1 
ATOM   571  O O   . GLU A 1 73  ? -11.852 3.415   12.147  1.00 17.19 ? 70  GLU A O   1 
ATOM   572  C CB  . GLU A 1 73  ? -13.017 4.439   9.277   1.00 16.79 ? 70  GLU A CB  1 
ATOM   573  C CG  . GLU A 1 73  ? -14.129 4.772   10.258  1.00 20.26 ? 70  GLU A CG  1 
ATOM   574  C CD  . GLU A 1 73  ? -15.515 4.610   9.674   1.00 25.01 ? 70  GLU A CD  1 
ATOM   575  O OE1 . GLU A 1 73  ? -15.635 4.526   8.437   1.00 20.74 ? 70  GLU A OE1 1 
ATOM   576  O OE2 . GLU A 1 73  ? -16.486 4.565   10.458  1.00 25.71 ? 70  GLU A OE2 1 
ATOM   577  N N   A GLN A 1 74  ? -11.364 1.980   10.497  0.59 12.50 ? 71  GLN A N   1 
ATOM   578  N N   B GLN A 1 74  ? -11.378 1.976   10.481  0.41 12.57 ? 71  GLN A N   1 
ATOM   579  C CA  A GLN A 1 74  ? -11.453 0.822   11.370  0.59 15.35 ? 71  GLN A CA  1 
ATOM   580  C CA  B GLN A 1 74  ? -11.431 0.801   11.342  0.41 15.34 ? 71  GLN A CA  1 
ATOM   581  C C   A GLN A 1 74  ? -10.155 0.505   12.097  0.59 14.62 ? 71  GLN A C   1 
ATOM   582  C C   B GLN A 1 74  ? -10.179 0.658   12.194  0.41 14.96 ? 71  GLN A C   1 
ATOM   583  O O   A GLN A 1 74  ? -10.180 -0.287  13.047  0.59 15.05 ? 71  GLN A O   1 
ATOM   584  O O   B GLN A 1 74  ? -10.255 0.154   13.322  0.41 14.26 ? 71  GLN A O   1 
ATOM   585  C CB  A GLN A 1 74  ? -11.925 -0.400  10.587  0.59 17.29 ? 71  GLN A CB  1 
ATOM   586  C CB  B GLN A 1 74  ? -11.599 -0.452  10.483  0.41 16.16 ? 71  GLN A CB  1 
ATOM   587  C CG  A GLN A 1 74  ? -13.300 -0.208  9.981   0.59 16.95 ? 71  GLN A CG  1 
ATOM   588  C CG  B GLN A 1 74  ? -12.950 -0.559  9.807   0.41 17.97 ? 71  GLN A CG  1 
ATOM   589  C CD  A GLN A 1 74  ? -13.771 -1.427  9.230   0.59 18.41 ? 71  GLN A CD  1 
ATOM   590  C CD  B GLN A 1 74  ? -14.037 -0.968  10.773  0.41 18.19 ? 71  GLN A CD  1 
ATOM   591  O OE1 A GLN A 1 74  ? -13.760 -1.452  8.002   0.59 20.29 ? 71  GLN A OE1 1 
ATOM   592  O OE1 B GLN A 1 74  ? -13.778 -1.647  11.768  0.41 20.74 ? 71  GLN A OE1 1 
ATOM   593  N NE2 A GLN A 1 74  ? -14.199 -2.445  9.962   0.59 20.73 ? 71  GLN A NE2 1 
ATOM   594  N NE2 B GLN A 1 74  ? -15.262 -0.554  10.490  0.41 19.01 ? 71  GLN A NE2 1 
ATOM   595  N N   . VAL A 1 75  ? -9.033  1.093   11.683  1.00 13.10 ? 72  VAL A N   1 
ATOM   596  C CA  . VAL A 1 75  ? -7.736  0.855   12.316  1.00 13.23 ? 72  VAL A CA  1 
ATOM   597  C C   . VAL A 1 75  ? -7.031  2.193   12.458  1.00 12.35 ? 72  VAL A C   1 
ATOM   598  O O   . VAL A 1 75  ? -6.313  2.625   11.546  1.00 13.74 ? 72  VAL A O   1 
ATOM   599  C CB  . VAL A 1 75  ? -6.877  -0.135  11.509  1.00 12.56 ? 72  VAL A CB  1 
ATOM   600  C CG1 . VAL A 1 75  ? -5.600  -0.457  12.281  1.00 15.27 ? 72  VAL A CG1 1 
ATOM   601  C CG2 . VAL A 1 75  ? -7.651  -1.414  11.209  1.00 15.28 ? 72  VAL A CG2 1 
ATOM   602  N N   . PRO A 1 76  ? -7.219  2.889   13.571  1.00 13.46 ? 73  PRO A N   1 
ATOM   603  C CA  . PRO A 1 76  ? -6.569  4.190   13.741  1.00 14.58 ? 73  PRO A CA  1 
ATOM   604  C C   . PRO A 1 76  ? -5.052  4.081   13.720  1.00 13.46 ? 73  PRO A C   1 
ATOM   605  O O   . PRO A 1 76  ? -4.466  3.118   14.223  1.00 14.87 ? 73  PRO A O   1 
ATOM   606  C CB  . PRO A 1 76  ? -7.083  4.664   15.106  1.00 15.98 ? 73  PRO A CB  1 
ATOM   607  C CG  . PRO A 1 76  ? -8.351  3.910   15.317  1.00 21.55 ? 73  PRO A CG  1 
ATOM   608  C CD  . PRO A 1 76  ? -8.117  2.566   14.687  1.00 20.44 ? 73  PRO A CD  1 
ATOM   609  N N   . GLY A 1 77  ? -4.423  5.083   13.134  1.00 11.79 ? 74  GLY A N   1 
ATOM   610  C CA  . GLY A 1 77  ? -2.987  5.206   13.168  1.00 13.67 ? 74  GLY A CA  1 
ATOM   611  C C   . GLY A 1 77  ? -2.257  4.523   12.038  1.00 12.25 ? 74  GLY A C   1 
ATOM   612  O O   . GLY A 1 77  ? -1.031  4.413   12.105  1.00 14.45 ? 74  GLY A O   1 
ATOM   613  N N   . CYS A 1 78  ? -2.961  4.061   11.009  1.00 11.42 ? 75  CYS A N   1 
ATOM   614  C CA  . CYS A 1 78  ? -2.280  3.545   9.834   1.00 11.02 ? 75  CYS A CA  1 
ATOM   615  C C   . CYS A 1 78  ? -1.632  4.694   9.084   1.00 11.75 ? 75  CYS A C   1 
ATOM   616  O O   . CYS A 1 78  ? -2.108  5.833   9.115   1.00 14.84 ? 75  CYS A O   1 
ATOM   617  C CB  . CYS A 1 78  ? -3.290  2.901   8.898   1.00 12.39 ? 75  CYS A CB  1 
ATOM   618  S SG  . CYS A 1 78  ? -3.937  1.344   9.480   1.00 14.23 ? 75  CYS A SG  1 
ATOM   619  N N   . LYS A 1 79  ? -0.532  4.400   8.420   1.00 11.60 ? 76  LYS A N   1 
ATOM   620  C CA  . LYS A 1 79  ? 0.095   5.348   7.520   1.00 12.03 ? 76  LYS A CA  1 
ATOM   621  C C   . LYS A 1 79  ? -0.431  5.127   6.110   1.00 10.61 ? 76  LYS A C   1 
ATOM   622  O O   . LYS A 1 79  ? -1.063  4.109   5.813   1.00 11.24 ? 76  LYS A O   1 
ATOM   623  C CB  . LYS A 1 79  ? 1.612   5.216   7.588   1.00 13.00 ? 76  LYS A CB  1 
ATOM   624  C CG  . LYS A 1 79  ? 2.134   5.379   9.016   1.00 20.42 ? 76  LYS A CG  1 
ATOM   625  C CD  . LYS A 1 79  ? 3.639   5.477   9.077   1.00 34.56 ? 76  LYS A CD  1 
ATOM   626  C CE  . LYS A 1 79  ? 4.220   4.389   9.959   1.00 34.74 ? 76  LYS A CE  1 
ATOM   627  N NZ  . LYS A 1 79  ? 5.702   4.433   9.988   1.00 29.23 ? 76  LYS A NZ  1 
ATOM   628  N N   . HIS A 1 80  ? -0.156  6.089   5.234   1.00 10.00 ? 77  HIS A N   1 
ATOM   629  C CA  . HIS A 1 80  ? -0.742  6.111   3.898   1.00 9.55  ? 77  HIS A CA  1 
ATOM   630  C C   . HIS A 1 80  ? 0.327   6.460   2.885   1.00 10.28 ? 77  HIS A C   1 
ATOM   631  O O   . HIS A 1 80  ? 0.958   7.517   2.998   1.00 12.81 ? 77  HIS A O   1 
ATOM   632  C CB  . HIS A 1 80  ? -1.850  7.155   3.842   1.00 10.63 ? 77  HIS A CB  1 
ATOM   633  C CG  . HIS A 1 80  ? -3.033  6.802   4.672   1.00 10.34 ? 77  HIS A CG  1 
ATOM   634  N ND1 . HIS A 1 80  ? -4.057  6.027   4.181   1.00 11.09 ? 77  HIS A ND1 1 
ATOM   635  C CD2 . HIS A 1 80  ? -3.337  7.076   5.962   1.00 12.39 ? 77  HIS A CD2 1 
ATOM   636  C CE1 . HIS A 1 80  ? -4.960  5.859   5.131   1.00 12.08 ? 77  HIS A CE1 1 
ATOM   637  N NE2 . HIS A 1 80  ? -4.546  6.480   6.221   1.00 13.76 ? 77  HIS A NE2 1 
ATOM   638  N N   . ALA A 1 81  ? 0.506   5.597   1.890   1.00 9.34  ? 78  ALA A N   1 
ATOM   639  C CA  . ALA A 1 81  ? 1.431   5.839   0.792   1.00 9.42  ? 78  ALA A CA  1 
ATOM   640  C C   . ALA A 1 81  ? 0.644   6.090   -0.477  1.00 9.80  ? 78  ALA A C   1 
ATOM   641  O O   . ALA A 1 81  ? -0.392  5.459   -0.703  1.00 10.31 ? 78  ALA A O   1 
ATOM   642  C CB  . ALA A 1 81  ? 2.364   4.648   0.579   1.00 10.72 ? 78  ALA A CB  1 
ATOM   643  N N   . PHE A 1 82  ? 1.167   6.992   -1.304  1.00 10.27 ? 79  PHE A N   1 
ATOM   644  C CA  . PHE A 1 82  ? 0.557   7.388   -2.562  1.00 10.82 ? 79  PHE A CA  1 
ATOM   645  C C   . PHE A 1 82  ? 1.610   7.390   -3.660  1.00 11.12 ? 79  PHE A C   1 
ATOM   646  O O   . PHE A 1 82  ? 2.757   7.785   -3.431  1.00 12.27 ? 79  PHE A O   1 
ATOM   647  C CB  . PHE A 1 82  ? -0.013  8.819   -2.411  1.00 11.21 ? 79  PHE A CB  1 
ATOM   648  C CG  . PHE A 1 82  ? -1.057  8.937   -1.339  1.00 10.22 ? 79  PHE A CG  1 
ATOM   649  C CD1 . PHE A 1 82  ? -2.374  8.670   -1.637  1.00 11.94 ? 79  PHE A CD1 1 
ATOM   650  C CD2 . PHE A 1 82  ? -0.723  9.270   -0.038  1.00 11.26 ? 79  PHE A CD2 1 
ATOM   651  C CE1 . PHE A 1 82  ? -3.339  8.747   -0.655  1.00 15.62 ? 79  PHE A CE1 1 
ATOM   652  C CE2 . PHE A 1 82  ? -1.697  9.340   0.937   1.00 13.37 ? 79  PHE A CE2 1 
ATOM   653  C CZ  . PHE A 1 82  ? -2.984  9.070   0.618   1.00 15.23 ? 79  PHE A CZ  1 
ATOM   654  N N   . LEU A 1 83  ? 1.219   6.970   -4.858  1.00 14.07 ? 80  LEU A N   1 
ATOM   655  C CA  . LEU A 1 83  ? 2.125   7.106   -5.985  1.00 13.43 ? 80  LEU A CA  1 
ATOM   656  C C   . LEU A 1 83  ? 2.474   8.582   -6.208  1.00 14.49 ? 80  LEU A C   1 
ATOM   657  O O   . LEU A 1 83  ? 1.643   9.472   -5.976  1.00 15.61 ? 80  LEU A O   1 
ATOM   658  C CB  . LEU A 1 83  ? 1.461   6.552   -7.237  1.00 17.66 ? 80  LEU A CB  1 
ATOM   659  C CG  . LEU A 1 83  ? 1.361   5.028   -7.276  1.00 17.82 ? 80  LEU A CG  1 
ATOM   660  C CD1 . LEU A 1 83  ? 0.588   4.594   -8.520  1.00 22.92 ? 80  LEU A CD1 1 
ATOM   661  C CD2 . LEU A 1 83  ? 2.732   4.364   -7.251  1.00 19.78 ? 80  LEU A CD2 1 
ATOM   662  N N   . PRO A 1 84  ? 3.697   8.874   -6.655  1.00 16.25 ? 81  PRO A N   1 
ATOM   663  C CA  . PRO A 1 84  ? 4.019   10.246  -7.062  1.00 17.60 ? 81  PRO A CA  1 
ATOM   664  C C   . PRO A 1 84  ? 3.081   10.712  -8.166  1.00 19.33 ? 81  PRO A C   1 
ATOM   665  O O   . PRO A 1 84  ? 2.506   9.909   -8.906  1.00 20.25 ? 81  PRO A O   1 
ATOM   666  C CB  . PRO A 1 84  ? 5.460   10.138  -7.577  1.00 19.71 ? 81  PRO A CB  1 
ATOM   667  C CG  . PRO A 1 84  ? 6.016   8.922   -6.905  1.00 22.07 ? 81  PRO A CG  1 
ATOM   668  C CD  . PRO A 1 84  ? 4.854   7.969   -6.786  1.00 16.86 ? 81  PRO A CD  1 
ATOM   669  N N   . ARG A 1 85  ? 2.949   12.041  -8.272  1.00 19.18 ? 82  ARG A N   1 
ATOM   670  C CA  . ARG A 1 85  ? 1.969   12.646  -9.176  1.00 21.19 ? 82  ARG A CA  1 
ATOM   671  C C   . ARG A 1 85  ? 2.076   12.099  -10.594 1.00 27.57 ? 82  ARG A C   1 
ATOM   672  O O   . ARG A 1 85  ? 1.066   11.741  -11.211 1.00 26.33 ? 82  ARG A O   1 
ATOM   673  C CB  . ARG A 1 85  ? 2.136   14.164  -9.197  1.00 26.63 ? 82  ARG A CB  1 
ATOM   674  C CG  . ARG A 1 85  ? 1.594   14.864  -7.973  1.00 26.08 ? 82  ARG A CG  1 
ATOM   675  C CD  . ARG A 1 85  ? 2.146   16.273  -7.886  1.00 33.93 ? 82  ARG A CD  1 
ATOM   676  N NE  . ARG A 1 85  ? 3.598   16.266  -7.742  1.00 35.99 ? 82  ARG A NE  1 
ATOM   677  C CZ  . ARG A 1 85  ? 4.380   17.315  -7.979  1.00 34.30 ? 82  ARG A CZ  1 
ATOM   678  N NH1 . ARG A 1 85  ? 3.853   18.468  -8.369  1.00 34.76 ? 82  ARG A NH1 1 
ATOM   679  N NH2 . ARG A 1 85  ? 5.691   17.206  -7.828  1.00 33.17 ? 82  ARG A NH2 1 
ATOM   680  N N   . GLU A 1 86  ? 3.293   12.043  -11.141 1.00 20.06 ? 83  GLU A N   1 
ATOM   681  C CA  . GLU A 1 86  ? 3.427   11.608  -12.527 1.00 25.23 ? 83  GLU A CA  1 
ATOM   682  C C   . GLU A 1 86  ? 3.004   10.156  -12.696 1.00 26.05 ? 83  GLU A C   1 
ATOM   683  O O   . GLU A 1 86  ? 2.283   9.822   -13.644 1.00 26.86 ? 83  GLU A O   1 
ATOM   684  C CB  . GLU A 1 86  ? 4.851   11.832  -13.035 1.00 27.34 ? 83  GLU A CB  1 
ATOM   685  C CG  . GLU A 1 86  ? 5.047   11.431  -14.495 1.00 30.60 ? 83  GLU A CG  1 
ATOM   686  C CD  . GLU A 1 86  ? 4.450   12.436  -15.470 1.00 48.69 ? 83  GLU A CD  1 
ATOM   687  O OE1 . GLU A 1 86  ? 4.055   13.540  -15.033 1.00 49.07 ? 83  GLU A OE1 1 
ATOM   688  O OE2 . GLU A 1 86  ? 4.364   12.115  -16.676 1.00 52.49 ? 83  GLU A OE2 1 
ATOM   689  N N   . ALA A 1 87  ? 3.416   9.283   -11.771 1.00 21.98 ? 84  ALA A N   1 
ATOM   690  C CA  . ALA A 1 87  ? 3.072   7.869   -11.880 1.00 18.21 ? 84  ALA A CA  1 
ATOM   691  C C   . ALA A 1 87  ? 1.573   7.629   -11.729 1.00 22.22 ? 84  ALA A C   1 
ATOM   692  O O   . ALA A 1 87  ? 1.039   6.678   -12.308 1.00 23.36 ? 84  ALA A O   1 
ATOM   693  C CB  . ALA A 1 87  ? 3.848   7.057   -10.842 1.00 22.71 ? 84  ALA A CB  1 
ATOM   694  N N   . ALA A 1 88  ? 0.882   8.477   -10.969 1.00 20.44 ? 85  ALA A N   1 
ATOM   695  C CA  . ALA A 1 88  ? -0.548  8.321   -10.728 1.00 21.26 ? 85  ALA A CA  1 
ATOM   696  C C   . ALA A 1 88  ? -1.407  8.691   -11.930 1.00 21.86 ? 85  ALA A C   1 
ATOM   697  O O   . ALA A 1 88  ? -2.612  8.416   -11.915 1.00 26.49 ? 85  ALA A O   1 
ATOM   698  C CB  . ALA A 1 88  ? -0.964  9.157   -9.513  1.00 23.30 ? 85  ALA A CB  1 
ATOM   699  N N   . LYS A 1 89  ? -0.833  9.306   -12.960 1.00 21.82 ? 86  LYS A N   1 
ATOM   700  C CA  . LYS A 1 89  ? -1.626  9.731   -14.105 1.00 22.77 ? 86  LYS A CA  1 
ATOM   701  C C   . LYS A 1 89  ? -2.041  8.533   -14.949 1.00 21.66 ? 86  LYS A C   1 
ATOM   702  O O   . LYS A 1 89  ? -1.304  7.553   -15.092 1.00 23.01 ? 86  LYS A O   1 
ATOM   703  C CB  . LYS A 1 89  ? -0.836  10.725  -14.959 1.00 22.75 ? 86  LYS A CB  1 
ATOM   704  C CG  . LYS A 1 89  ? -0.237  11.858  -14.149 1.00 30.29 ? 86  LYS A CG  1 
ATOM   705  C CD  . LYS A 1 89  ? 0.145   13.055  -14.990 1.00 27.19 ? 86  LYS A CD  1 
ATOM   706  C CE  . LYS A 1 89  ? 0.451   14.242  -14.091 1.00 40.69 ? 86  LYS A CE  1 
ATOM   707  N NZ  . LYS A 1 89  ? 0.834   15.454  -14.859 1.00 49.10 ? 86  LYS A NZ  1 
ATOM   708  N N   . ALA A 1 90  ? -3.246  8.621   -15.513 1.00 22.60 ? 87  ALA A N   1 
ATOM   709  C CA  . ALA A 1 90  ? -3.747  7.549   -16.358 1.00 20.40 ? 87  ALA A CA  1 
ATOM   710  C C   . ALA A 1 90  ? -3.032  7.486   -17.699 1.00 33.38 ? 87  ALA A C   1 
ATOM   711  O O   . ALA A 1 90  ? -3.054  6.435   -18.347 1.00 41.24 ? 87  ALA A O   1 
ATOM   712  C CB  . ALA A 1 90  ? -5.251  7.702   -16.577 1.00 27.78 ? 87  ALA A CB  1 
ATOM   713  N N   . ARG A 1 91  ? -2.398  8.574   -18.128 1.00 26.54 ? 88  ARG A N   1 
ATOM   714  C CA  . ARG A 1 91  ? -1.726  8.610   -19.418 1.00 33.41 ? 88  ARG A CA  1 
ATOM   715  C C   . ARG A 1 91  ? -0.217  8.438   -19.315 1.00 34.47 ? 88  ARG A C   1 
ATOM   716  O O   . ARG A 1 91  ? 0.469   8.484   -20.340 1.00 35.98 ? 88  ARG A O   1 
ATOM   717  C CB  . ARG A 1 91  ? -2.073  9.891   -20.170 1.00 38.37 ? 88  ARG A CB  1 
ATOM   718  C CG  . ARG A 1 91  ? -3.342  9.775   -20.979 1.00 44.40 ? 88  ARG A CG  1 
ATOM   719  C CD  . ARG A 1 91  ? -4.455  10.610  -20.381 1.00 36.73 ? 88  ARG A CD  1 
ATOM   720  N NE  . ARG A 1 91  ? -5.364  11.079  -21.417 1.00 42.54 ? 88  ARG A NE  1 
ATOM   721  C CZ  . ARG A 1 91  ? -6.532  11.661  -21.178 1.00 33.85 ? 88  ARG A CZ  1 
ATOM   722  N NH1 . ARG A 1 91  ? -7.288  12.050  -22.195 1.00 30.69 ? 88  ARG A NH1 1 
ATOM   723  N NH2 . ARG A 1 91  ? -6.939  11.844  -19.925 1.00 28.08 ? 88  ARG A NH2 1 
ATOM   724  N N   . SER A 1 92  ? 0.316   8.228   -18.113 1.00 31.34 ? 89  SER A N   1 
ATOM   725  C CA  . SER A 1 92  ? 1.730   7.935   -17.924 1.00 31.78 ? 89  SER A CA  1 
ATOM   726  C C   . SER A 1 92  ? 1.897   6.454   -17.618 1.00 33.44 ? 89  SER A C   1 
ATOM   727  O O   . SER A 1 92  ? 1.095   5.865   -16.883 1.00 26.28 ? 89  SER A O   1 
ATOM   728  C CB  . SER A 1 92  ? 2.299   8.764   -16.771 1.00 36.93 ? 89  SER A CB  1 
ATOM   729  O OG  . SER A 1 92  ? 1.976   8.179   -15.520 1.00 28.18 ? 89  SER A OG  1 
ATOM   730  N N   . GLY A 1 93  ? 2.933   5.857   -18.198 1.00 30.95 ? 90  GLY A N   1 
ATOM   731  C CA  . GLY A 1 93  ? 3.179   4.442   -17.986 1.00 34.08 ? 90  GLY A CA  1 
ATOM   732  C C   . GLY A 1 93  ? 2.021   3.604   -18.487 1.00 34.08 ? 90  GLY A C   1 
ATOM   733  O O   . GLY A 1 93  ? 1.477   3.835   -19.571 1.00 29.70 ? 90  GLY A O   1 
ATOM   734  N N   . LYS A 1 94  ? 1.630   2.615   -17.684 1.00 29.10 ? 91  LYS A N   1 
ATOM   735  C CA  . LYS A 1 94  ? 0.552   1.698   -18.032 1.00 32.81 ? 91  LYS A CA  1 
ATOM   736  C C   . LYS A 1 94  ? -0.778  2.079   -17.391 1.00 35.24 ? 91  LYS A C   1 
ATOM   737  O O   . LYS A 1 94  ? -1.799  1.449   -17.691 1.00 37.56 ? 91  LYS A O   1 
ATOM   738  C CB  . LYS A 1 94  ? 0.960   0.245   -17.677 1.00 34.06 ? 91  LYS A CB  1 
ATOM   739  C CG  . LYS A 1 94  ? -0.015  -0.825  -18.161 1.00 37.56 ? 91  LYS A CG  1 
ATOM   740  C CD  . LYS A 1 94  ? 0.659   -2.142  -18.484 1.00 46.31 ? 91  LYS A CD  1 
ATOM   741  C CE  . LYS A 1 94  ? -0.202  -2.953  -19.446 1.00 43.52 ? 91  LYS A CE  1 
ATOM   742  N NZ  . LYS A 1 94  ? -0.886  -4.081  -18.753 1.00 44.38 ? 91  LYS A NZ  1 
ATOM   743  N N   . GLY A 1 95  ? -0.798  3.085   -16.540 1.00 31.24 ? 92  GLY A N   1 
ATOM   744  C CA  . GLY A 1 95  ? -2.031  3.530   -15.943 1.00 31.74 ? 92  GLY A CA  1 
ATOM   745  C C   . GLY A 1 95  ? -1.790  4.060   -14.552 1.00 23.54 ? 92  GLY A C   1 
ATOM   746  O O   . GLY A 1 95  ? -0.666  4.393   -14.184 1.00 23.91 ? 92  GLY A O   1 
ATOM   747  N N   . ILE A 1 96  ? -2.877  4.123   -13.780 1.00 21.91 ? 93  ILE A N   1 
ATOM   748  C CA  . ILE A 1 96  ? -2.821  4.684   -12.438 1.00 22.36 ? 93  ILE A CA  1 
ATOM   749  C C   . ILE A 1 96  ? -2.470  3.666   -11.357 1.00 19.13 ? 93  ILE A C   1 
ATOM   750  O O   . ILE A 1 96  ? -2.079  4.067   -10.255 1.00 20.19 ? 93  ILE A O   1 
ATOM   751  C CB  . ILE A 1 96  ? -4.162  5.338   -12.063 1.00 22.70 ? 93  ILE A CB  1 
ATOM   752  C CG1 . ILE A 1 96  ? -5.212  4.262   -11.786 1.00 24.06 ? 93  ILE A CG1 1 
ATOM   753  C CG2 . ILE A 1 96  ? -4.640  6.273   -13.157 1.00 25.71 ? 93  ILE A CG2 1 
ATOM   754  C CD1 . ILE A 1 96  ? -6.479  4.792   -11.174 1.00 24.66 ? 93  ILE A CD1 1 
ATOM   755  N N   . GLY A 1 97  ? -2.597  2.368   -11.634 1.00 19.59 ? 94  GLY A N   1 
ATOM   756  C CA  . GLY A 1 97  ? -2.646  1.390   -10.563 1.00 20.61 ? 94  GLY A CA  1 
ATOM   757  C C   . GLY A 1 97  ? -1.299  1.074   -9.937  1.00 17.56 ? 94  GLY A C   1 
ATOM   758  O O   . GLY A 1 97  ? -0.254  1.080   -10.587 1.00 16.98 ? 94  GLY A O   1 
ATOM   759  N N   . VAL A 1 98  ? -1.349  0.758   -8.639  1.00 15.11 ? 95  VAL A N   1 
ATOM   760  C CA  . VAL A 1 98  ? -0.192  0.212   -7.929  1.00 16.55 ? 95  VAL A CA  1 
ATOM   761  C C   . VAL A 1 98  ? 0.365   -1.006  -8.658  1.00 16.32 ? 95  VAL A C   1 
ATOM   762  O O   . VAL A 1 98  ? 1.590   -1.182  -8.770  1.00 14.69 ? 95  VAL A O   1 
ATOM   763  C CB  . VAL A 1 98  ? -0.582  -0.142  -6.481  1.00 15.68 ? 95  VAL A CB  1 
ATOM   764  C CG1 . VAL A 1 98  ? 0.568   -0.848  -5.770  1.00 19.07 ? 95  VAL A CG1 1 
ATOM   765  C CG2 . VAL A 1 98  ? -1.029  1.099   -5.719  1.00 16.75 ? 95  VAL A CG2 1 
ATOM   766  N N   A GLU A 1 99  ? -0.525  -1.869  -9.161  0.54 13.77 ? 96  GLU A N   1 
ATOM   767  N N   B GLU A 1 99  ? -0.522  -1.866  -9.169  0.46 13.80 ? 96  GLU A N   1 
ATOM   768  C CA  A GLU A 1 99  ? -0.086  -3.100  -9.810  0.54 15.05 ? 96  GLU A CA  1 
ATOM   769  C CA  B GLU A 1 99  ? -0.083  -3.105  -9.801  0.46 15.05 ? 96  GLU A CA  1 
ATOM   770  C C   A GLU A 1 99  ? 0.804   -2.829  -11.015 0.54 14.65 ? 96  GLU A C   1 
ATOM   771  C C   B GLU A 1 99  ? 0.713   -2.867  -11.077 0.46 14.64 ? 96  GLU A C   1 
ATOM   772  O O   A GLU A 1 99  ? 1.629   -3.677  -11.378 0.54 15.27 ? 96  GLU A O   1 
ATOM   773  O O   B GLU A 1 99  ? 1.373   -3.794  -11.562 0.46 16.38 ? 96  GLU A O   1 
ATOM   774  C CB  A GLU A 1 99  ? -1.305  -3.934  -10.210 0.54 17.72 ? 96  GLU A CB  1 
ATOM   775  C CB  B GLU A 1 99  ? -1.285  -4.008  -10.075 0.46 17.80 ? 96  GLU A CB  1 
ATOM   776  C CG  A GLU A 1 99  ? -2.269  -3.223  -11.136 0.54 19.07 ? 96  GLU A CG  1 
ATOM   777  C CG  B GLU A 1 99  ? -2.099  -3.612  -11.288 0.46 19.35 ? 96  GLU A CG  1 
ATOM   778  C CD  A GLU A 1 99  ? -3.670  -3.805  -11.075 0.54 20.23 ? 96  GLU A CD  1 
ATOM   779  C CD  B GLU A 1 99  ? -3.051  -4.708  -11.726 0.46 22.75 ? 96  GLU A CD  1 
ATOM   780  O OE1 A GLU A 1 99  ? -4.586  -3.210  -11.678 0.54 19.11 ? 96  GLU A OE1 1 
ATOM   781  O OE1 B GLU A 1 99  ? -2.676  -5.503  -12.611 0.46 26.21 ? 96  GLU A OE1 1 
ATOM   782  O OE2 A GLU A 1 99  ? -3.857  -4.858  -10.431 0.54 21.10 ? 96  GLU A OE2 1 
ATOM   783  O OE2 B GLU A 1 99  ? -4.169  -4.780  -11.175 0.46 27.30 ? 96  GLU A OE2 1 
ATOM   784  N N   . HIS A 1 100 ? 0.673   -1.655  -11.630 1.00 15.86 ? 97  HIS A N   1 
ATOM   785  C CA  . HIS A 1 100 ? 1.446   -1.311  -12.815 1.00 15.27 ? 97  HIS A CA  1 
ATOM   786  C C   . HIS A 1 100 ? 2.627   -0.395  -12.528 1.00 17.64 ? 97  HIS A C   1 
ATOM   787  O O   . HIS A 1 100 ? 3.327   0.002   -13.464 1.00 17.42 ? 97  HIS A O   1 
ATOM   788  C CB  . HIS A 1 100 ? 0.542   -0.696  -13.893 1.00 21.06 ? 97  HIS A CB  1 
ATOM   789  C CG  . HIS A 1 100 ? -0.554  -1.608  -14.357 1.00 21.41 ? 97  HIS A CG  1 
ATOM   790  N ND1 . HIS A 1 100 ? -0.312  -2.859  -14.882 1.00 28.97 ? 97  HIS A ND1 1 
ATOM   791  C CD2 . HIS A 1 100 ? -1.899  -1.447  -14.376 1.00 26.12 ? 97  HIS A CD2 1 
ATOM   792  C CE1 . HIS A 1 100 ? -1.459  -3.431  -15.204 1.00 26.59 ? 97  HIS A CE1 1 
ATOM   793  N NE2 . HIS A 1 100 ? -2.437  -2.596  -14.905 1.00 29.97 ? 97  HIS A NE2 1 
ATOM   794  N N   . ALA A 1 101 ? 2.874   -0.054  -11.269 1.00 13.55 ? 98  ALA A N   1 
ATOM   795  C CA  . ALA A 1 101 ? 3.911   0.913   -10.939 1.00 13.25 ? 98  ALA A CA  1 
ATOM   796  C C   . ALA A 1 101 ? 5.312   0.302   -11.017 1.00 12.39 ? 98  ALA A C   1 
ATOM   797  O O   . ALA A 1 101 ? 5.521   -0.866  -10.683 1.00 14.60 ? 98  ALA A O   1 
ATOM   798  C CB  . ALA A 1 101 ? 3.648   1.498   -9.549  1.00 14.46 ? 98  ALA A CB  1 
ATOM   799  N N   . SER A 1 102 ? 6.265   1.112   -11.457 1.00 14.04 ? 99  SER A N   1 
ATOM   800  C CA  . SER A 1 102 ? 7.652   0.686   -11.541 1.00 13.12 ? 99  SER A CA  1 
ATOM   801  C C   . SER A 1 102 ? 8.260   0.582   -10.140 1.00 13.51 ? 99  SER A C   1 
ATOM   802  O O   . SER A 1 102 ? 7.753   1.186   -9.182  1.00 12.63 ? 99  SER A O   1 
ATOM   803  C CB  . SER A 1 102 ? 8.452   1.694   -12.358 1.00 15.12 ? 99  SER A CB  1 
ATOM   804  O OG  . SER A 1 102 ? 8.689   2.869   -11.624 1.00 19.86 ? 99  SER A OG  1 
ATOM   805  N N   . PRO A 1 103 ? 9.360   -0.167  -9.993  1.00 11.87 ? 100 PRO A N   1 
ATOM   806  C CA  . PRO A 1 103 ? 9.941   -0.340  -8.648  1.00 12.89 ? 100 PRO A CA  1 
ATOM   807  C C   . PRO A 1 103 ? 10.338  0.960   -7.989  1.00 12.38 ? 100 PRO A C   1 
ATOM   808  O O   . PRO A 1 103 ? 10.138  1.128   -6.774  1.00 13.06 ? 100 PRO A O   1 
ATOM   809  C CB  . PRO A 1 103 ? 11.154  -1.246  -8.899  1.00 14.03 ? 100 PRO A CB  1 
ATOM   810  C CG  . PRO A 1 103 ? 10.817  -1.984  -10.152 1.00 15.95 ? 100 PRO A CG  1 
ATOM   811  C CD  . PRO A 1 103 ? 9.968   -1.078  -10.987 1.00 13.32 ? 100 PRO A CD  1 
ATOM   812  N N   . ASP A 1 104 ? 10.899  1.894   -8.752  1.00 12.96 ? 101 ASP A N   1 
ATOM   813  C CA  . ASP A 1 104 ? 11.293  3.158   -8.144  1.00 13.72 ? 101 ASP A CA  1 
ATOM   814  C C   . ASP A 1 104 ? 10.086  4.009   -7.754  1.00 13.13 ? 101 ASP A C   1 
ATOM   815  O O   . ASP A 1 104 ? 10.139  4.719   -6.748  1.00 13.84 ? 101 ASP A O   1 
ATOM   816  C CB  . ASP A 1 104 ? 12.304  3.909   -9.012  1.00 17.06 ? 101 ASP A CB  1 
ATOM   817  C CG  . ASP A 1 104 ? 11.957  3.885   -10.483 1.00 26.70 ? 101 ASP A CG  1 
ATOM   818  O OD1 . ASP A 1 104 ? 11.659  2.798   -11.045 1.00 30.68 ? 101 ASP A OD1 1 
ATOM   819  O OD2 . ASP A 1 104 ? 11.966  4.984   -11.076 1.00 40.91 ? 101 ASP A OD2 1 
ATOM   820  N N   . ASP A 1 105 ? 8.983   3.938   -8.504  1.00 13.26 ? 102 ASP A N   1 
ATOM   821  C CA  . ASP A 1 105 ? 7.791   4.689   -8.109  1.00 12.88 ? 102 ASP A CA  1 
ATOM   822  C C   . ASP A 1 105 ? 7.160   4.113   -6.849  1.00 11.75 ? 102 ASP A C   1 
ATOM   823  O O   . ASP A 1 105 ? 6.673   4.868   -5.995  1.00 12.10 ? 102 ASP A O   1 
ATOM   824  C CB  . ASP A 1 105 ? 6.799   4.762   -9.261  1.00 15.34 ? 102 ASP A CB  1 
ATOM   825  C CG  . ASP A 1 105 ? 7.244   5.734   -10.333 1.00 20.15 ? 102 ASP A CG  1 
ATOM   826  O OD1 . ASP A 1 105 ? 7.832   6.779   -9.987  1.00 28.28 ? 102 ASP A OD1 1 
ATOM   827  O OD2 . ASP A 1 105 ? 7.022   5.452   -11.519 1.00 22.86 ? 102 ASP A OD2 1 
ATOM   828  N N   A ILE A 1 106 ? 7.181   2.792   -6.692  0.57 12.09 ? 103 ILE A N   1 
ATOM   829  N N   B ILE A 1 106 ? 7.155   2.785   -6.716  0.43 12.08 ? 103 ILE A N   1 
ATOM   830  C CA  A ILE A 1 106 ? 6.695   2.205   -5.448  0.57 11.94 ? 103 ILE A CA  1 
ATOM   831  C CA  B ILE A 1 106 ? 6.725   2.154   -5.471  0.43 11.93 ? 103 ILE A CA  1 
ATOM   832  C C   A ILE A 1 106 ? 7.601   2.590   -4.284  0.57 10.81 ? 103 ILE A C   1 
ATOM   833  C C   B ILE A 1 106 ? 7.597   2.626   -4.315  0.43 10.83 ? 103 ILE A C   1 
ATOM   834  O O   A ILE A 1 106 ? 7.124   2.914   -3.188  0.57 11.39 ? 103 ILE A O   1 
ATOM   835  O O   B ILE A 1 106 ? 7.099   3.032   -3.258  0.43 11.39 ? 103 ILE A O   1 
ATOM   836  C CB  A ILE A 1 106 ? 6.536   0.684   -5.597  0.57 11.00 ? 103 ILE A CB  1 
ATOM   837  C CB  B ILE A 1 106 ? 6.758   0.622   -5.604  0.43 11.03 ? 103 ILE A CB  1 
ATOM   838  C CG1 A ILE A 1 106 ? 5.310   0.388   -6.463  0.57 13.88 ? 103 ILE A CG1 1 
ATOM   839  C CG1 B ILE A 1 106 ? 5.748   0.147   -6.653  0.43 14.91 ? 103 ILE A CG1 1 
ATOM   840  C CG2 A ILE A 1 106 ? 6.433   0.012   -4.233  0.57 13.64 ? 103 ILE A CG2 1 
ATOM   841  C CG2 B ILE A 1 106 ? 6.521   -0.040  -4.249  0.43 13.60 ? 103 ILE A CG2 1 
ATOM   842  C CD1 A ILE A 1 106 ? 5.113   -1.068  -6.771  0.57 15.95 ? 103 ILE A CD1 1 
ATOM   843  C CD1 B ILE A 1 106 ? 4.313   0.189   -6.190  0.43 14.60 ? 103 ILE A CD1 1 
ATOM   844  N N   . ARG A 1 107 ? 8.920   2.570   -4.499  1.00 10.67 ? 104 ARG A N   1 
ATOM   845  C CA  . ARG A 1 107 ? 9.831   2.964   -3.430  1.00 10.87 ? 104 ARG A CA  1 
ATOM   846  C C   . ARG A 1 107 ? 9.655   4.430   -3.041  1.00 12.10 ? 104 ARG A C   1 
ATOM   847  O O   . ARG A 1 107 ? 9.762   4.780   -1.856  1.00 10.96 ? 104 ARG A O   1 
ATOM   848  C CB  . ARG A 1 107 ? 11.277  2.654   -3.809  1.00 10.66 ? 104 ARG A CB  1 
ATOM   849  C CG  . ARG A 1 107 ? 11.591  1.177   -3.722  1.00 11.48 ? 104 ARG A CG  1 
ATOM   850  C CD  . ARG A 1 107 ? 13.068  0.886   -3.949  1.00 12.71 ? 104 ARG A CD  1 
ATOM   851  N NE  . ARG A 1 107 ? 13.492  1.184   -5.314  1.00 12.41 ? 104 ARG A NE  1 
ATOM   852  C CZ  . ARG A 1 107 ? 13.617  0.274   -6.276  1.00 11.12 ? 104 ARG A CZ  1 
ATOM   853  N NH1 . ARG A 1 107 ? 14.029  0.653   -7.470  1.00 12.10 ? 104 ARG A NH1 1 
ATOM   854  N NH2 . ARG A 1 107 ? 13.313  -0.992  -6.043  1.00 10.74 ? 104 ARG A NH2 1 
ATOM   855  N N   A GLN A 1 108 ? 9.403   5.305   -4.020  0.56 11.09 ? 105 GLN A N   1 
ATOM   856  N N   B GLN A 1 108 ? 9.395   5.306   -4.015  0.44 11.11 ? 105 GLN A N   1 
ATOM   857  C CA  A GLN A 1 108 ? 9.177   6.712   -3.698  0.56 11.20 ? 105 GLN A CA  1 
ATOM   858  C CA  B GLN A 1 108 ? 9.182   6.711   -3.679  0.44 11.21 ? 105 GLN A CA  1 
ATOM   859  C C   A GLN A 1 108 ? 7.909   6.882   -2.871  0.56 11.06 ? 105 GLN A C   1 
ATOM   860  C C   B GLN A 1 108 ? 7.903   6.892   -2.872  0.44 11.09 ? 105 GLN A C   1 
ATOM   861  O O   A GLN A 1 108 ? 7.891   7.645   -1.894  0.56 12.15 ? 105 GLN A O   1 
ATOM   862  O O   B GLN A 1 108 ? 7.873   7.672   -1.910  0.44 12.15 ? 105 GLN A O   1 
ATOM   863  C CB  A GLN A 1 108 ? 9.091   7.547   -4.976  0.56 15.33 ? 105 GLN A CB  1 
ATOM   864  C CB  B GLN A 1 108 ? 9.149   7.570   -4.943  0.44 15.35 ? 105 GLN A CB  1 
ATOM   865  C CG  A GLN A 1 108 ? 10.411  7.760   -5.708  0.56 14.87 ? 105 GLN A CG  1 
ATOM   866  C CG  B GLN A 1 108 ? 10.112  8.768   -4.933  0.44 22.32 ? 105 GLN A CG  1 
ATOM   867  C CD  A GLN A 1 108 ? 11.473  8.446   -4.875  0.56 21.54 ? 105 GLN A CD  1 
ATOM   868  C CD  B GLN A 1 108 ? 9.790   9.819   -3.874  0.44 26.39 ? 105 GLN A CD  1 
ATOM   869  O OE1 A GLN A 1 108 ? 11.187  9.361   -4.107  0.56 18.73 ? 105 GLN A OE1 1 
ATOM   870  O OE1 B GLN A 1 108 ? 9.105   10.812  -4.149  0.44 23.70 ? 105 GLN A OE1 1 
ATOM   871  N NE2 A GLN A 1 108 ? 12.717  8.004   -5.032  0.56 30.41 ? 105 GLN A NE2 1 
ATOM   872  N NE2 B GLN A 1 108 ? 10.314  9.624   -2.667  0.44 19.02 ? 105 GLN A NE2 1 
ATOM   873  N N   . ALA A 1 109 ? 6.834   6.187   -3.258  1.00 10.35 ? 106 ALA A N   1 
ATOM   874  C CA  . ALA A 1 109 ? 5.586   6.234   -2.504  1.00 10.97 ? 106 ALA A CA  1 
ATOM   875  C C   . ALA A 1 109 ? 5.815   5.832   -1.054  1.00 10.14 ? 106 ALA A C   1 
ATOM   876  O O   . ALA A 1 109 ? 5.365   6.509   -0.126  1.00 10.62 ? 106 ALA A O   1 
ATOM   877  C CB  . ALA A 1 109 ? 4.563   5.306   -3.156  1.00 11.99 ? 106 ALA A CB  1 
ATOM   878  N N   . LEU A 1 110 ? 6.561   4.756   -0.833  1.00 9.87  ? 107 LEU A N   1 
ATOM   879  C CA  . LEU A 1 110 ? 6.797   4.283   0.522   1.00 10.99 ? 107 LEU A CA  1 
ATOM   880  C C   . LEU A 1 110 ? 7.762   5.197   1.267   1.00 11.99 ? 107 LEU A C   1 
ATOM   881  O O   . LEU A 1 110 ? 7.571   5.467   2.461   1.00 12.10 ? 107 LEU A O   1 
ATOM   882  C CB  . LEU A 1 110 ? 7.320   2.845   0.460   1.00 11.53 ? 107 LEU A CB  1 
ATOM   883  C CG  . LEU A 1 110 ? 6.317   1.845   -0.113  1.00 11.49 ? 107 LEU A CG  1 
ATOM   884  C CD1 . LEU A 1 110 ? 7.003   0.497   -0.371  1.00 13.08 ? 107 LEU A CD1 1 
ATOM   885  C CD2 . LEU A 1 110 ? 5.108   1.673   0.811   1.00 15.60 ? 107 LEU A CD2 1 
ATOM   886  N N   . ALA A 1 111 ? 8.792   5.705   0.584   1.00 11.04 ? 108 ALA A N   1 
ATOM   887  C CA  . ALA A 1 111 ? 9.740   6.594   1.250   1.00 11.72 ? 108 ALA A CA  1 
ATOM   888  C C   . ALA A 1 111 ? 9.053   7.856   1.744   1.00 10.78 ? 108 ALA A C   1 
ATOM   889  O O   . ALA A 1 111 ? 9.449   8.426   2.772   1.00 12.33 ? 108 ALA A O   1 
ATOM   890  C CB  . ALA A 1 111 ? 10.877  6.969   0.299   1.00 15.09 ? 108 ALA A CB  1 
ATOM   891  N N   . ASN A 1 112 ? 8.016   8.304   1.038   1.00 10.73 ? 109 ASN A N   1 
ATOM   892  C CA  . ASN A 1 112 ? 7.364   9.554   1.394   1.00 11.99 ? 109 ASN A CA  1 
ATOM   893  C C   . ASN A 1 112 ? 6.458   9.436   2.614   1.00 9.81  ? 109 ASN A C   1 
ATOM   894  O O   . ASN A 1 112 ? 5.914   10.455  3.064   1.00 12.47 ? 109 ASN A O   1 
ATOM   895  C CB  . ASN A 1 112 ? 6.598   10.115  0.194   1.00 12.61 ? 109 ASN A CB  1 
ATOM   896  C CG  . ASN A 1 112 ? 7.517   10.593  -0.905  1.00 14.41 ? 109 ASN A CG  1 
ATOM   897  O OD1 . ASN A 1 112 ? 8.694   10.883  -0.649  1.00 18.03 ? 109 ASN A OD1 1 
ATOM   898  N ND2 . ASN A 1 112 ? 6.990   10.716  -2.120  1.00 15.51 ? 109 ASN A ND2 1 
ATOM   899  N N   . VAL A 1 113 ? 6.281   8.240   3.174   1.00 10.92 ? 110 VAL A N   1 
ATOM   900  C CA  . VAL A 1 113 ? 5.557   8.096   4.428   1.00 11.87 ? 110 VAL A CA  1 
ATOM   901  C C   . VAL A 1 113 ? 6.394   8.556   5.613   1.00 14.36 ? 110 VAL A C   1 
ATOM   902  O O   . VAL A 1 113 ? 5.842   8.922   6.661   1.00 15.95 ? 110 VAL A O   1 
ATOM   903  C CB  . VAL A 1 113 ? 5.118   6.630   4.580   1.00 15.35 ? 110 VAL A CB  1 
ATOM   904  C CG1 . VAL A 1 113 ? 4.474   6.389   5.909   1.00 20.38 ? 110 VAL A CG1 1 
ATOM   905  C CG2 . VAL A 1 113 ? 4.177   6.236   3.465   1.00 15.94 ? 110 VAL A CG2 1 
ATOM   906  N N   . TYR A 1 114 ? 7.714   8.583   5.469   1.00 12.58 ? 111 TYR A N   1 
ATOM   907  C CA  . TYR A 1 114 ? 8.625   8.838   6.577   1.00 15.76 ? 111 TYR A CA  1 
ATOM   908  C C   . TYR A 1 114 ? 9.074   10.291  6.574   1.00 13.18 ? 111 TYR A C   1 
ATOM   909  O O   . TYR A 1 114 ? 9.334   10.878  5.523   1.00 16.03 ? 111 TYR A O   1 
ATOM   910  C CB  . TYR A 1 114 ? 9.845   7.913   6.506   1.00 13.70 ? 111 TYR A CB  1 
ATOM   911  C CG  . TYR A 1 114 ? 9.498   6.449   6.409   1.00 15.01 ? 111 TYR A CG  1 
ATOM   912  C CD1 . TYR A 1 114 ? 8.986   5.761   7.503   1.00 22.08 ? 111 TYR A CD1 1 
ATOM   913  C CD2 . TYR A 1 114 ? 9.681   5.751   5.224   1.00 16.59 ? 111 TYR A CD2 1 
ATOM   914  C CE1 . TYR A 1 114 ? 8.663   4.415   7.412   1.00 24.17 ? 111 TYR A CE1 1 
ATOM   915  C CE2 . TYR A 1 114 ? 9.354   4.415   5.122   1.00 20.35 ? 111 TYR A CE2 1 
ATOM   916  C CZ  . TYR A 1 114 ? 8.854   3.748   6.223   1.00 19.57 ? 111 TYR A CZ  1 
ATOM   917  O OH  . TYR A 1 114 ? 8.538   2.413   6.109   1.00 22.27 ? 111 TYR A OH  1 
ATOM   918  N N   . GLU A 1 115 ? 9.188   10.861  7.776   1.00 18.35 ? 112 GLU A N   1 
ATOM   919  C CA  . GLU A 1 115 ? 9.578   12.262  7.894   1.00 17.92 ? 112 GLU A CA  1 
ATOM   920  C C   . GLU A 1 115 ? 10.990  12.496  7.374   1.00 23.10 ? 112 GLU A C   1 
ATOM   921  O O   . GLU A 1 115 ? 11.270  13.535  6.763   1.00 23.19 ? 112 GLU A O   1 
ATOM   922  C CB  . GLU A 1 115 ? 9.486   12.713  9.351   1.00 21.41 ? 112 GLU A CB  1 
ATOM   923  C CG  . GLU A 1 115 ? 8.075   12.900  9.889   1.00 22.15 ? 112 GLU A CG  1 
ATOM   924  C CD  . GLU A 1 115 ? 7.477   11.632  10.477  1.00 21.06 ? 112 GLU A CD  1 
ATOM   925  O OE1 . GLU A 1 115 ? 7.989   10.527  10.192  1.00 23.35 ? 112 GLU A OE1 1 
ATOM   926  O OE2 . GLU A 1 115 ? 6.496   11.749  11.248  1.00 24.77 ? 112 GLU A OE2 1 
ATOM   927  N N   . GLU A 1 116 ? 11.894  11.550  7.615   1.00 21.35 ? 113 GLU A N   1 
ATOM   928  C CA  . GLU A 1 116 ? 13.294  11.699  7.233   1.00 24.66 ? 113 GLU A CA  1 
ATOM   929  C C   . GLU A 1 116 ? 13.921  10.327  7.010   1.00 25.00 ? 113 GLU A C   1 
ATOM   930  O O   . GLU A 1 116 ? 14.954  10.210  6.347   1.00 22.71 ? 113 GLU A O   1 
ATOM   931  C CB  . GLU A 1 116 ? 14.067  12.455  8.319   1.00 30.86 ? 113 GLU A CB  1 
ATOM   932  C CG  . GLU A 1 116 ? 14.113  11.723  9.655   1.00 35.78 ? 113 GLU A CG  1 
ATOM   933  C CD  . GLU A 1 116 ? 14.773  12.534  10.757  1.00 38.32 ? 113 GLU A CD  1 
ATOM   934  O OE1 . GLU A 1 116 ? 15.038  13.737  10.542  1.00 31.76 ? 113 GLU A OE1 1 
ATOM   935  O OE2 . GLU A 1 116 ? 15.024  11.961  11.841  1.00 31.99 ? 113 GLU A OE2 1 
HETATM 936  O O   . HOH B 2 .   ? 0.703   6.340   -14.653 1.00 17.09 ? 201 HOH A O   1 
HETATM 937  O O   . HOH B 2 .   ? 7.786   -14.141 -2.617  1.00 36.09 ? 202 HOH A O   1 
HETATM 938  O O   . HOH B 2 .   ? 11.311  -7.900  -2.943  1.00 18.20 ? 203 HOH A O   1 
HETATM 939  O O   . HOH B 2 .   ? 7.945   -7.789  17.797  1.00 27.68 ? 204 HOH A O   1 
HETATM 940  O O   . HOH B 2 .   ? -0.775  5.302   -18.296 1.00 45.12 ? 205 HOH A O   1 
HETATM 941  O O   . HOH B 2 .   ? 9.131   -9.499  0.523   1.00 35.77 ? 206 HOH A O   1 
HETATM 942  O O   . HOH B 2 .   ? -15.441 -4.924  -0.985  1.00 35.50 ? 207 HOH A O   1 
HETATM 943  O O   . HOH B 2 .   ? 12.746  5.640   -5.659  1.00 28.76 ? 208 HOH A O   1 
HETATM 944  O O   . HOH B 2 .   ? -5.041  -7.178  -11.742 1.00 29.07 ? 209 HOH A O   1 
HETATM 945  O O   . HOH B 2 .   ? -10.379 -13.435 6.808   1.00 39.80 ? 210 HOH A O   1 
HETATM 946  O O   . HOH B 2 .   ? -2.065  -11.510 7.330   1.00 31.82 ? 211 HOH A O   1 
HETATM 947  O O   . HOH B 2 .   ? -17.654 -0.795  11.443  1.00 27.08 ? 212 HOH A O   1 
HETATM 948  O O   . HOH B 2 .   ? -13.097 6.926   -2.828  1.00 24.41 ? 213 HOH A O   1 
HETATM 949  O O   . HOH B 2 .   ? -5.802  -10.930 3.871   1.00 18.18 ? 214 HOH A O   1 
HETATM 950  O O   . HOH B 2 .   ? 5.409   13.957  12.052  1.00 26.58 ? 215 HOH A O   1 
HETATM 951  O O   . HOH B 2 .   ? -3.569  7.915   9.687   1.00 26.13 ? 216 HOH A O   1 
HETATM 952  O O   . HOH B 2 .   ? 1.014   15.566  -17.470 1.00 49.77 ? 217 HOH A O   1 
HETATM 953  O O   . HOH B 2 .   ? 5.351   3.656   -12.467 1.00 23.92 ? 218 HOH A O   1 
HETATM 954  O O   . HOH B 2 .   ? 1.454   -11.438 -5.734  1.00 21.70 ? 219 HOH A O   1 
HETATM 955  O O   . HOH B 2 .   ? -6.354  -15.376 8.575   1.00 29.30 ? 220 HOH A O   1 
HETATM 956  O O   . HOH B 2 .   ? -12.783 -1.108  14.181  1.00 28.56 ? 221 HOH A O   1 
HETATM 957  O O   . HOH B 2 .   ? -6.893  -2.348  -8.126  1.00 24.14 ? 222 HOH A O   1 
HETATM 958  O O   . HOH B 2 .   ? -8.593  -8.719  -5.139  1.00 21.22 ? 223 HOH A O   1 
HETATM 959  O O   . HOH B 2 .   ? -13.070 -7.978  0.688   1.00 28.32 ? 224 HOH A O   1 
HETATM 960  O O   . HOH B 2 .   ? -5.139  -0.620  -11.286 1.00 21.78 ? 225 HOH A O   1 
HETATM 961  O O   . HOH B 2 .   ? 6.870   -5.331  5.679   1.00 14.40 ? 226 HOH A O   1 
HETATM 962  O O   . HOH B 2 .   ? 0.970   2.654   -12.384 1.00 26.50 ? 227 HOH A O   1 
HETATM 963  O O   . HOH B 2 .   ? -14.983 -3.486  6.744   1.00 37.31 ? 228 HOH A O   1 
HETATM 964  O O   . HOH B 2 .   ? -10.005 -0.903  -6.630  1.00 23.52 ? 229 HOH A O   1 
HETATM 965  O O   . HOH B 2 .   ? -10.004 -3.901  -8.576  1.00 27.39 ? 230 HOH A O   1 
HETATM 966  O O   . HOH B 2 .   ? 2.064   1.439   15.833  1.00 28.68 ? 231 HOH A O   1 
HETATM 967  O O   . HOH B 2 .   ? 1.239   -3.968  21.635  1.00 45.49 ? 232 HOH A O   1 
HETATM 968  O O   . HOH B 2 .   ? 2.631   2.630   -15.167 1.00 32.53 ? 233 HOH A O   1 
HETATM 969  O O   . HOH B 2 .   ? 3.536   -11.099 3.451   1.00 19.29 ? 234 HOH A O   1 
HETATM 970  O O   . HOH B 2 .   ? -3.388  -1.869  -8.504  1.00 17.90 ? 235 HOH A O   1 
HETATM 971  O O   . HOH B 2 .   ? 14.597  -2.785  -3.019  1.00 15.14 ? 236 HOH A O   1 
HETATM 972  O O   . HOH B 2 .   ? 9.337   8.598   -8.602  1.00 36.72 ? 237 HOH A O   1 
HETATM 973  O O   . HOH B 2 .   ? -3.943  6.237   -3.774  1.00 27.21 ? 238 HOH A O   1 
HETATM 974  O O   . HOH B 2 .   ? -12.012 2.532   -11.078 1.00 22.73 ? 239 HOH A O   1 
HETATM 975  O O   . HOH B 2 .   ? 9.085   2.680   10.837  1.00 21.50 ? 240 HOH A O   1 
HETATM 976  O O   . HOH B 2 .   ? 1.642   -6.601  -10.736 1.00 22.63 ? 241 HOH A O   1 
HETATM 977  O O   . HOH B 2 .   ? -5.643  -11.374 -3.877  1.00 14.86 ? 242 HOH A O   1 
HETATM 978  O O   . HOH B 2 .   ? 3.257   9.583   7.366   1.00 23.40 ? 243 HOH A O   1 
HETATM 979  O O   . HOH B 2 .   ? -16.547 5.924   12.869  1.00 26.93 ? 244 HOH A O   1 
HETATM 980  O O   . HOH B 2 .   ? 2.324   9.767   2.130   1.00 20.17 ? 245 HOH A O   1 
HETATM 981  O O   . HOH B 2 .   ? -5.680  -12.642 -0.852  1.00 16.21 ? 246 HOH A O   1 
HETATM 982  O O   . HOH B 2 .   ? 3.426   8.513   -0.210  1.00 11.82 ? 247 HOH A O   1 
HETATM 983  O O   . HOH B 2 .   ? 4.416   -3.189  -11.772 1.00 21.22 ? 248 HOH A O   1 
HETATM 984  O O   . HOH B 2 .   ? -3.546  -1.786  -3.566  1.00 14.37 ? 249 HOH A O   1 
HETATM 985  O O   . HOH B 2 .   ? -7.348  -12.350 12.751  1.00 37.59 ? 250 HOH A O   1 
HETATM 986  O O   . HOH B 2 .   ? 10.431  0.542   7.018   1.00 20.89 ? 251 HOH A O   1 
HETATM 987  O O   . HOH B 2 .   ? -0.860  1.323   17.688  1.00 31.00 ? 252 HOH A O   1 
HETATM 988  O O   . HOH B 2 .   ? -0.975  -9.314  11.407  1.00 27.64 ? 253 HOH A O   1 
HETATM 989  O O   . HOH B 2 .   ? -18.725 5.285   8.896   1.00 22.82 ? 254 HOH A O   1 
HETATM 990  O O   . HOH B 2 .   ? -11.917 7.090   7.030   1.00 16.84 ? 255 HOH A O   1 
HETATM 991  O O   . HOH B 2 .   ? -5.631  8.731   -4.023  1.00 33.17 ? 256 HOH A O   1 
HETATM 992  O O   . HOH B 2 .   ? -1.500  6.182   -5.112  1.00 26.17 ? 257 HOH A O   1 
HETATM 993  O O   . HOH B 2 .   ? 4.132   10.066  -2.423  1.00 16.92 ? 258 HOH A O   1 
HETATM 994  O O   . HOH B 2 .   ? -1.333  -11.526 4.269   1.00 14.62 ? 259 HOH A O   1 
HETATM 995  O O   . HOH B 2 .   ? -10.485 -9.403  3.193   1.00 26.11 ? 260 HOH A O   1 
HETATM 996  O O   . HOH B 2 .   ? 12.121  -5.691  -10.154 1.00 14.00 ? 261 HOH A O   1 
HETATM 997  O O   . HOH B 2 .   ? 6.410   -3.932  18.717  1.00 27.36 ? 262 HOH A O   1 
HETATM 998  O O   . HOH B 2 .   ? -12.558 -10.149 4.630   1.00 24.47 ? 263 HOH A O   1 
HETATM 999  O O   . HOH B 2 .   ? 6.228   7.972   9.331   1.00 36.22 ? 264 HOH A O   1 
HETATM 1000 O O   . HOH B 2 .   ? 0.753   8.536   6.406   1.00 18.87 ? 265 HOH A O   1 
HETATM 1001 O O   . HOH B 2 .   ? -5.603  5.042   10.144  1.00 17.13 ? 266 HOH A O   1 
HETATM 1002 O O   . HOH B 2 .   ? 7.291   -2.660  -9.177  1.00 14.84 ? 267 HOH A O   1 
HETATM 1003 O O   . HOH B 2 .   ? 0.990   2.410   11.594  1.00 13.68 ? 268 HOH A O   1 
HETATM 1004 O O   . HOH B 2 .   ? 7.891   -4.035  -11.546 1.00 15.00 ? 269 HOH A O   1 
HETATM 1005 O O   . HOH B 2 .   ? -6.243  -0.467  -4.777  1.00 19.19 ? 270 HOH A O   1 
HETATM 1006 O O   . HOH B 2 .   ? -11.884 -6.941  14.332  1.00 29.31 ? 271 HOH A O   1 
HETATM 1007 O O   . HOH B 2 .   ? 12.671  1.470   5.022   1.00 32.00 ? 272 HOH A O   1 
HETATM 1008 O O   . HOH B 2 .   ? 6.760   -10.183 -7.189  1.00 25.26 ? 273 HOH A O   1 
HETATM 1009 O O   . HOH B 2 .   ? -12.515 6.815   -10.001 1.00 22.31 ? 274 HOH A O   1 
HETATM 1010 O O   . HOH B 2 .   ? 5.774   -1.594  -13.962 1.00 39.55 ? 275 HOH A O   1 
HETATM 1011 O O   . HOH B 2 .   ? -9.942  -11.606 1.431   1.00 29.56 ? 276 HOH A O   1 
HETATM 1012 O O   . HOH B 2 .   ? 10.174  -9.638  -1.615  1.00 32.42 ? 277 HOH A O   1 
HETATM 1013 O O   . HOH B 2 .   ? -0.230  -7.285  17.879  1.00 36.74 ? 278 HOH A O   1 
HETATM 1014 O O   . HOH B 2 .   ? -11.889 -8.402  16.487  1.00 38.12 ? 279 HOH A O   1 
HETATM 1015 O O   . HOH B 2 .   ? -16.518 -0.379  3.545   1.00 34.65 ? 280 HOH A O   1 
HETATM 1016 O O   . HOH B 2 .   ? -5.696  -3.060  -14.580 1.00 31.68 ? 281 HOH A O   1 
HETATM 1017 O O   . HOH B 2 .   ? 4.817   3.290   12.800  1.00 28.59 ? 282 HOH A O   1 
HETATM 1018 O O   . HOH B 2 .   ? 13.091  -2.113  7.880   1.00 25.68 ? 283 HOH A O   1 
HETATM 1019 O O   . HOH B 2 .   ? 11.502  -9.367  -7.207  1.00 26.94 ? 284 HOH A O   1 
HETATM 1020 O O   . HOH B 2 .   ? 12.895  -6.186  -3.502  1.00 20.64 ? 285 HOH A O   1 
HETATM 1021 O O   . HOH B 2 .   ? -7.676  -0.494  15.470  1.00 47.30 ? 286 HOH A O   1 
HETATM 1022 O O   . HOH B 2 .   ? 9.557   -8.328  5.340   1.00 38.45 ? 287 HOH A O   1 
HETATM 1023 O O   . HOH B 2 .   ? -1.650  2.951   -20.804 1.00 37.24 ? 288 HOH A O   1 
HETATM 1024 O O   . HOH B 2 .   ? -5.113  0.986   -13.678 1.00 27.79 ? 289 HOH A O   1 
HETATM 1025 O O   . HOH B 2 .   ? 13.544  -7.897  -1.744  1.00 30.31 ? 290 HOH A O   1 
HETATM 1026 O O   . HOH B 2 .   ? 3.699   9.673   10.135  1.00 29.54 ? 291 HOH A O   1 
HETATM 1027 O O   . HOH B 2 .   ? 8.995   5.483   11.214  1.00 34.55 ? 292 HOH A O   1 
HETATM 1028 O O   . HOH B 2 .   ? 10.340  7.660   10.612  1.00 39.82 ? 293 HOH A O   1 
HETATM 1029 O O   . HOH B 2 .   ? -18.445 7.169   12.813  1.00 39.48 ? 294 HOH A O   1 
HETATM 1030 O O   . HOH B 2 .   ? 2.219   -8.573  12.893  1.00 39.05 ? 295 HOH A O   1 
HETATM 1031 O O   . HOH B 2 .   ? -11.050 -12.957 -3.191  1.00 40.55 ? 296 HOH A O   1 
HETATM 1032 O O   . HOH B 2 .   ? 7.924   -2.280  -13.793 1.00 23.27 ? 297 HOH A O   1 
HETATM 1033 O O   . HOH B 2 .   ? 11.298  1.541   9.414   1.00 22.85 ? 298 HOH A O   1 
# 
